data_6LD0
#
_entry.id   6LD0
#
_cell.length_a   92.914
_cell.length_b   105.395
_cell.length_c   162.293
_cell.angle_alpha   90.000
_cell.angle_beta   91.160
_cell.angle_gamma   90.000
#
_symmetry.space_group_name_H-M   'P 1 21 1'
#
loop_
_entity.id
_entity.type
_entity.pdbx_description
1 polymer 'LacZ1 Beta-galactosidase'
2 non-polymer '(2~{S},3~{S},4~{R},5~{R})-2-hexyl-4,5-bis(oxidanyl)piperidine-3-carboxylic acid'
3 water water
#
_entity_poly.entity_id   1
_entity_poly.type   'polypeptide(L)'
_entity_poly.pdbx_seq_one_letter_code
;NGMLYPQSNDSRIVFPLDGVWDFRTAGEDSYPAEWADAPLPEPLPMAVPGSYNDQNDELNLRAHYGWVVYQRSFAVPSRL
VAGQRMILRFDAATHAADVYLNGQLLGSHFGGFLPFEFDVTSALHAGENLLTVAVDNRIGSSTLPVGNDAGTAFMGSDNA
NVPAVAEAKKHARRQNLPNFDFFNFAGLNRHVELYTTPADAYIADIAITTERLDHIAGDACTAANALIAYDVTFGGDFPS
NPTDPNTPIQPSDPAINHADSSESAESDIQRATTYGRQVRISILDGEGTVVAGVTADIERSGDGTAKASGEIAIRDAKLW
NPGAAYLYTAVAELLPEGGAESSSRIIDAYRQTFGIRTVEVSGTTFLINGKPFYFKGFGKHEDSYFHGRGTDDVLNVKDV
SLIHWLHANSFRTSHYPYAESMYDLCDREGIVIIDEVPAVGMSWLQYANPLVAERHREAIRGMIARDKNHPCIVMWSIAN
EPGLDGDGERPRQAYDYFRPLYELAHASDPQNRPVTLVCCQNDYTTDITERTMDVVCINRYYGWYNLSGDLDAACHALNI
ELDFWENIGKPVMFTEYGADTIEGIHGTHGEMFSEEFQRDYYARINAEIDKRPWFIGEQLWNFADFATFQGIIRVEGNRK
GILTRDRQPKMAAHWLRERWAGIPDYGYKG
;
_entity_poly.pdbx_strand_id   A,B,C,D
#
# COMPACT_ATOMS: atom_id res chain seq x y z
N ASN A 1 -46.27 4.73 21.03
CA ASN A 1 -44.99 5.15 21.57
C ASN A 1 -43.99 3.99 21.52
N GLY A 2 -44.45 2.81 21.90
CA GLY A 2 -43.64 1.61 21.88
C GLY A 2 -43.29 1.15 20.48
N MET A 3 -42.09 0.63 20.31
CA MET A 3 -41.66 0.05 19.04
C MET A 3 -40.89 -1.25 19.30
N LEU A 4 -41.53 -2.17 20.01
CA LEU A 4 -40.91 -3.46 20.34
C LEU A 4 -40.46 -4.18 19.08
N TYR A 5 -39.31 -4.83 19.13
CA TYR A 5 -38.87 -5.52 17.92
C TYR A 5 -39.83 -6.68 17.67
N PRO A 6 -40.25 -6.83 16.40
CA PRO A 6 -41.20 -7.86 15.98
C PRO A 6 -40.73 -9.24 16.39
N GLN A 7 -41.67 -10.03 16.90
CA GLN A 7 -41.33 -11.30 17.51
C GLN A 7 -42.27 -12.39 17.00
N SER A 8 -41.75 -13.61 16.87
CA SER A 8 -42.57 -14.75 16.52
C SER A 8 -42.74 -15.64 17.73
N ASN A 9 -44.00 -15.98 18.01
CA ASN A 9 -44.35 -16.88 19.11
C ASN A 9 -45.71 -17.50 18.78
N ASP A 10 -46.41 -18.05 19.77
CA ASP A 10 -47.64 -18.77 19.43
C ASP A 10 -48.77 -17.81 19.04
N SER A 11 -48.64 -16.54 19.41
CA SER A 11 -49.65 -15.54 19.08
C SER A 11 -49.21 -14.56 17.99
N ARG A 12 -47.92 -14.59 17.64
CA ARG A 12 -47.37 -13.59 16.72
C ARG A 12 -46.46 -14.22 15.67
N ILE A 13 -46.50 -13.69 14.46
CA ILE A 13 -45.57 -14.14 13.43
C ILE A 13 -44.93 -12.96 12.70
N VAL A 14 -43.68 -13.15 12.29
CA VAL A 14 -42.94 -12.16 11.53
C VAL A 14 -42.67 -12.67 10.12
N PHE A 15 -42.97 -11.84 9.13
CA PHE A 15 -42.66 -12.17 7.75
C PHE A 15 -41.67 -11.16 7.19
N PRO A 16 -40.39 -11.56 7.13
CA PRO A 16 -39.31 -10.69 6.63
C PRO A 16 -39.51 -10.34 5.14
N LEU A 17 -39.21 -9.10 4.78
CA LEU A 17 -39.36 -8.66 3.40
C LEU A 17 -38.00 -8.28 2.80
N ASP A 18 -36.94 -8.66 3.50
CA ASP A 18 -35.58 -8.47 2.99
C ASP A 18 -35.35 -9.30 1.72
N GLY A 19 -34.38 -8.88 0.91
CA GLY A 19 -34.02 -9.60 -0.29
C GLY A 19 -33.59 -8.65 -1.39
N VAL A 20 -33.73 -9.08 -2.64
CA VAL A 20 -33.37 -8.23 -3.77
C VAL A 20 -34.61 -7.55 -4.35
N TRP A 21 -34.73 -6.24 -4.11
CA TRP A 21 -35.88 -5.47 -4.57
C TRP A 21 -35.65 -4.83 -5.94
N ASP A 22 -36.72 -4.26 -6.50
CA ASP A 22 -36.60 -3.41 -7.68
C ASP A 22 -36.30 -1.99 -7.22
N PHE A 23 -35.68 -1.21 -8.10
CA PHE A 23 -35.11 0.07 -7.69
C PHE A 23 -34.92 0.98 -8.91
N ARG A 24 -35.26 2.25 -8.73
CA ARG A 24 -34.97 3.29 -9.71
C ARG A 24 -34.54 4.56 -9.00
N THR A 25 -33.62 5.30 -9.59
CA THR A 25 -33.35 6.66 -9.14
C THR A 25 -34.47 7.57 -9.62
N ALA A 26 -34.71 8.66 -8.91
CA ALA A 26 -35.71 9.64 -9.33
C ALA A 26 -35.12 11.05 -9.33
N GLY A 27 -35.96 12.05 -9.06
CA GLY A 27 -35.59 13.44 -9.24
C GLY A 27 -35.01 14.11 -8.00
N GLU A 28 -34.49 15.32 -8.18
CA GLU A 28 -33.89 16.08 -7.08
C GLU A 28 -34.91 16.44 -5.99
N ASP A 29 -36.17 16.61 -6.38
CA ASP A 29 -37.21 16.91 -5.39
C ASP A 29 -38.58 16.31 -5.70
N SER A 30 -38.62 15.31 -6.59
CA SER A 30 -39.86 14.60 -6.87
C SER A 30 -39.60 13.19 -7.40
N TYR A 31 -40.67 12.41 -7.50
CA TYR A 31 -40.65 11.09 -8.12
C TYR A 31 -42.02 10.87 -8.76
N PRO A 32 -42.09 10.00 -9.79
CA PRO A 32 -43.35 9.73 -10.49
C PRO A 32 -44.35 8.95 -9.63
N ALA A 33 -45.49 9.58 -9.34
CA ALA A 33 -46.49 8.96 -8.46
C ALA A 33 -47.01 7.63 -8.97
N GLU A 34 -47.00 7.44 -10.29
CA GLU A 34 -47.50 6.20 -10.86
C GLU A 34 -46.56 5.02 -10.61
N TRP A 35 -45.34 5.30 -10.14
CA TRP A 35 -44.44 4.22 -9.78
C TRP A 35 -44.97 3.46 -8.57
N ALA A 36 -45.85 4.08 -7.80
CA ALA A 36 -46.48 3.40 -6.68
C ALA A 36 -47.66 2.53 -7.11
N ASP A 37 -48.17 2.79 -8.31
CA ASP A 37 -49.42 2.18 -8.78
C ASP A 37 -49.21 0.93 -9.61
N ALA A 38 -47.99 0.75 -10.10
CA ALA A 38 -47.69 -0.34 -11.03
C ALA A 38 -46.23 -0.71 -10.86
N PRO A 39 -45.81 -1.88 -11.38
CA PRO A 39 -44.40 -2.26 -11.31
C PRO A 39 -43.47 -1.18 -11.87
N LEU A 40 -42.33 -0.96 -11.21
CA LEU A 40 -41.34 -0.01 -11.71
C LEU A 40 -40.92 -0.39 -13.12
N PRO A 41 -40.82 0.59 -14.01
CA PRO A 41 -40.31 0.33 -15.35
C PRO A 41 -38.80 0.20 -15.37
N GLU A 42 -38.30 -0.79 -16.10
CA GLU A 42 -36.86 -1.02 -16.27
C GLU A 42 -36.07 -0.95 -14.96
N PRO A 43 -36.48 -1.72 -13.94
CA PRO A 43 -35.86 -1.50 -12.63
C PRO A 43 -34.44 -2.06 -12.53
N LEU A 44 -33.67 -1.51 -11.60
CA LEU A 44 -32.39 -2.08 -11.22
C LEU A 44 -32.61 -3.01 -10.04
N PRO A 45 -31.69 -3.94 -9.80
CA PRO A 45 -31.75 -4.69 -8.54
C PRO A 45 -31.14 -3.89 -7.40
N MET A 46 -31.66 -4.09 -6.20
CA MET A 46 -31.11 -3.44 -5.02
C MET A 46 -31.39 -4.33 -3.82
N ALA A 47 -30.34 -4.77 -3.16
CA ALA A 47 -30.50 -5.66 -2.02
C ALA A 47 -30.95 -4.85 -0.83
N VAL A 48 -31.86 -5.40 -0.03
CA VAL A 48 -32.12 -4.69 1.20
C VAL A 48 -32.28 -5.54 2.45
N PRO A 49 -31.34 -5.38 3.37
CA PRO A 49 -31.15 -4.08 4.03
C PRO A 49 -29.84 -3.64 3.35
N GLY A 50 -29.56 -2.35 3.23
CA GLY A 50 -28.29 -1.91 2.67
C GLY A 50 -28.41 -0.48 2.19
N SER A 51 -27.30 0.25 2.15
CA SER A 51 -27.27 1.54 1.45
C SER A 51 -27.29 1.26 -0.04
N TYR A 52 -27.93 2.13 -0.82
CA TYR A 52 -27.97 1.91 -2.26
C TYR A 52 -26.72 2.42 -2.98
N ASN A 53 -25.97 3.31 -2.33
CA ASN A 53 -24.91 4.08 -2.99
C ASN A 53 -23.76 3.27 -3.58
N ASP A 54 -23.37 2.18 -2.92
CA ASP A 54 -22.26 1.36 -3.40
C ASP A 54 -22.72 0.04 -4.01
N GLN A 55 -23.99 -0.06 -4.38
CA GLN A 55 -24.51 -1.27 -5.03
C GLN A 55 -24.63 -1.17 -6.55
N ASN A 56 -24.12 -0.10 -7.14
CA ASN A 56 -24.11 -0.05 -8.60
C ASN A 56 -22.97 0.78 -9.17
N ASP A 57 -21.95 0.10 -9.65
CA ASP A 57 -20.75 0.76 -10.17
C ASP A 57 -20.92 1.32 -11.58
N GLU A 58 -22.03 1.00 -12.25
CA GLU A 58 -22.33 1.65 -13.52
C GLU A 58 -22.77 3.10 -13.30
N LEU A 59 -23.43 3.35 -12.19
CA LEU A 59 -23.87 4.70 -11.85
C LEU A 59 -22.96 5.30 -10.78
N ASN A 60 -23.05 6.59 -10.57
CA ASN A 60 -22.34 7.22 -9.46
C ASN A 60 -23.36 7.62 -8.41
N LEU A 61 -23.87 6.61 -7.69
CA LEU A 61 -24.96 6.84 -6.76
C LEU A 61 -24.52 7.58 -5.51
N ARG A 62 -23.22 7.66 -5.28
CA ARG A 62 -22.69 8.50 -4.19
C ARG A 62 -22.96 9.97 -4.47
N ALA A 63 -23.07 10.33 -5.74
CA ALA A 63 -23.30 11.71 -6.13
C ALA A 63 -24.79 11.99 -6.27
N HIS A 64 -25.62 10.99 -6.02
CA HIS A 64 -27.06 11.17 -6.20
C HIS A 64 -27.64 12.15 -5.20
N TYR A 65 -28.55 12.99 -5.67
CA TYR A 65 -29.20 13.97 -4.82
C TYR A 65 -30.71 13.89 -5.01
N GLY A 66 -31.44 13.67 -3.93
CA GLY A 66 -32.89 13.60 -4.01
C GLY A 66 -33.47 12.23 -3.73
N TRP A 67 -34.43 11.83 -4.56
CA TRP A 67 -35.25 10.65 -4.30
C TRP A 67 -34.76 9.41 -5.04
N VAL A 68 -35.06 8.26 -4.44
CA VAL A 68 -34.97 6.98 -5.14
C VAL A 68 -36.25 6.22 -4.82
N VAL A 69 -36.58 5.21 -5.62
CA VAL A 69 -37.77 4.42 -5.37
C VAL A 69 -37.48 2.92 -5.33
N TYR A 70 -37.82 2.32 -4.20
CA TYR A 70 -37.72 0.87 -4.01
C TYR A 70 -39.07 0.25 -4.27
N GLN A 71 -39.07 -1.00 -4.72
CA GLN A 71 -40.33 -1.70 -4.88
C GLN A 71 -40.13 -3.21 -4.87
N ARG A 72 -41.07 -3.93 -4.26
CA ARG A 72 -41.12 -5.39 -4.40
C ARG A 72 -42.56 -5.89 -4.28
N SER A 73 -42.76 -7.14 -4.63
CA SER A 73 -44.03 -7.82 -4.39
C SER A 73 -43.85 -8.87 -3.33
N PHE A 74 -44.95 -9.21 -2.67
CA PHE A 74 -44.97 -10.29 -1.70
C PHE A 74 -46.38 -10.82 -1.57
N ALA A 75 -46.49 -12.05 -1.06
CA ALA A 75 -47.80 -12.67 -0.86
C ALA A 75 -47.71 -13.55 0.37
N VAL A 76 -48.78 -13.54 1.18
CA VAL A 76 -48.84 -14.41 2.34
C VAL A 76 -50.19 -15.12 2.36
N PRO A 77 -50.24 -16.33 2.96
CA PRO A 77 -51.49 -17.08 3.08
C PRO A 77 -52.58 -16.30 3.82
N SER A 78 -53.81 -16.38 3.33
CA SER A 78 -54.95 -15.71 3.96
C SER A 78 -55.20 -16.17 5.39
N ARG A 79 -54.85 -17.44 5.67
CA ARG A 79 -55.14 -18.03 6.97
C ARG A 79 -54.23 -17.43 8.06
N LEU A 80 -53.09 -16.87 7.65
CA LEU A 80 -52.20 -16.18 8.58
C LEU A 80 -52.63 -14.77 8.92
N VAL A 81 -53.22 -14.06 7.96
CA VAL A 81 -53.62 -12.68 8.18
C VAL A 81 -54.99 -12.63 8.85
N ALA A 82 -55.75 -13.73 8.69
CA ALA A 82 -57.15 -13.78 9.10
C ALA A 82 -57.34 -13.43 10.57
N GLY A 83 -58.05 -12.33 10.82
CA GLY A 83 -58.38 -11.93 12.17
C GLY A 83 -57.19 -11.34 12.91
N GLN A 84 -56.10 -11.08 12.20
CA GLN A 84 -54.92 -10.50 12.83
C GLN A 84 -54.76 -9.03 12.51
N ARG A 85 -54.09 -8.32 13.40
CA ARG A 85 -53.63 -6.97 13.16
C ARG A 85 -52.33 -7.05 12.35
N MET A 86 -52.30 -6.41 11.19
CA MET A 86 -51.12 -6.52 10.32
C MET A 86 -50.27 -5.25 10.33
N ILE A 87 -48.99 -5.40 10.63
CA ILE A 87 -48.10 -4.25 10.75
C ILE A 87 -46.89 -4.37 9.85
N LEU A 88 -46.63 -3.33 9.07
CA LEU A 88 -45.44 -3.26 8.24
C LEU A 88 -44.40 -2.38 8.91
N ARG A 89 -43.25 -2.95 9.23
CA ARG A 89 -42.22 -2.24 9.96
C ARG A 89 -40.96 -1.98 9.15
N PHE A 90 -40.50 -0.74 9.19
CA PHE A 90 -39.22 -0.35 8.61
C PHE A 90 -38.22 -0.06 9.72
N ASP A 91 -37.20 -0.89 9.89
CA ASP A 91 -36.24 -0.66 10.96
C ASP A 91 -35.50 0.67 10.74
N ALA A 92 -35.26 1.02 9.47
CA ALA A 92 -34.70 2.32 9.11
C ALA A 92 -34.77 2.63 7.62
N ALA A 93 -35.17 3.85 7.30
CA ALA A 93 -35.12 4.37 5.94
C ALA A 93 -34.48 5.76 5.97
N THR A 94 -33.35 5.91 5.29
CA THR A 94 -32.49 7.08 5.45
C THR A 94 -32.53 7.98 4.20
N HIS A 95 -32.99 9.22 4.34
CA HIS A 95 -33.39 9.82 5.61
C HIS A 95 -34.90 9.92 5.76
N ALA A 96 -35.63 10.06 4.66
CA ALA A 96 -37.07 10.23 4.75
C ALA A 96 -37.74 9.30 3.76
N ALA A 97 -38.99 8.93 4.04
CA ALA A 97 -39.67 7.95 3.20
C ALA A 97 -41.15 8.23 3.02
N ASP A 98 -41.66 7.92 1.83
CA ASP A 98 -43.09 7.79 1.58
C ASP A 98 -43.36 6.33 1.25
N VAL A 99 -44.36 5.74 1.89
CA VAL A 99 -44.62 4.32 1.72
C VAL A 99 -45.98 4.07 1.09
N TYR A 100 -46.02 3.27 0.04
CA TYR A 100 -47.27 2.91 -0.60
C TYR A 100 -47.46 1.39 -0.59
N LEU A 101 -48.70 0.96 -0.38
CA LEU A 101 -49.04 -0.46 -0.53
C LEU A 101 -50.25 -0.58 -1.45
N ASN A 102 -50.07 -1.31 -2.55
CA ASN A 102 -51.12 -1.52 -3.54
C ASN A 102 -51.75 -0.24 -4.06
N GLY A 103 -50.92 0.80 -4.25
CA GLY A 103 -51.40 2.06 -4.77
C GLY A 103 -51.91 3.01 -3.70
N GLN A 104 -51.99 2.50 -2.47
CA GLN A 104 -52.45 3.29 -1.34
C GLN A 104 -51.30 3.92 -0.55
N LEU A 105 -51.37 5.22 -0.32
CA LEU A 105 -50.40 5.86 0.58
C LEU A 105 -50.62 5.39 2.02
N LEU A 106 -49.59 4.79 2.61
CA LEU A 106 -49.68 4.39 4.01
C LEU A 106 -49.29 5.58 4.89
N GLY A 107 -48.35 6.38 4.40
CA GLY A 107 -47.83 7.50 5.18
C GLY A 107 -46.37 7.81 4.91
N SER A 108 -45.79 8.64 5.78
CA SER A 108 -44.44 9.15 5.59
C SER A 108 -43.69 9.20 6.92
N HIS A 109 -42.38 9.36 6.84
CA HIS A 109 -41.48 9.38 8.01
C HIS A 109 -40.21 10.21 7.74
N PHE A 110 -39.68 10.89 8.76
CA PHE A 110 -38.40 11.58 8.55
C PHE A 110 -37.12 11.07 9.24
N GLY A 111 -37.19 10.51 10.43
CA GLY A 111 -35.97 10.00 11.05
C GLY A 111 -35.24 8.90 10.28
N GLY A 112 -33.97 9.13 9.93
CA GLY A 112 -33.24 8.18 9.09
C GLY A 112 -32.59 7.01 9.81
N PHE A 113 -32.69 6.99 11.14
CA PHE A 113 -31.96 6.00 11.92
C PHE A 113 -32.79 5.35 13.02
N LEU A 114 -34.10 5.53 12.93
CA LEU A 114 -35.01 4.98 13.93
C LEU A 114 -36.21 4.36 13.21
N PRO A 115 -36.81 3.32 13.81
CA PRO A 115 -37.84 2.56 13.10
C PRO A 115 -39.21 3.22 13.09
N PHE A 116 -40.03 2.86 12.11
CA PHE A 116 -41.41 3.35 12.02
C PHE A 116 -42.27 2.26 11.39
N GLU A 117 -43.58 2.32 11.61
CA GLU A 117 -44.45 1.25 11.12
C GLU A 117 -45.85 1.72 10.75
N PHE A 118 -46.53 0.91 9.95
CA PHE A 118 -47.89 1.21 9.49
C PHE A 118 -48.82 0.02 9.71
N ASP A 119 -50.06 0.31 10.08
CA ASP A 119 -51.10 -0.72 10.09
C ASP A 119 -51.57 -0.92 8.65
N VAL A 120 -51.37 -2.12 8.13
CA VAL A 120 -51.71 -2.41 6.75
C VAL A 120 -52.83 -3.45 6.67
N THR A 121 -53.52 -3.64 7.79
CA THR A 121 -54.57 -4.66 7.88
C THR A 121 -55.60 -4.52 6.75
N SER A 122 -55.98 -3.27 6.46
CA SER A 122 -56.99 -3.00 5.44
C SER A 122 -56.46 -2.79 4.02
N ALA A 123 -55.17 -2.48 3.88
CA ALA A 123 -54.59 -2.20 2.58
C ALA A 123 -54.10 -3.48 1.89
N LEU A 124 -53.84 -4.50 2.70
CA LEU A 124 -53.42 -5.81 2.19
C LEU A 124 -54.56 -6.47 1.44
N HIS A 125 -54.22 -7.31 0.46
CA HIS A 125 -55.21 -8.21 -0.12
C HIS A 125 -54.60 -9.57 -0.44
N ALA A 126 -55.45 -10.50 -0.87
CA ALA A 126 -55.00 -11.84 -1.21
C ALA A 126 -54.12 -11.80 -2.46
N GLY A 127 -53.24 -12.78 -2.60
CA GLY A 127 -52.32 -12.81 -3.72
C GLY A 127 -51.16 -11.83 -3.57
N GLU A 128 -50.62 -11.40 -4.70
CA GLU A 128 -49.45 -10.52 -4.70
C GLU A 128 -49.82 -9.11 -4.26
N ASN A 129 -49.06 -8.58 -3.31
CA ASN A 129 -49.19 -7.18 -2.91
C ASN A 129 -48.00 -6.40 -3.44
N LEU A 130 -48.23 -5.14 -3.81
CA LEU A 130 -47.14 -4.34 -4.36
C LEU A 130 -46.75 -3.24 -3.38
N LEU A 131 -45.50 -3.31 -2.92
CA LEU A 131 -44.98 -2.40 -1.90
C LEU A 131 -43.95 -1.46 -2.49
N THR A 132 -44.24 -0.17 -2.43
CA THR A 132 -43.37 0.84 -3.02
C THR A 132 -42.88 1.78 -1.95
N VAL A 133 -41.57 2.03 -1.93
CA VAL A 133 -40.98 2.88 -0.90
C VAL A 133 -40.09 3.91 -1.57
N ALA A 134 -40.49 5.18 -1.49
CA ALA A 134 -39.65 6.26 -1.99
C ALA A 134 -38.78 6.76 -0.85
N VAL A 135 -37.48 6.89 -1.10
CA VAL A 135 -36.56 7.33 -0.06
C VAL A 135 -35.78 8.57 -0.47
N ASP A 136 -35.74 9.55 0.43
CA ASP A 136 -35.16 10.86 0.16
C ASP A 136 -33.86 11.00 0.94
N ASN A 137 -32.77 11.34 0.26
CA ASN A 137 -31.47 11.40 0.95
C ASN A 137 -31.06 12.82 1.32
N ARG A 138 -31.94 13.79 1.08
CA ARG A 138 -31.53 15.18 1.17
C ARG A 138 -31.35 15.65 2.60
N ILE A 139 -30.28 16.40 2.81
CA ILE A 139 -30.01 17.04 4.09
C ILE A 139 -29.87 18.53 3.90
N GLY A 140 -30.05 19.28 4.98
CA GLY A 140 -29.99 20.73 4.91
C GLY A 140 -30.04 21.29 6.31
N SER A 141 -30.37 22.58 6.42
CA SER A 141 -30.26 23.29 7.68
C SER A 141 -31.33 22.88 8.69
N SER A 142 -32.32 22.12 8.25
CA SER A 142 -33.38 21.66 9.14
C SER A 142 -33.38 20.15 9.38
N THR A 143 -32.42 19.43 8.81
CA THR A 143 -32.36 17.98 9.05
C THR A 143 -31.45 17.64 10.21
N LEU A 144 -31.71 16.47 10.78
CA LEU A 144 -30.77 15.79 11.67
C LEU A 144 -30.49 14.43 11.03
N PRO A 145 -29.24 14.18 10.63
CA PRO A 145 -28.06 15.04 10.76
C PRO A 145 -28.12 16.31 9.90
N VAL A 146 -27.36 17.31 10.31
CA VAL A 146 -27.44 18.65 9.72
C VAL A 146 -26.67 18.78 8.41
N GLY A 147 -27.33 19.35 7.41
CA GLY A 147 -26.68 19.68 6.16
C GLY A 147 -26.54 21.17 5.97
N ASN A 148 -25.68 21.57 5.03
CA ASN A 148 -25.48 22.98 4.67
C ASN A 148 -26.39 23.35 3.51
N ASP A 149 -27.08 24.48 3.60
CA ASP A 149 -27.96 24.89 2.51
C ASP A 149 -27.16 25.48 1.34
N ALA A 150 -25.96 25.97 1.64
CA ALA A 150 -24.98 26.29 0.59
C ALA A 150 -23.53 26.27 1.10
N GLY A 151 -22.59 26.24 0.17
CA GLY A 151 -21.18 26.33 0.52
C GLY A 151 -20.38 25.06 0.37
N THR A 152 -19.83 24.58 1.49
CA THR A 152 -18.95 23.42 1.47
C THR A 152 -19.36 22.34 2.45
N ALA A 153 -18.68 21.21 2.35
CA ALA A 153 -18.74 20.16 3.35
C ALA A 153 -17.66 20.36 4.43
N PHE A 154 -17.70 19.46 5.42
CA PHE A 154 -16.81 19.47 6.58
C PHE A 154 -15.32 19.48 6.29
N MET A 155 -14.62 20.43 6.92
CA MET A 155 -13.18 20.59 6.78
C MET A 155 -12.93 20.66 5.29
N GLY A 156 -13.70 21.51 4.64
CA GLY A 156 -13.73 21.61 3.19
C GLY A 156 -12.89 22.75 2.66
N SER A 157 -12.25 22.52 1.52
CA SER A 157 -11.35 23.50 0.94
C SER A 157 -12.08 24.47 0.00
N ASP A 158 -11.69 25.75 0.07
CA ASP A 158 -12.26 26.81 -0.76
C ASP A 158 -11.29 27.95 -1.10
N ASN A 159 -11.52 28.57 -2.26
CA ASN A 159 -10.86 29.82 -2.65
C ASN A 159 -11.92 30.83 -3.09
N ALA A 160 -12.87 31.13 -2.19
CA ALA A 160 -13.99 32.02 -2.50
C ALA A 160 -13.60 33.37 -3.12
N ASN A 161 -12.39 33.84 -2.86
CA ASN A 161 -11.94 35.14 -3.37
C ASN A 161 -11.64 35.15 -4.87
N VAL A 162 -11.63 33.98 -5.50
CA VAL A 162 -11.48 33.89 -6.95
C VAL A 162 -12.85 34.02 -7.62
N PRO A 163 -13.01 35.04 -8.48
CA PRO A 163 -14.25 35.30 -9.22
C PRO A 163 -14.76 34.10 -10.02
N ALA A 164 -13.85 33.38 -10.68
CA ALA A 164 -14.22 32.24 -11.49
C ALA A 164 -14.83 31.13 -10.63
N VAL A 165 -14.34 31.00 -9.40
CA VAL A 165 -14.82 29.99 -8.49
C VAL A 165 -16.24 30.32 -8.04
N ALA A 166 -16.45 31.58 -7.67
CA ALA A 166 -17.75 32.07 -7.23
C ALA A 166 -18.87 31.80 -8.25
N GLU A 167 -18.56 32.04 -9.52
CA GLU A 167 -19.53 31.88 -10.60
C GLU A 167 -19.81 30.40 -10.90
N ALA A 168 -18.76 29.59 -10.99
CA ALA A 168 -18.93 28.16 -11.27
C ALA A 168 -19.77 27.47 -10.21
N LYS A 169 -19.59 27.87 -8.95
CA LYS A 169 -20.31 27.28 -7.83
C LYS A 169 -21.82 27.49 -7.96
N LYS A 170 -22.23 28.62 -8.51
CA LYS A 170 -23.65 28.94 -8.64
C LYS A 170 -24.33 28.07 -9.69
N HIS A 171 -23.53 27.43 -10.55
CA HIS A 171 -24.06 26.59 -11.63
C HIS A 171 -23.73 25.10 -11.45
N ALA A 172 -23.07 24.76 -10.35
CA ALA A 172 -22.66 23.37 -10.11
C ALA A 172 -23.85 22.46 -9.85
N ARG A 173 -23.70 21.18 -10.20
CA ARG A 173 -24.70 20.16 -9.88
C ARG A 173 -25.03 20.20 -8.39
N ARG A 174 -26.32 20.15 -8.06
CA ARG A 174 -26.70 20.17 -6.65
C ARG A 174 -26.28 18.89 -5.94
N GLN A 175 -25.71 19.07 -4.77
CA GLN A 175 -25.21 17.98 -3.94
C GLN A 175 -25.60 18.23 -2.49
N ASN A 176 -25.76 17.16 -1.72
CA ASN A 176 -25.90 17.31 -0.28
C ASN A 176 -24.60 17.86 0.32
N LEU A 177 -24.75 18.86 1.19
CA LEU A 177 -23.59 19.49 1.82
C LEU A 177 -23.62 19.23 3.32
N PRO A 178 -22.96 18.16 3.75
CA PRO A 178 -23.05 17.70 5.13
C PRO A 178 -22.30 18.61 6.11
N ASN A 179 -22.83 18.75 7.32
CA ASN A 179 -22.09 19.36 8.42
C ASN A 179 -21.55 18.28 9.33
N PHE A 180 -21.13 17.18 8.74
CA PHE A 180 -20.62 16.05 9.50
C PHE A 180 -19.60 15.27 8.67
N ASP A 181 -18.76 14.52 9.37
CA ASP A 181 -17.62 13.85 8.73
C ASP A 181 -17.86 12.35 8.54
N PHE A 182 -18.95 12.00 7.87
CA PHE A 182 -19.16 10.63 7.44
C PHE A 182 -20.09 10.68 6.24
N PHE A 183 -19.90 9.76 5.30
CA PHE A 183 -20.64 9.84 4.05
C PHE A 183 -22.14 9.64 4.24
N ASN A 184 -22.91 10.37 3.44
CA ASN A 184 -24.36 10.36 3.53
C ASN A 184 -24.98 9.13 2.88
N PHE A 185 -24.64 7.94 3.38
CA PHE A 185 -25.23 6.70 2.87
C PHE A 185 -26.74 6.71 3.12
N ALA A 186 -27.52 6.35 2.11
CA ALA A 186 -28.97 6.46 2.19
C ALA A 186 -29.68 5.20 1.70
N GLY A 187 -30.98 5.13 1.93
CA GLY A 187 -31.78 4.00 1.47
C GLY A 187 -32.35 3.14 2.58
N LEU A 188 -32.77 1.93 2.23
CA LEU A 188 -33.31 0.99 3.20
C LEU A 188 -32.17 0.28 3.91
N ASN A 189 -31.54 1.02 4.83
CA ASN A 189 -30.34 0.59 5.53
C ASN A 189 -30.56 -0.56 6.51
N ARG A 190 -31.79 -0.74 6.97
CA ARG A 190 -32.06 -1.83 7.90
C ARG A 190 -33.30 -2.60 7.46
N HIS A 191 -33.63 -3.64 8.22
CA HIS A 191 -34.62 -4.62 7.77
C HIS A 191 -36.02 -4.06 7.55
N VAL A 192 -36.77 -4.76 6.70
CA VAL A 192 -38.17 -4.45 6.46
C VAL A 192 -38.95 -5.73 6.72
N GLU A 193 -40.03 -5.63 7.48
CA GLU A 193 -40.80 -6.82 7.77
C GLU A 193 -42.26 -6.54 8.06
N LEU A 194 -43.07 -7.54 7.74
CA LEU A 194 -44.49 -7.56 8.07
C LEU A 194 -44.65 -8.43 9.30
N TYR A 195 -45.40 -7.97 10.30
CA TYR A 195 -45.66 -8.85 11.43
C TYR A 195 -47.12 -8.76 11.86
N THR A 196 -47.53 -9.72 12.69
CA THR A 196 -48.90 -9.79 13.15
C THR A 196 -48.98 -9.70 14.66
N THR A 197 -50.07 -9.14 15.16
CA THR A 197 -50.44 -9.26 16.57
C THR A 197 -51.92 -9.59 16.60
N PRO A 198 -52.43 -10.03 17.76
CA PRO A 198 -53.88 -10.08 17.94
C PRO A 198 -54.51 -8.70 17.73
N ALA A 199 -55.75 -8.65 17.25
CA ALA A 199 -56.37 -7.37 16.91
C ALA A 199 -57.13 -6.70 18.06
N ASP A 200 -57.88 -7.49 18.82
CA ASP A 200 -58.75 -6.97 19.88
C ASP A 200 -58.00 -6.33 21.04
N ALA A 201 -56.89 -6.96 21.43
CA ALA A 201 -56.05 -6.42 22.50
C ALA A 201 -54.65 -7.01 22.34
N TYR A 202 -53.63 -6.19 22.57
CA TYR A 202 -52.27 -6.62 22.29
C TYR A 202 -51.26 -5.83 23.10
N ILE A 203 -50.11 -6.45 23.35
CA ILE A 203 -49.02 -5.79 24.05
C ILE A 203 -48.34 -4.80 23.11
N ALA A 204 -48.29 -3.53 23.52
CA ALA A 204 -47.80 -2.47 22.66
C ALA A 204 -46.41 -2.02 23.10
N ASP A 205 -46.13 -2.12 24.39
CA ASP A 205 -44.83 -1.69 24.93
C ASP A 205 -44.53 -2.36 26.26
N ILE A 206 -43.24 -2.52 26.54
CA ILE A 206 -42.76 -3.07 27.80
C ILE A 206 -41.55 -2.27 28.26
N ALA A 207 -41.52 -1.87 29.53
CA ALA A 207 -40.35 -1.25 30.11
C ALA A 207 -39.94 -1.95 31.39
N ILE A 208 -38.68 -2.37 31.47
CA ILE A 208 -38.15 -3.01 32.67
C ILE A 208 -37.08 -2.11 33.26
N THR A 209 -37.11 -1.90 34.57
CA THR A 209 -36.08 -1.11 35.24
C THR A 209 -35.54 -1.82 36.45
N THR A 210 -34.27 -1.55 36.75
CA THR A 210 -33.70 -1.96 38.02
C THR A 210 -33.88 -0.77 38.96
N GLU A 211 -34.78 -0.93 39.93
CA GLU A 211 -35.13 0.16 40.85
C GLU A 211 -34.13 0.24 41.99
N ARG A 212 -33.78 -0.92 42.55
CA ARG A 212 -32.90 -0.95 43.71
C ARG A 212 -32.21 -2.29 43.88
N LEU A 213 -30.96 -2.24 44.35
CA LEU A 213 -30.21 -3.45 44.68
C LEU A 213 -29.86 -3.42 46.17
N ASP A 214 -30.13 -4.52 46.86
CA ASP A 214 -29.85 -4.60 48.28
C ASP A 214 -28.70 -5.56 48.52
N HIS A 215 -27.65 -5.05 49.18
CA HIS A 215 -26.49 -5.85 49.54
C HIS A 215 -25.88 -6.61 48.35
N ILE A 216 -25.19 -5.85 47.50
CA ILE A 216 -24.48 -6.42 46.36
C ILE A 216 -23.27 -7.18 46.88
N ALA A 217 -23.04 -8.38 46.36
CA ALA A 217 -21.87 -9.18 46.73
C ALA A 217 -20.57 -8.44 46.45
N GLY A 218 -19.50 -8.82 47.14
CA GLY A 218 -18.20 -8.19 46.98
C GLY A 218 -17.67 -8.21 45.56
N ASP A 219 -17.98 -9.27 44.82
CA ASP A 219 -17.54 -9.39 43.43
C ASP A 219 -18.57 -8.84 42.45
N ALA A 220 -19.68 -8.33 43.00
CA ALA A 220 -20.78 -7.75 42.24
C ALA A 220 -21.40 -8.73 41.24
N CYS A 221 -21.23 -10.03 41.49
CA CYS A 221 -21.86 -11.05 40.65
C CYS A 221 -23.33 -11.21 41.00
N THR A 222 -23.66 -10.93 42.26
CA THR A 222 -25.03 -11.08 42.75
C THR A 222 -25.41 -9.96 43.69
N ALA A 223 -26.71 -9.83 43.93
CA ALA A 223 -27.24 -8.98 44.99
C ALA A 223 -28.21 -9.82 45.80
N ALA A 224 -28.27 -9.59 47.11
CA ALA A 224 -29.13 -10.37 47.98
C ALA A 224 -30.59 -10.22 47.53
N ASN A 225 -30.93 -9.00 47.10
CA ASN A 225 -32.24 -8.73 46.55
C ASN A 225 -32.18 -7.66 45.47
N ALA A 226 -32.94 -7.85 44.40
CA ALA A 226 -33.04 -6.84 43.36
C ALA A 226 -34.50 -6.48 43.20
N LEU A 227 -34.80 -5.19 43.26
CA LEU A 227 -36.16 -4.75 43.04
C LEU A 227 -36.24 -4.23 41.62
N ILE A 228 -37.03 -4.92 40.80
CA ILE A 228 -37.23 -4.48 39.43
C ILE A 228 -38.67 -4.03 39.25
N ALA A 229 -38.90 -3.14 38.29
CA ALA A 229 -40.24 -2.66 38.02
C ALA A 229 -40.59 -2.92 36.57
N TYR A 230 -41.86 -3.18 36.32
CA TYR A 230 -42.33 -3.40 34.98
C TYR A 230 -43.43 -2.40 34.65
N ASP A 231 -43.55 -2.10 33.37
CA ASP A 231 -44.60 -1.23 32.87
C ASP A 231 -44.97 -1.76 31.50
N VAL A 232 -46.17 -2.31 31.39
CA VAL A 232 -46.62 -2.87 30.12
C VAL A 232 -47.79 -2.04 29.58
N THR A 233 -47.68 -1.63 28.32
CA THR A 233 -48.73 -0.86 27.68
C THR A 233 -49.44 -1.74 26.66
N PHE A 234 -50.75 -1.57 26.54
CA PHE A 234 -51.55 -2.40 25.65
C PHE A 234 -52.29 -1.54 24.65
N GLY A 235 -52.60 -2.13 23.50
CA GLY A 235 -53.46 -1.47 22.54
C GLY A 235 -54.67 -2.34 22.27
N GLY A 236 -55.65 -1.78 21.57
CA GLY A 236 -56.86 -2.49 21.19
C GLY A 236 -58.12 -2.05 21.93
N ASP A 237 -59.20 -2.78 21.69
CA ASP A 237 -60.54 -2.48 22.22
C ASP A 237 -61.03 -1.14 21.68
N GLY A 276 -61.37 -5.64 34.05
CA GLY A 276 -60.99 -6.89 34.71
C GLY A 276 -60.09 -7.77 33.85
N ARG A 277 -59.20 -7.13 33.08
CA ARG A 277 -58.24 -7.87 32.27
C ARG A 277 -56.90 -7.96 33.01
N GLN A 278 -56.13 -9.01 32.74
CA GLN A 278 -54.89 -9.26 33.45
C GLN A 278 -53.73 -9.67 32.55
N VAL A 279 -52.52 -9.39 33.01
CA VAL A 279 -51.32 -9.86 32.34
C VAL A 279 -50.44 -10.63 33.33
N ARG A 280 -49.91 -11.76 32.88
CA ARG A 280 -48.96 -12.53 33.67
C ARG A 280 -47.54 -12.13 33.28
N ILE A 281 -46.73 -11.85 34.29
CA ILE A 281 -45.33 -11.54 34.04
C ILE A 281 -44.47 -12.62 34.70
N SER A 282 -43.74 -13.34 33.87
CA SER A 282 -42.86 -14.38 34.36
C SER A 282 -41.42 -13.96 34.11
N ILE A 283 -40.60 -14.07 35.14
CA ILE A 283 -39.18 -13.76 35.01
C ILE A 283 -38.39 -15.05 34.84
N LEU A 284 -37.70 -15.16 33.72
CA LEU A 284 -36.90 -16.34 33.39
C LEU A 284 -35.43 -16.02 33.58
N ASP A 285 -34.70 -16.93 34.23
CA ASP A 285 -33.26 -16.75 34.36
C ASP A 285 -32.57 -17.21 33.09
N GLY A 286 -31.24 -17.18 33.07
CA GLY A 286 -30.48 -17.56 31.90
C GLY A 286 -30.68 -18.99 31.42
N GLU A 287 -31.23 -19.84 32.28
CA GLU A 287 -31.48 -21.23 31.92
C GLU A 287 -32.93 -21.45 31.52
N GLY A 288 -33.76 -20.41 31.62
CA GLY A 288 -35.15 -20.51 31.24
C GLY A 288 -36.07 -20.86 32.40
N THR A 289 -35.47 -20.97 33.59
CA THR A 289 -36.22 -21.28 34.81
C THR A 289 -37.01 -20.08 35.31
N VAL A 290 -38.30 -20.29 35.61
CA VAL A 290 -39.12 -19.22 36.18
C VAL A 290 -38.68 -19.00 37.62
N VAL A 291 -38.16 -17.81 37.91
CA VAL A 291 -37.65 -17.52 39.25
C VAL A 291 -38.56 -16.52 39.96
N ALA A 292 -39.49 -15.96 39.21
CA ALA A 292 -40.46 -15.01 39.75
C ALA A 292 -41.63 -14.88 38.79
N GLY A 293 -42.79 -14.53 39.34
CA GLY A 293 -43.99 -14.45 38.55
C GLY A 293 -45.00 -13.61 39.32
N VAL A 294 -45.72 -12.77 38.59
CA VAL A 294 -46.76 -11.96 39.20
C VAL A 294 -47.88 -11.83 38.17
N THR A 295 -49.11 -11.63 38.65
CA THR A 295 -50.24 -11.37 37.79
C THR A 295 -50.72 -9.96 38.11
N ALA A 296 -50.80 -9.11 37.09
CA ALA A 296 -51.14 -7.71 37.33
C ALA A 296 -52.43 -7.35 36.63
N ASP A 297 -53.15 -6.39 37.21
CA ASP A 297 -54.40 -5.93 36.64
C ASP A 297 -54.12 -4.87 35.58
N ILE A 298 -54.88 -4.92 34.50
CA ILE A 298 -54.75 -3.92 33.45
C ILE A 298 -55.73 -2.78 33.72
N GLU A 299 -55.19 -1.56 33.79
CA GLU A 299 -56.00 -0.37 34.06
C GLU A 299 -55.88 0.67 32.96
N ARG A 300 -57.02 1.21 32.54
CA ARG A 300 -57.05 2.30 31.58
C ARG A 300 -56.94 3.64 32.31
N THR A 305 -54.69 4.26 26.58
CA THR A 305 -53.54 3.98 27.45
C THR A 305 -53.91 2.93 28.49
N ALA A 306 -54.20 1.71 28.03
CA ALA A 306 -54.35 0.58 28.94
C ALA A 306 -52.97 0.18 29.40
N LYS A 307 -52.78 0.04 30.71
CA LYS A 307 -51.44 -0.15 31.24
C LYS A 307 -51.42 -1.02 32.49
N ALA A 308 -50.37 -1.81 32.63
CA ALA A 308 -50.14 -2.57 33.86
C ALA A 308 -48.72 -2.29 34.33
N SER A 309 -48.57 -2.00 35.63
CA SER A 309 -47.27 -1.73 36.20
C SER A 309 -47.20 -2.22 37.63
N GLY A 310 -45.98 -2.51 38.09
CA GLY A 310 -45.77 -3.00 39.44
C GLY A 310 -44.31 -3.33 39.67
N GLU A 311 -44.02 -3.97 40.78
CA GLU A 311 -42.64 -4.32 41.13
C GLU A 311 -42.51 -5.82 41.37
N ILE A 312 -41.29 -6.33 41.22
CA ILE A 312 -41.00 -7.73 41.45
C ILE A 312 -39.66 -7.81 42.18
N ALA A 313 -39.61 -8.61 43.25
CA ALA A 313 -38.37 -8.80 43.98
C ALA A 313 -37.70 -10.08 43.50
N ILE A 314 -36.40 -10.01 43.26
CA ILE A 314 -35.63 -11.17 42.80
C ILE A 314 -34.57 -11.46 43.85
N ARG A 315 -34.69 -12.58 44.54
CA ARG A 315 -33.72 -12.92 45.56
C ARG A 315 -32.48 -13.53 44.92
N ASP A 316 -31.31 -13.19 45.46
CA ASP A 316 -30.04 -13.70 44.97
C ASP A 316 -29.91 -13.42 43.48
N ALA A 317 -30.29 -12.22 43.07
CA ALA A 317 -30.32 -11.87 41.67
C ALA A 317 -28.91 -11.83 41.09
N LYS A 318 -28.76 -12.35 39.88
CA LYS A 318 -27.48 -12.33 39.18
C LYS A 318 -27.37 -11.05 38.36
N LEU A 319 -26.33 -10.27 38.60
CA LEU A 319 -26.19 -8.94 38.00
C LEU A 319 -25.53 -8.93 36.63
N TRP A 320 -25.84 -7.91 35.84
CA TRP A 320 -25.20 -7.67 34.56
C TRP A 320 -24.00 -6.75 34.79
N ASN A 321 -22.82 -7.18 34.35
CA ASN A 321 -21.62 -6.34 34.42
C ASN A 321 -20.88 -6.31 33.10
N PRO A 322 -20.11 -5.24 32.85
CA PRO A 322 -19.16 -5.23 31.74
C PRO A 322 -18.22 -6.44 31.83
N GLY A 323 -18.04 -7.17 30.74
CA GLY A 323 -17.16 -8.33 30.75
C GLY A 323 -17.75 -9.55 31.45
N ALA A 324 -18.98 -9.42 31.94
CA ALA A 324 -19.66 -10.52 32.63
C ALA A 324 -21.17 -10.33 32.58
N ALA A 325 -21.72 -10.46 31.39
CA ALA A 325 -23.14 -10.20 31.19
C ALA A 325 -23.99 -11.32 31.79
N TYR A 326 -25.18 -10.97 32.27
CA TYR A 326 -26.20 -11.94 32.61
C TYR A 326 -27.57 -11.40 32.22
N LEU A 327 -28.33 -12.21 31.50
CA LEU A 327 -29.63 -11.76 31.02
C LEU A 327 -30.80 -12.59 31.54
N TYR A 328 -31.85 -11.88 31.95
CA TYR A 328 -33.13 -12.48 32.28
C TYR A 328 -34.08 -12.24 31.12
N THR A 329 -35.20 -12.94 31.11
CA THR A 329 -36.29 -12.66 30.19
C THR A 329 -37.56 -12.37 30.96
N ALA A 330 -38.19 -11.25 30.65
CA ALA A 330 -39.52 -10.96 31.17
C ALA A 330 -40.54 -11.41 30.14
N VAL A 331 -41.36 -12.39 30.50
CA VAL A 331 -42.41 -12.85 29.60
C VAL A 331 -43.73 -12.26 30.05
N ALA A 332 -44.32 -11.42 29.20
CA ALA A 332 -45.63 -10.85 29.49
C ALA A 332 -46.67 -11.59 28.67
N GLU A 333 -47.71 -12.07 29.35
CA GLU A 333 -48.78 -12.78 28.67
C GLU A 333 -50.13 -12.18 28.99
N LEU A 334 -50.80 -11.68 27.97
CA LEU A 334 -52.14 -11.13 28.13
C LEU A 334 -53.13 -12.28 28.32
N LEU A 335 -53.87 -12.25 29.43
CA LEU A 335 -54.79 -13.32 29.76
C LEU A 335 -56.19 -13.01 29.24
N PRO A 336 -56.96 -14.06 28.91
CA PRO A 336 -58.32 -13.87 28.39
C PRO A 336 -59.30 -13.42 29.46
N SER A 344 -56.75 -20.83 30.76
CA SER A 344 -55.45 -21.37 30.44
C SER A 344 -54.92 -20.91 29.08
N ARG A 345 -55.79 -20.33 28.25
CA ARG A 345 -55.34 -19.87 26.94
C ARG A 345 -54.62 -18.53 27.08
N ILE A 346 -53.76 -18.21 26.12
CA ILE A 346 -53.04 -16.96 26.14
C ILE A 346 -53.49 -16.11 24.94
N ILE A 347 -53.84 -14.85 25.20
CA ILE A 347 -54.29 -13.95 24.13
C ILE A 347 -53.10 -13.42 23.35
N ASP A 348 -52.10 -12.92 24.06
CA ASP A 348 -50.94 -12.34 23.42
C ASP A 348 -49.72 -12.52 24.33
N ALA A 349 -48.53 -12.50 23.74
CA ALA A 349 -47.32 -12.73 24.51
C ALA A 349 -46.14 -12.01 23.89
N TYR A 350 -45.22 -11.57 24.73
CA TYR A 350 -43.96 -10.99 24.27
C TYR A 350 -42.86 -11.31 25.27
N ARG A 351 -41.69 -11.70 24.75
CA ARG A 351 -40.55 -11.98 25.61
C ARG A 351 -39.54 -10.84 25.54
N GLN A 352 -39.33 -10.17 26.67
CA GLN A 352 -38.44 -9.02 26.70
C GLN A 352 -37.19 -9.31 27.52
N THR A 353 -36.05 -9.31 26.83
CA THR A 353 -34.76 -9.54 27.47
C THR A 353 -34.38 -8.32 28.32
N PHE A 354 -33.78 -8.56 29.47
CA PHE A 354 -33.25 -7.47 30.29
C PHE A 354 -32.10 -7.94 31.17
N GLY A 355 -31.41 -6.99 31.79
CA GLY A 355 -30.31 -7.30 32.67
C GLY A 355 -30.43 -6.45 33.92
N ILE A 356 -29.99 -6.99 35.06
CA ILE A 356 -30.18 -6.31 36.33
C ILE A 356 -28.89 -5.61 36.75
N ARG A 357 -28.92 -4.28 36.72
CA ARG A 357 -27.76 -3.48 37.09
C ARG A 357 -28.18 -2.04 37.36
N THR A 358 -27.42 -1.35 38.21
CA THR A 358 -27.66 0.06 38.45
C THR A 358 -26.55 0.91 37.83
N VAL A 359 -26.90 2.14 37.52
CA VAL A 359 -25.96 3.11 36.99
C VAL A 359 -26.09 4.40 37.77
N GLU A 360 -25.00 4.90 38.34
CA GLU A 360 -25.07 6.12 39.13
C GLU A 360 -23.78 6.92 39.04
N VAL A 361 -23.93 8.20 38.67
CA VAL A 361 -22.82 9.13 38.77
C VAL A 361 -22.78 9.66 40.20
N SER A 362 -21.64 9.47 40.86
CA SER A 362 -21.45 9.97 42.21
C SER A 362 -20.13 10.73 42.26
N GLY A 363 -20.22 12.05 42.40
CA GLY A 363 -19.04 12.89 42.40
C GLY A 363 -18.35 12.80 41.06
N THR A 364 -17.09 12.36 41.08
CA THR A 364 -16.33 12.16 39.85
C THR A 364 -16.16 10.68 39.53
N THR A 365 -17.11 9.85 39.98
CA THR A 365 -17.06 8.42 39.67
C THR A 365 -18.31 8.00 38.90
N PHE A 366 -18.17 6.95 38.10
CA PHE A 366 -19.26 6.39 37.31
C PHE A 366 -19.50 5.00 37.84
N LEU A 367 -20.58 4.83 38.60
CA LEU A 367 -20.78 3.59 39.33
C LEU A 367 -21.75 2.66 38.62
N ILE A 368 -21.27 1.48 38.26
CA ILE A 368 -22.13 0.41 37.78
C ILE A 368 -22.17 -0.66 38.87
N ASN A 369 -23.38 -0.98 39.35
CA ASN A 369 -23.54 -1.86 40.50
C ASN A 369 -22.66 -1.42 41.68
N GLY A 370 -22.60 -0.12 41.89
CA GLY A 370 -21.85 0.48 42.99
C GLY A 370 -20.35 0.45 42.87
N LYS A 371 -19.83 0.03 41.72
CA LYS A 371 -18.40 -0.05 41.53
C LYS A 371 -17.91 0.95 40.49
N PRO A 372 -16.73 1.56 40.73
CA PRO A 372 -16.20 2.63 39.88
C PRO A 372 -15.69 2.12 38.54
N PHE A 373 -16.45 2.42 37.49
CA PHE A 373 -16.19 1.94 36.14
C PHE A 373 -15.22 2.82 35.38
N TYR A 374 -14.42 2.22 34.49
CA TYR A 374 -13.56 2.99 33.62
C TYR A 374 -13.80 2.60 32.16
N PHE A 375 -14.21 3.58 31.35
CA PHE A 375 -14.49 3.30 29.93
C PHE A 375 -13.19 3.04 29.16
N LYS A 376 -13.16 1.92 28.44
CA LYS A 376 -12.11 1.63 27.46
C LYS A 376 -12.77 1.38 26.13
N GLY A 377 -12.50 2.22 25.14
CA GLY A 377 -13.14 2.03 23.85
C GLY A 377 -12.94 3.11 22.82
N PHE A 378 -14.00 3.38 22.08
CA PHE A 378 -13.92 4.17 20.86
C PHE A 378 -15.32 4.56 20.38
N GLY A 379 -15.38 5.58 19.54
CA GLY A 379 -16.57 5.81 18.74
C GLY A 379 -16.53 4.84 17.59
N LYS A 380 -17.70 4.39 17.13
CA LYS A 380 -17.74 3.48 15.99
C LYS A 380 -18.44 4.19 14.84
N HIS A 381 -18.70 3.44 13.77
CA HIS A 381 -19.65 3.84 12.75
C HIS A 381 -20.28 2.57 12.25
N GLU A 382 -21.53 2.64 11.78
CA GLU A 382 -22.01 1.55 10.95
C GLU A 382 -21.55 1.87 9.55
N ASP A 383 -20.44 1.24 9.18
CA ASP A 383 -19.76 1.51 7.93
C ASP A 383 -18.98 0.27 7.53
N SER A 384 -19.11 -0.10 6.26
CA SER A 384 -18.39 -1.24 5.69
C SER A 384 -18.38 -1.10 4.18
N TYR A 385 -17.48 -1.80 3.51
CA TYR A 385 -17.27 -1.61 2.08
C TYR A 385 -18.45 -1.67 1.10
N PHE A 386 -19.30 -2.69 1.17
CA PHE A 386 -20.35 -2.81 0.17
C PHE A 386 -21.70 -2.36 0.69
N HIS A 387 -21.91 -2.60 1.98
CA HIS A 387 -23.17 -2.32 2.65
C HIS A 387 -23.37 -0.83 2.95
N GLY A 388 -22.27 -0.09 3.04
CA GLY A 388 -22.35 1.31 3.43
C GLY A 388 -22.77 1.41 4.89
N ARG A 389 -23.91 2.04 5.15
CA ARG A 389 -24.47 2.14 6.49
C ARG A 389 -25.45 0.99 6.72
N GLY A 390 -25.57 0.10 5.72
CA GLY A 390 -26.42 -1.07 5.85
C GLY A 390 -26.02 -2.00 6.98
N THR A 391 -27.01 -2.46 7.74
CA THR A 391 -26.74 -3.36 8.86
C THR A 391 -26.23 -4.71 8.35
N ASP A 392 -25.25 -5.26 9.06
CA ASP A 392 -24.60 -6.52 8.69
C ASP A 392 -24.22 -7.23 9.98
N ASP A 393 -24.95 -8.27 10.33
CA ASP A 393 -24.76 -8.91 11.62
C ASP A 393 -23.50 -9.77 11.68
N VAL A 394 -23.04 -10.25 10.53
CA VAL A 394 -21.73 -10.90 10.47
C VAL A 394 -20.66 -9.94 10.95
N LEU A 395 -20.71 -8.71 10.45
CA LEU A 395 -19.75 -7.67 10.84
C LEU A 395 -19.93 -7.23 12.29
N ASN A 396 -21.18 -7.16 12.76
CA ASN A 396 -21.46 -6.84 14.15
C ASN A 396 -20.88 -7.89 15.11
N VAL A 397 -21.05 -9.16 14.75
CA VAL A 397 -20.49 -10.26 15.53
C VAL A 397 -18.96 -10.20 15.51
N LYS A 398 -18.38 -9.94 14.34
CA LYS A 398 -16.92 -9.80 14.24
C LYS A 398 -16.41 -8.61 15.05
N ASP A 399 -17.07 -7.46 14.92
CA ASP A 399 -16.64 -6.24 15.60
C ASP A 399 -16.66 -6.43 17.11
N VAL A 400 -17.69 -7.13 17.60
CA VAL A 400 -17.78 -7.45 19.02
C VAL A 400 -16.62 -8.36 19.48
N SER A 401 -16.19 -9.30 18.63
CA SER A 401 -15.05 -10.15 19.00
C SER A 401 -13.75 -9.34 19.03
N LEU A 402 -13.65 -8.36 18.14
CA LEU A 402 -12.49 -7.47 18.09
C LEU A 402 -12.41 -6.57 19.34
N ILE A 403 -13.57 -6.14 19.82
CA ILE A 403 -13.63 -5.37 21.05
C ILE A 403 -13.07 -6.19 22.21
N HIS A 404 -13.45 -7.46 22.27
CA HIS A 404 -12.87 -8.38 23.25
C HIS A 404 -11.37 -8.60 23.01
N TRP A 405 -10.99 -8.76 21.75
CA TRP A 405 -9.58 -8.95 21.39
C TRP A 405 -8.74 -7.77 21.87
N LEU A 406 -9.29 -6.57 21.74
CA LEU A 406 -8.61 -5.35 22.15
C LEU A 406 -8.62 -5.14 23.66
N HIS A 407 -9.46 -5.90 24.35
CA HIS A 407 -9.74 -5.71 25.78
C HIS A 407 -10.38 -4.35 26.04
N ALA A 408 -11.11 -3.85 25.04
CA ALA A 408 -11.99 -2.69 25.24
C ALA A 408 -13.24 -3.16 25.97
N ASN A 409 -14.02 -2.23 26.55
CA ASN A 409 -15.24 -2.64 27.24
C ASN A 409 -16.46 -1.83 26.82
N SER A 410 -16.29 -0.96 25.83
CA SER A 410 -17.33 0.01 25.52
C SER A 410 -17.20 0.69 24.17
N PHE A 411 -18.30 1.26 23.68
CA PHE A 411 -18.25 2.20 22.57
C PHE A 411 -19.45 3.15 22.58
N ARG A 412 -19.38 4.18 21.75
CA ARG A 412 -20.47 5.12 21.55
C ARG A 412 -21.05 4.95 20.15
N THR A 413 -22.37 5.05 20.02
CA THR A 413 -23.02 4.93 18.72
C THR A 413 -22.93 6.24 17.94
N SER A 414 -21.71 6.71 17.72
CA SER A 414 -21.49 7.88 16.89
C SER A 414 -21.88 7.57 15.45
N HIS A 415 -22.69 8.41 14.82
CA HIS A 415 -23.34 9.57 15.44
C HIS A 415 -24.84 9.46 15.23
N TYR A 416 -25.40 8.31 15.61
CA TYR A 416 -26.79 7.95 15.32
C TYR A 416 -27.07 6.64 16.00
N PRO A 417 -28.34 6.38 16.34
CA PRO A 417 -28.69 5.06 16.87
C PRO A 417 -28.35 3.95 15.87
N TYR A 418 -27.77 2.86 16.36
CA TYR A 418 -27.38 1.76 15.49
C TYR A 418 -28.54 0.81 15.28
N ALA A 419 -28.30 -0.26 14.51
CA ALA A 419 -29.29 -1.30 14.31
C ALA A 419 -29.54 -1.99 15.64
N GLU A 420 -30.80 -2.35 15.89
CA GLU A 420 -31.22 -2.94 17.15
C GLU A 420 -30.45 -4.23 17.52
N SER A 421 -30.07 -5.01 16.52
CA SER A 421 -29.37 -6.28 16.74
C SER A 421 -28.00 -6.10 17.41
N MET A 422 -27.38 -4.95 17.22
CA MET A 422 -26.07 -4.69 17.83
C MET A 422 -26.19 -4.53 19.34
N TYR A 423 -27.27 -3.93 19.81
CA TYR A 423 -27.48 -3.76 21.25
C TYR A 423 -27.77 -5.11 21.90
N ASP A 424 -28.56 -5.95 21.23
CA ASP A 424 -28.82 -7.31 21.71
C ASP A 424 -27.49 -8.06 21.85
N LEU A 425 -26.61 -7.85 20.87
CA LEU A 425 -25.30 -8.47 20.87
C LEU A 425 -24.44 -8.00 22.05
N CYS A 426 -24.47 -6.70 22.31
CA CYS A 426 -23.69 -6.15 23.42
C CYS A 426 -24.30 -6.50 24.77
N ASP A 427 -25.62 -6.65 24.81
CA ASP A 427 -26.29 -7.15 26.02
C ASP A 427 -25.71 -8.50 26.43
N ARG A 428 -25.56 -9.40 25.46
CA ARG A 428 -25.10 -10.75 25.77
C ARG A 428 -23.57 -10.85 25.86
N GLU A 429 -22.85 -9.87 25.33
CA GLU A 429 -21.39 -9.94 25.34
C GLU A 429 -20.75 -9.04 26.39
N GLY A 430 -21.56 -8.31 27.14
CA GLY A 430 -21.03 -7.52 28.24
C GLY A 430 -20.22 -6.30 27.81
N ILE A 431 -20.64 -5.67 26.73
CA ILE A 431 -20.01 -4.43 26.27
C ILE A 431 -20.94 -3.25 26.55
N VAL A 432 -20.38 -2.22 27.17
CA VAL A 432 -21.15 -1.05 27.57
C VAL A 432 -21.34 -0.06 26.40
N ILE A 433 -22.52 0.55 26.29
CA ILE A 433 -22.81 1.45 25.17
C ILE A 433 -23.24 2.84 25.61
N ILE A 434 -22.68 3.86 24.95
CA ILE A 434 -23.23 5.22 24.99
C ILE A 434 -24.08 5.47 23.74
N ASP A 435 -25.38 5.68 23.94
CA ASP A 435 -26.35 5.75 22.86
C ASP A 435 -26.61 7.19 22.44
N GLU A 436 -26.44 7.49 21.15
CA GLU A 436 -26.42 8.88 20.67
C GLU A 436 -27.42 9.13 19.52
N VAL A 437 -28.11 10.26 19.57
CA VAL A 437 -29.04 10.67 18.52
C VAL A 437 -28.29 11.37 17.38
N PRO A 438 -28.90 11.45 16.17
CA PRO A 438 -28.18 12.03 15.02
C PRO A 438 -28.06 13.55 15.04
N ALA A 439 -27.92 14.15 16.22
CA ALA A 439 -27.86 15.60 16.32
C ALA A 439 -26.43 16.07 16.15
N VAL A 440 -25.92 15.93 14.93
CA VAL A 440 -24.53 16.26 14.61
C VAL A 440 -24.51 17.35 13.53
N GLY A 441 -23.62 18.33 13.69
CA GLY A 441 -23.53 19.44 12.76
C GLY A 441 -24.36 20.65 13.17
N MET A 442 -24.81 20.68 14.42
CA MET A 442 -25.72 21.73 14.87
C MET A 442 -24.98 23.00 15.28
N SER A 443 -25.62 24.14 14.99
CA SER A 443 -25.13 25.43 15.47
C SER A 443 -26.31 26.37 15.68
N TRP A 444 -26.00 27.65 15.91
CA TRP A 444 -27.00 28.63 16.30
C TRP A 444 -28.14 28.79 15.29
N LEU A 445 -27.84 28.56 14.01
CA LEU A 445 -28.89 28.56 13.00
C LEU A 445 -29.96 27.51 13.28
N GLN A 446 -29.58 26.36 13.84
CA GLN A 446 -30.54 25.31 14.15
C GLN A 446 -31.33 25.58 15.44
N TYR A 447 -30.69 26.22 16.42
CA TYR A 447 -31.33 26.42 17.73
C TYR A 447 -32.56 27.33 17.63
N ALA A 448 -32.60 28.16 16.60
CA ALA A 448 -33.69 29.11 16.41
C ALA A 448 -34.80 28.56 15.52
N ASN A 449 -34.61 27.33 15.03
CA ASN A 449 -35.56 26.70 14.11
C ASN A 449 -36.41 25.69 14.87
N PRO A 450 -37.73 25.96 14.96
CA PRO A 450 -38.65 25.10 15.70
C PRO A 450 -38.77 23.69 15.11
N LEU A 451 -38.68 23.57 13.80
CA LEU A 451 -38.74 22.27 13.15
C LEU A 451 -37.56 21.39 13.60
N VAL A 452 -36.37 22.00 13.69
CA VAL A 452 -35.19 21.27 14.19
C VAL A 452 -35.39 20.80 15.62
N ALA A 453 -35.87 21.72 16.48
CA ALA A 453 -36.15 21.40 17.89
C ALA A 453 -37.10 20.21 18.03
N GLU A 454 -38.10 20.15 17.16
CA GLU A 454 -39.09 19.08 17.21
C GLU A 454 -38.50 17.76 16.72
N ARG A 455 -37.71 17.83 15.65
CA ARG A 455 -37.00 16.66 15.15
C ARG A 455 -36.00 16.13 16.18
N HIS A 456 -35.39 17.05 16.92
CA HIS A 456 -34.45 16.68 17.97
C HIS A 456 -35.14 15.98 19.13
N ARG A 457 -36.31 16.50 19.53
CA ARG A 457 -37.12 15.85 20.56
C ARG A 457 -37.63 14.49 20.09
N GLU A 458 -38.01 14.40 18.83
CA GLU A 458 -38.45 13.12 18.25
C GLU A 458 -37.36 12.06 18.32
N ALA A 459 -36.13 12.46 18.02
CA ALA A 459 -34.99 11.55 18.02
C ALA A 459 -34.67 11.05 19.43
N ILE A 460 -34.68 11.97 20.39
CA ILE A 460 -34.39 11.59 21.78
C ILE A 460 -35.45 10.64 22.33
N ARG A 461 -36.72 10.97 22.13
CA ARG A 461 -37.80 10.11 22.62
C ARG A 461 -37.83 8.79 21.87
N GLY A 462 -37.62 8.86 20.55
CA GLY A 462 -37.59 7.68 19.71
C GLY A 462 -36.46 6.73 20.08
N MET A 463 -35.27 7.27 20.30
CA MET A 463 -34.11 6.47 20.68
C MET A 463 -34.34 5.75 22.01
N ILE A 464 -34.79 6.52 23.00
CA ILE A 464 -34.97 5.99 24.35
C ILE A 464 -36.15 5.02 24.41
N ALA A 465 -37.22 5.31 23.67
CA ALA A 465 -38.36 4.41 23.60
C ALA A 465 -37.97 3.06 23.02
N ARG A 466 -37.08 3.10 22.02
CA ARG A 466 -36.59 1.88 21.37
C ARG A 466 -35.60 1.10 22.24
N ASP A 467 -34.71 1.81 22.92
CA ASP A 467 -33.50 1.19 23.48
C ASP A 467 -33.47 1.10 25.01
N LYS A 468 -34.55 1.54 25.66
CA LYS A 468 -34.59 1.67 27.12
C LYS A 468 -34.32 0.38 27.89
N ASN A 469 -34.66 -0.77 27.31
CA ASN A 469 -34.54 -2.04 28.02
C ASN A 469 -33.15 -2.70 28.00
N HIS A 470 -32.24 -2.16 27.20
CA HIS A 470 -30.88 -2.72 27.11
C HIS A 470 -30.03 -2.40 28.33
N PRO A 471 -29.57 -3.43 29.05
CA PRO A 471 -28.65 -3.24 30.17
C PRO A 471 -27.30 -2.66 29.74
N CYS A 472 -26.88 -2.93 28.49
CA CYS A 472 -25.57 -2.49 28.02
C CYS A 472 -25.48 -0.97 27.90
N ILE A 473 -26.61 -0.32 27.67
CA ILE A 473 -26.65 1.15 27.60
C ILE A 473 -26.57 1.78 28.99
N VAL A 474 -25.54 2.58 29.23
CA VAL A 474 -25.38 3.22 30.55
C VAL A 474 -25.49 4.74 30.52
N MET A 475 -25.55 5.32 29.33
CA MET A 475 -25.57 6.77 29.18
C MET A 475 -26.15 7.18 27.83
N TRP A 476 -26.82 8.33 27.80
CA TRP A 476 -27.37 8.90 26.57
C TRP A 476 -26.57 10.12 26.12
N SER A 477 -26.38 10.27 24.82
CA SER A 477 -25.76 11.47 24.25
C SER A 477 -26.76 12.20 23.37
N ILE A 478 -27.01 13.47 23.66
CA ILE A 478 -28.04 14.23 22.95
C ILE A 478 -27.52 15.05 21.77
N ALA A 479 -26.20 15.08 21.60
CA ALA A 479 -25.59 15.73 20.43
C ALA A 479 -24.11 15.41 20.33
N ASN A 480 -23.58 15.50 19.11
CA ASN A 480 -22.14 15.48 18.89
C ASN A 480 -21.60 16.78 18.32
N GLU A 481 -20.70 17.40 19.08
CA GLU A 481 -20.00 18.62 18.67
C GLU A 481 -20.91 19.77 18.16
N PRO A 482 -21.96 20.12 18.91
CA PRO A 482 -22.71 21.32 18.53
C PRO A 482 -21.95 22.59 18.93
N GLY A 483 -22.30 23.73 18.34
CA GLY A 483 -21.71 25.00 18.75
C GLY A 483 -22.24 25.44 20.11
N LEU A 484 -21.33 25.65 21.06
CA LEU A 484 -21.69 25.97 22.45
C LEU A 484 -21.01 27.22 22.99
N ASP A 485 -19.97 27.66 22.30
CA ASP A 485 -19.08 28.69 22.86
C ASP A 485 -19.13 29.98 22.08
N GLY A 486 -18.27 30.91 22.45
CA GLY A 486 -18.22 32.20 21.79
C GLY A 486 -18.59 33.31 22.76
N ASP A 487 -18.88 34.47 22.21
CA ASP A 487 -19.21 35.65 23.00
C ASP A 487 -20.66 36.11 22.76
N GLY A 488 -21.05 37.18 23.45
CA GLY A 488 -22.41 37.68 23.39
C GLY A 488 -23.40 36.69 23.97
N GLU A 489 -24.52 36.47 23.27
CA GLU A 489 -25.57 35.58 23.75
C GLU A 489 -25.42 34.13 23.27
N ARG A 490 -24.40 33.87 22.46
CA ARG A 490 -24.24 32.54 21.86
C ARG A 490 -24.13 31.38 22.88
N PRO A 491 -23.30 31.52 23.93
CA PRO A 491 -23.31 30.43 24.93
C PRO A 491 -24.67 30.21 25.59
N ARG A 492 -25.34 31.30 25.95
CA ARG A 492 -26.66 31.23 26.57
C ARG A 492 -27.74 30.66 25.65
N GLN A 493 -27.67 31.01 24.38
CA GLN A 493 -28.60 30.48 23.38
C GLN A 493 -28.44 28.97 23.24
N ALA A 494 -27.20 28.50 23.22
CA ALA A 494 -26.93 27.07 23.14
C ALA A 494 -27.44 26.37 24.39
N TYR A 495 -27.13 26.94 25.56
CA TYR A 495 -27.61 26.39 26.83
C TYR A 495 -29.13 26.26 26.86
N ASP A 496 -29.82 27.31 26.44
CA ASP A 496 -31.28 27.32 26.48
C ASP A 496 -31.89 26.31 25.51
N TYR A 497 -31.18 25.98 24.45
CA TYR A 497 -31.65 24.95 23.53
C TYR A 497 -31.46 23.55 24.10
N PHE A 498 -30.31 23.31 24.71
CA PHE A 498 -29.96 21.95 25.13
C PHE A 498 -30.48 21.54 26.50
N ARG A 499 -30.62 22.48 27.42
CA ARG A 499 -31.10 22.14 28.77
C ARG A 499 -32.45 21.40 28.78
N PRO A 500 -33.45 21.85 27.98
CA PRO A 500 -34.68 21.05 28.01
C PRO A 500 -34.56 19.69 27.33
N LEU A 501 -33.55 19.50 26.48
CA LEU A 501 -33.32 18.21 25.87
C LEU A 501 -32.64 17.27 26.85
N TYR A 502 -31.76 17.84 27.68
CA TYR A 502 -31.18 17.12 28.80
C TYR A 502 -32.29 16.63 29.74
N GLU A 503 -33.22 17.53 30.05
CA GLU A 503 -34.34 17.22 30.92
C GLU A 503 -35.28 16.20 30.28
N LEU A 504 -35.51 16.34 28.98
CA LEU A 504 -36.36 15.39 28.24
C LEU A 504 -35.78 13.97 28.27
N ALA A 505 -34.47 13.86 28.09
CA ALA A 505 -33.80 12.57 28.11
C ALA A 505 -33.94 11.90 29.47
N HIS A 506 -33.79 12.69 30.54
CA HIS A 506 -33.99 12.18 31.88
C HIS A 506 -35.45 11.75 32.12
N ALA A 507 -36.39 12.55 31.63
CA ALA A 507 -37.81 12.25 31.80
C ALA A 507 -38.27 11.02 31.01
N SER A 508 -37.63 10.78 29.86
CA SER A 508 -38.06 9.71 28.97
C SER A 508 -37.56 8.35 29.41
N ASP A 509 -36.45 8.32 30.12
CA ASP A 509 -35.80 7.06 30.48
C ASP A 509 -36.22 6.60 31.87
N PRO A 510 -36.96 5.48 31.93
CA PRO A 510 -37.43 4.97 33.22
C PRO A 510 -36.27 4.59 34.15
N GLN A 511 -35.12 4.25 33.58
CA GLN A 511 -33.94 3.90 34.38
C GLN A 511 -33.17 5.13 34.84
N ASN A 512 -33.49 6.28 34.24
CA ASN A 512 -32.85 7.55 34.61
C ASN A 512 -31.32 7.52 34.51
N ARG A 513 -30.80 7.00 33.41
CA ARG A 513 -29.35 6.97 33.18
C ARG A 513 -28.78 8.38 32.98
N PRO A 514 -27.47 8.56 33.23
CA PRO A 514 -26.83 9.85 33.00
C PRO A 514 -26.96 10.32 31.55
N VAL A 515 -26.91 11.63 31.36
CA VAL A 515 -27.07 12.23 30.04
C VAL A 515 -25.85 13.08 29.77
N THR A 516 -25.33 13.02 28.55
CA THR A 516 -24.17 13.82 28.21
C THR A 516 -24.37 14.46 26.86
N LEU A 517 -23.41 15.28 26.47
CA LEU A 517 -23.41 15.94 25.19
C LEU A 517 -21.96 15.93 24.78
N VAL A 518 -21.67 15.43 23.59
CA VAL A 518 -20.28 15.28 23.20
C VAL A 518 -19.75 16.59 22.62
N CYS A 519 -18.77 17.16 23.33
CA CYS A 519 -18.30 18.52 23.10
C CYS A 519 -17.11 18.55 22.15
N CYS A 520 -17.17 19.44 21.18
CA CYS A 520 -16.05 19.64 20.27
C CYS A 520 -14.94 20.44 20.93
N GLN A 521 -13.75 20.37 20.33
CA GLN A 521 -12.61 21.15 20.79
C GLN A 521 -12.88 22.64 20.63
N ASN A 522 -13.21 23.31 21.73
CA ASN A 522 -13.64 24.69 21.67
C ASN A 522 -13.03 25.56 22.76
N ASP A 523 -13.56 26.76 22.93
CA ASP A 523 -13.19 27.64 24.03
C ASP A 523 -13.95 27.21 25.28
N TYR A 524 -13.35 26.31 26.05
CA TYR A 524 -13.99 25.76 27.24
C TYR A 524 -14.30 26.81 28.31
N THR A 525 -13.67 27.98 28.25
CA THR A 525 -13.95 29.03 29.23
C THR A 525 -15.25 29.78 28.96
N THR A 526 -15.72 29.78 27.72
CA THR A 526 -16.98 30.47 27.41
C THR A 526 -18.14 29.51 27.19
N ASP A 527 -17.83 28.23 26.98
CA ASP A 527 -18.84 27.19 26.92
C ASP A 527 -19.49 27.07 28.30
N ILE A 528 -20.80 27.28 28.37
CA ILE A 528 -21.51 27.17 29.64
C ILE A 528 -22.46 25.98 29.65
N THR A 529 -22.45 25.16 28.61
CA THR A 529 -23.40 24.04 28.55
C THR A 529 -22.78 22.70 29.00
N GLU A 530 -21.61 22.37 28.45
CA GLU A 530 -20.99 21.06 28.66
C GLU A 530 -20.77 20.71 30.14
N ARG A 531 -20.37 21.70 30.93
CA ARG A 531 -20.08 21.47 32.34
C ARG A 531 -21.34 21.18 33.19
N THR A 532 -22.54 21.33 32.61
CA THR A 532 -23.78 20.95 33.31
C THR A 532 -24.28 19.55 32.98
N MET A 533 -23.57 18.84 32.12
CA MET A 533 -24.00 17.48 31.81
C MET A 533 -23.60 16.56 32.95
N ASP A 534 -24.17 15.35 32.99
CA ASP A 534 -23.94 14.41 34.08
C ASP A 534 -22.52 13.84 34.00
N VAL A 535 -22.07 13.61 32.78
CA VAL A 535 -20.68 13.26 32.52
C VAL A 535 -20.15 14.21 31.44
N VAL A 536 -18.94 14.72 31.65
CA VAL A 536 -18.31 15.58 30.64
C VAL A 536 -17.60 14.71 29.61
N CYS A 537 -18.05 14.80 28.35
CA CYS A 537 -17.47 14.01 27.27
C CYS A 537 -16.78 14.92 26.28
N ILE A 538 -15.47 14.79 26.13
CA ILE A 538 -14.74 15.74 25.31
C ILE A 538 -14.02 15.08 24.13
N ASN A 539 -14.09 15.77 23.00
CA ASN A 539 -13.39 15.39 21.78
C ASN A 539 -12.19 16.31 21.61
N ARG A 540 -10.98 15.77 21.71
CA ARG A 540 -9.79 16.62 21.67
C ARG A 540 -8.73 16.07 20.73
N TYR A 541 -8.13 16.96 19.96
CA TYR A 541 -7.18 16.57 18.93
C TYR A 541 -5.91 17.41 19.02
N TYR A 542 -5.48 17.65 20.26
CA TYR A 542 -4.18 18.26 20.52
C TYR A 542 -3.08 17.46 19.85
N GLY A 543 -2.27 18.12 19.03
CA GLY A 543 -1.22 17.44 18.30
C GLY A 543 -1.60 16.93 16.91
N TRP A 544 -2.88 17.00 16.56
CA TRP A 544 -3.28 16.66 15.19
C TRP A 544 -3.82 17.87 14.43
N TYR A 545 -4.99 18.37 14.84
CA TYR A 545 -5.58 19.54 14.19
C TYR A 545 -4.98 20.85 14.69
N ASN A 546 -4.26 20.77 15.79
CA ASN A 546 -3.50 21.91 16.31
C ASN A 546 -2.19 21.39 16.87
N LEU A 547 -1.20 22.28 17.03
CA LEU A 547 0.12 21.89 17.49
C LEU A 547 0.60 20.67 16.71
N SER A 548 0.39 20.70 15.40
CA SER A 548 0.45 19.51 14.57
C SER A 548 1.80 18.80 14.64
N GLY A 549 1.78 17.56 15.09
CA GLY A 549 2.97 16.74 15.15
C GLY A 549 3.86 16.95 16.36
N ASP A 550 3.55 17.96 17.18
CA ASP A 550 4.35 18.27 18.35
C ASP A 550 3.70 17.69 19.61
N LEU A 551 4.13 16.50 20.01
CA LEU A 551 3.44 15.79 21.08
C LEU A 551 3.77 16.40 22.45
N ASP A 552 4.96 16.98 22.59
CA ASP A 552 5.31 17.70 23.81
C ASP A 552 4.36 18.88 24.03
N ALA A 553 4.18 19.68 22.99
CA ALA A 553 3.31 20.85 23.09
C ALA A 553 1.85 20.43 23.24
N ALA A 554 1.48 19.36 22.56
CA ALA A 554 0.14 18.80 22.64
C ALA A 554 -0.21 18.39 24.07
N CYS A 555 0.73 17.72 24.73
CA CYS A 555 0.51 17.26 26.10
C CYS A 555 0.48 18.44 27.06
N HIS A 556 1.27 19.47 26.76
CA HIS A 556 1.27 20.68 27.57
C HIS A 556 -0.09 21.38 27.49
N ALA A 557 -0.62 21.51 26.29
CA ALA A 557 -1.92 22.12 26.08
C ALA A 557 -3.03 21.30 26.74
N LEU A 558 -2.98 19.99 26.55
CA LEU A 558 -3.93 19.07 27.17
C LEU A 558 -3.97 19.25 28.69
N ASN A 559 -2.80 19.28 29.31
CA ASN A 559 -2.72 19.41 30.77
C ASN A 559 -3.30 20.74 31.26
N ILE A 560 -3.14 21.79 30.47
CA ILE A 560 -3.75 23.09 30.79
C ILE A 560 -5.27 22.98 30.79
N GLU A 561 -5.86 22.32 29.80
CA GLU A 561 -7.31 22.15 29.81
C GLU A 561 -7.73 21.17 30.91
N LEU A 562 -6.90 20.17 31.19
CA LEU A 562 -7.22 19.24 32.26
C LEU A 562 -7.23 19.92 33.62
N ASP A 563 -6.37 20.92 33.79
CA ASP A 563 -6.33 21.70 35.04
C ASP A 563 -7.66 22.43 35.23
N PHE A 564 -8.24 22.86 34.12
CA PHE A 564 -9.57 23.47 34.12
C PHE A 564 -10.66 22.47 34.54
N TRP A 565 -10.68 21.30 33.94
CA TRP A 565 -11.74 20.33 34.21
C TRP A 565 -11.65 19.72 35.60
N GLU A 566 -10.45 19.73 36.17
CA GLU A 566 -10.21 19.23 37.52
C GLU A 566 -11.06 19.97 38.55
N ASN A 567 -11.21 21.27 38.34
CA ASN A 567 -11.94 22.14 39.25
C ASN A 567 -13.45 22.11 39.02
N ILE A 568 -13.88 21.74 37.82
CA ILE A 568 -15.31 21.65 37.50
C ILE A 568 -16.02 20.60 38.36
N GLY A 569 -15.29 19.54 38.72
CA GLY A 569 -15.81 18.54 39.65
C GLY A 569 -16.85 17.61 39.06
N LYS A 570 -16.86 17.48 37.74
CA LYS A 570 -17.68 16.48 37.08
C LYS A 570 -16.76 15.34 36.63
N PRO A 571 -17.30 14.13 36.48
CA PRO A 571 -16.46 13.09 35.88
C PRO A 571 -16.22 13.41 34.40
N VAL A 572 -15.01 13.16 33.91
CA VAL A 572 -14.65 13.54 32.55
C VAL A 572 -14.07 12.36 31.79
N MET A 573 -14.42 12.24 30.51
CA MET A 573 -13.82 11.22 29.64
C MET A 573 -13.60 11.73 28.23
N PHE A 574 -12.68 11.09 27.53
CA PHE A 574 -12.52 11.28 26.09
C PHE A 574 -13.64 10.54 25.37
N THR A 575 -14.27 11.17 24.39
CA THR A 575 -15.12 10.43 23.45
C THR A 575 -14.52 10.43 22.05
N GLU A 576 -13.57 11.33 21.81
CA GLU A 576 -12.76 11.31 20.58
C GLU A 576 -11.35 11.83 20.82
N TYR A 577 -10.37 11.10 20.28
CA TYR A 577 -9.03 11.65 20.03
C TYR A 577 -8.30 10.67 19.14
N GLY A 578 -7.45 11.19 18.26
CA GLY A 578 -6.73 10.32 17.36
C GLY A 578 -6.02 11.04 16.22
N ALA A 579 -5.58 10.26 15.25
CA ALA A 579 -4.70 10.76 14.21
C ALA A 579 -4.86 9.90 12.97
N ASP A 580 -5.03 10.53 11.80
CA ASP A 580 -5.18 9.76 10.57
C ASP A 580 -3.93 8.94 10.32
N THR A 581 -4.11 7.70 9.87
CA THR A 581 -3.01 6.76 9.82
C THR A 581 -3.17 5.80 8.65
N ILE A 582 -2.23 5.87 7.71
CA ILE A 582 -2.25 4.98 6.56
C ILE A 582 -1.41 3.75 6.90
N GLU A 583 -2.06 2.59 6.96
CA GLU A 583 -1.35 1.35 7.27
C GLU A 583 -0.25 1.14 6.24
N GLY A 584 0.94 0.80 6.70
CA GLY A 584 2.07 0.59 5.81
C GLY A 584 3.02 1.78 5.73
N ILE A 585 2.55 2.95 6.12
CA ILE A 585 3.45 4.10 6.24
C ILE A 585 4.22 4.01 7.56
N HIS A 586 5.54 3.95 7.44
CA HIS A 586 6.40 3.76 8.61
C HIS A 586 7.52 4.78 8.66
N GLY A 587 8.03 5.02 9.87
CA GLY A 587 9.19 5.87 10.08
C GLY A 587 9.83 5.55 11.42
N THR A 588 11.14 5.77 11.50
CA THR A 588 11.85 5.59 12.77
C THR A 588 11.46 6.69 13.75
N HIS A 589 11.18 7.88 13.21
CA HIS A 589 10.62 8.97 14.00
C HIS A 589 9.28 9.34 13.37
N GLY A 590 8.22 8.70 13.86
CA GLY A 590 6.93 8.73 13.18
C GLY A 590 6.34 10.11 13.00
N GLU A 591 6.09 10.47 11.74
CA GLU A 591 5.42 11.73 11.42
C GLU A 591 3.95 11.45 11.16
N MET A 592 3.16 12.50 11.11
CA MET A 592 1.72 12.38 10.86
C MET A 592 1.41 11.52 9.64
N PHE A 593 0.48 10.59 9.84
CA PHE A 593 -0.02 9.57 8.89
C PHE A 593 0.74 8.24 8.99
N SER A 594 1.85 8.22 9.72
CA SER A 594 2.59 6.97 9.93
C SER A 594 1.96 6.14 11.04
N GLU A 595 2.16 4.82 10.99
CA GLU A 595 1.66 3.94 12.04
C GLU A 595 2.30 4.28 13.39
N GLU A 596 3.59 4.65 13.35
CA GLU A 596 4.33 4.99 14.56
C GLU A 596 3.78 6.22 15.27
N PHE A 597 3.45 7.25 14.50
CA PHE A 597 2.92 8.47 15.09
C PHE A 597 1.61 8.22 15.81
N GLN A 598 0.75 7.39 15.22
CA GLN A 598 -0.52 7.05 15.85
C GLN A 598 -0.28 6.34 17.19
N ARG A 599 0.68 5.42 17.21
CA ARG A 599 1.05 4.74 18.44
C ARG A 599 1.60 5.71 19.49
N ASP A 600 2.53 6.57 19.06
CA ASP A 600 3.15 7.57 19.94
C ASP A 600 2.09 8.51 20.49
N TYR A 601 1.14 8.84 19.63
CA TYR A 601 0.06 9.75 19.98
C TYR A 601 -0.71 9.26 21.20
N TYR A 602 -1.21 8.02 21.11
CA TYR A 602 -1.98 7.47 22.23
C TYR A 602 -1.12 7.23 23.47
N ALA A 603 0.15 6.88 23.25
CA ALA A 603 1.05 6.62 24.36
C ALA A 603 1.31 7.88 25.18
N ARG A 604 1.52 9.01 24.51
CA ARG A 604 1.78 10.28 25.19
C ARG A 604 0.52 10.82 25.86
N ILE A 605 -0.60 10.77 25.14
CA ILE A 605 -1.85 11.30 25.68
C ILE A 605 -2.35 10.49 26.88
N ASN A 606 -2.33 9.16 26.76
CA ASN A 606 -2.86 8.31 27.82
C ASN A 606 -2.03 8.40 29.10
N ALA A 607 -0.75 8.67 28.96
CA ALA A 607 0.11 8.84 30.13
C ALA A 607 -0.31 10.06 30.94
N GLU A 608 -0.82 11.08 30.25
CA GLU A 608 -1.26 12.30 30.91
C GLU A 608 -2.58 12.13 31.66
N ILE A 609 -3.54 11.43 31.04
CA ILE A 609 -4.84 11.28 31.69
C ILE A 609 -4.78 10.26 32.82
N ASP A 610 -3.78 9.37 32.77
CA ASP A 610 -3.58 8.42 33.87
C ASP A 610 -3.26 9.13 35.19
N LYS A 611 -2.82 10.37 35.11
CA LYS A 611 -2.48 11.15 36.31
C LYS A 611 -3.69 11.87 36.93
N ARG A 612 -4.85 11.76 36.28
CA ARG A 612 -6.07 12.45 36.74
C ARG A 612 -7.12 11.45 37.23
N PRO A 613 -7.38 11.44 38.54
CA PRO A 613 -8.29 10.48 39.18
C PRO A 613 -9.75 10.67 38.77
N TRP A 614 -10.10 11.90 38.37
CA TRP A 614 -11.47 12.23 37.96
C TRP A 614 -11.72 11.94 36.48
N PHE A 615 -10.70 11.43 35.79
CA PHE A 615 -10.81 11.13 34.35
C PHE A 615 -11.16 9.66 34.22
N ILE A 616 -12.41 9.39 33.85
CA ILE A 616 -12.99 8.06 34.04
C ILE A 616 -13.14 7.23 32.77
N GLY A 617 -12.54 7.68 31.67
CA GLY A 617 -12.67 6.90 30.46
C GLY A 617 -11.93 7.43 29.25
N GLU A 618 -11.52 6.50 28.39
CA GLU A 618 -10.85 6.84 27.15
C GLU A 618 -11.54 6.16 25.98
N GLN A 619 -12.34 6.93 25.26
CA GLN A 619 -12.90 6.42 24.02
C GLN A 619 -12.26 7.21 22.89
N LEU A 620 -11.49 6.50 22.06
CA LEU A 620 -10.77 7.16 21.00
C LEU A 620 -11.59 7.25 19.72
N TRP A 621 -11.03 7.93 18.73
CA TRP A 621 -11.60 8.03 17.40
C TRP A 621 -10.57 7.50 16.42
N ASN A 622 -10.86 6.45 15.65
CA ASN A 622 -12.12 5.69 15.61
C ASN A 622 -11.79 4.20 15.75
N PHE A 623 -12.82 3.36 15.94
CA PHE A 623 -12.66 1.91 15.90
C PHE A 623 -12.01 1.48 14.57
N ALA A 624 -12.55 1.97 13.46
CA ALA A 624 -12.10 1.54 12.13
C ALA A 624 -12.23 2.64 11.09
N ASP A 625 -11.33 2.66 10.10
CA ASP A 625 -11.43 3.61 9.00
C ASP A 625 -12.81 3.52 8.36
N PHE A 626 -13.35 4.66 7.94
CA PHE A 626 -14.71 4.68 7.41
C PHE A 626 -14.85 5.70 6.28
N ALA A 627 -15.90 5.56 5.49
CA ALA A 627 -16.10 6.39 4.30
C ALA A 627 -16.61 7.79 4.66
N THR A 628 -16.11 8.79 3.94
CA THR A 628 -16.55 10.16 4.11
C THR A 628 -16.81 10.79 2.75
N PHE A 629 -17.36 11.99 2.75
CA PHE A 629 -17.33 12.84 1.58
C PHE A 629 -15.88 13.11 1.21
N GLN A 630 -15.58 13.19 -0.09
CA GLN A 630 -14.19 13.37 -0.53
C GLN A 630 -13.72 14.79 -0.21
N GLY A 631 -12.42 14.93 0.03
CA GLY A 631 -11.85 16.22 0.37
C GLY A 631 -10.35 16.08 0.59
N ILE A 632 -9.64 17.19 0.69
CA ILE A 632 -8.17 17.16 0.72
C ILE A 632 -7.56 16.58 2.00
N ILE A 633 -8.36 16.46 3.06
CA ILE A 633 -7.84 15.83 4.27
C ILE A 633 -8.41 14.42 4.49
N ARG A 634 -9.10 13.89 3.48
CA ARG A 634 -9.71 12.57 3.60
C ARG A 634 -9.14 11.60 2.56
N VAL A 635 -8.18 10.79 3.00
CA VAL A 635 -7.49 9.85 2.13
C VAL A 635 -8.28 8.56 2.03
N GLU A 636 -9.16 8.49 1.04
CA GLU A 636 -10.15 7.42 0.91
C GLU A 636 -10.97 7.33 2.20
N GLY A 637 -11.45 8.49 2.66
CA GLY A 637 -12.26 8.56 3.86
C GLY A 637 -11.49 8.99 5.08
N ASN A 638 -12.05 8.70 6.25
CA ASN A 638 -11.42 9.04 7.51
C ASN A 638 -10.52 7.90 7.93
N ARG A 639 -9.24 8.17 8.11
CA ARG A 639 -8.26 7.14 8.39
C ARG A 639 -7.77 7.14 9.84
N LYS A 640 -8.60 7.63 10.76
CA LYS A 640 -8.25 7.65 12.18
C LYS A 640 -8.54 6.32 12.89
N GLY A 641 -9.05 5.34 12.14
CA GLY A 641 -9.24 4.01 12.69
C GLY A 641 -7.96 3.39 13.25
N ILE A 642 -8.07 2.70 14.38
CA ILE A 642 -6.96 1.89 14.87
C ILE A 642 -6.98 0.56 14.13
N LEU A 643 -8.12 0.28 13.49
CA LEU A 643 -8.22 -0.78 12.51
C LEU A 643 -8.44 -0.21 11.11
N THR A 644 -8.04 -0.96 10.09
CA THR A 644 -8.41 -0.64 8.72
C THR A 644 -9.91 -0.84 8.54
N ARG A 645 -10.44 -0.40 7.40
CA ARG A 645 -11.85 -0.58 7.09
C ARG A 645 -12.19 -2.06 7.02
N ASP A 646 -11.19 -2.88 6.70
CA ASP A 646 -11.34 -4.33 6.68
C ASP A 646 -11.03 -4.94 8.05
N ARG A 647 -11.01 -4.11 9.10
CA ARG A 647 -10.90 -4.58 10.48
C ARG A 647 -9.54 -5.19 10.81
N GLN A 648 -8.49 -4.75 10.12
CA GLN A 648 -7.14 -5.21 10.43
C GLN A 648 -6.43 -4.23 11.33
N PRO A 649 -5.63 -4.74 12.27
CA PRO A 649 -5.03 -3.90 13.31
C PRO A 649 -3.78 -3.14 12.87
N LYS A 650 -3.80 -1.82 13.02
CA LYS A 650 -2.62 -0.99 12.82
C LYS A 650 -1.74 -1.13 14.06
N MET A 651 -0.52 -0.59 14.01
CA MET A 651 0.41 -0.68 15.13
C MET A 651 -0.19 -0.20 16.45
N ALA A 652 -0.93 0.91 16.39
CA ALA A 652 -1.52 1.47 17.60
C ALA A 652 -2.51 0.51 18.26
N ALA A 653 -3.23 -0.27 17.46
CA ALA A 653 -4.19 -1.24 17.98
C ALA A 653 -3.50 -2.29 18.87
N HIS A 654 -2.33 -2.76 18.46
CA HIS A 654 -1.57 -3.71 19.26
C HIS A 654 -1.12 -3.09 20.58
N TRP A 655 -0.68 -1.84 20.51
CA TRP A 655 -0.23 -1.13 21.70
C TRP A 655 -1.39 -0.88 22.66
N LEU A 656 -2.53 -0.47 22.12
CA LEU A 656 -3.72 -0.21 22.91
C LEU A 656 -4.25 -1.49 23.55
N ARG A 657 -4.15 -2.59 22.82
CA ARG A 657 -4.57 -3.89 23.31
C ARG A 657 -3.76 -4.29 24.54
N GLU A 658 -2.45 -4.00 24.49
CA GLU A 658 -1.56 -4.30 25.60
C GLU A 658 -1.85 -3.41 26.82
N ARG A 659 -2.14 -2.15 26.57
CA ARG A 659 -2.50 -1.22 27.64
C ARG A 659 -3.82 -1.62 28.29
N TRP A 660 -4.83 -1.86 27.48
CA TRP A 660 -6.16 -2.19 27.98
C TRP A 660 -6.23 -3.53 28.69
N ALA A 661 -5.36 -4.47 28.29
CA ALA A 661 -5.28 -5.76 28.97
C ALA A 661 -4.92 -5.58 30.45
N GLY A 662 -4.19 -4.51 30.75
CA GLY A 662 -3.76 -4.23 32.11
C GLY A 662 -4.65 -3.26 32.86
N ILE A 663 -5.78 -2.88 32.28
CA ILE A 663 -6.69 -1.97 32.95
C ILE A 663 -8.03 -2.66 33.21
N PRO A 664 -8.39 -2.80 34.50
CA PRO A 664 -9.63 -3.48 34.90
C PRO A 664 -10.86 -2.60 34.69
N ASP A 665 -12.00 -3.23 34.43
CA ASP A 665 -13.26 -2.53 34.25
C ASP A 665 -13.64 -1.73 35.50
N TYR A 666 -13.40 -2.31 36.67
CA TYR A 666 -13.70 -1.65 37.94
C TYR A 666 -12.44 -1.35 38.77
N GLY A 667 -12.41 -0.17 39.37
CA GLY A 667 -11.38 0.15 40.34
C GLY A 667 -10.03 0.61 39.83
N TYR A 668 -9.91 0.92 38.55
CA TYR A 668 -8.67 1.44 38.01
C TYR A 668 -8.33 2.75 38.68
N LYS A 669 -9.36 3.55 38.96
CA LYS A 669 -9.17 4.85 39.60
C LYS A 669 -10.06 4.99 40.83
N ASN B 1 -35.96 -35.38 -5.20
CA ASN B 1 -35.00 -34.82 -6.16
C ASN B 1 -35.25 -33.33 -6.40
N GLY B 2 -36.50 -32.91 -6.49
CA GLY B 2 -36.79 -31.50 -6.66
C GLY B 2 -36.41 -30.75 -5.39
N MET B 3 -35.84 -29.56 -5.57
CA MET B 3 -35.49 -28.70 -4.44
C MET B 3 -35.82 -27.25 -4.78
N LEU B 4 -37.09 -27.00 -5.11
CA LEU B 4 -37.57 -25.66 -5.44
C LEU B 4 -37.29 -24.71 -4.29
N TYR B 5 -36.89 -23.48 -4.60
CA TYR B 5 -36.61 -22.54 -3.53
C TYR B 5 -37.90 -22.17 -2.82
N PRO B 6 -37.86 -22.15 -1.47
CA PRO B 6 -39.05 -21.87 -0.65
C PRO B 6 -39.74 -20.56 -1.03
N GLN B 7 -41.07 -20.63 -1.10
CA GLN B 7 -41.88 -19.55 -1.63
C GLN B 7 -43.06 -19.24 -0.74
N SER B 8 -43.46 -17.96 -0.69
CA SER B 8 -44.67 -17.56 0.02
C SER B 8 -45.75 -17.14 -0.96
N ASN B 9 -46.95 -17.71 -0.77
CA ASN B 9 -48.13 -17.38 -1.57
C ASN B 9 -49.36 -17.76 -0.77
N ASP B 10 -50.53 -17.92 -1.40
CA ASP B 10 -51.73 -18.15 -0.61
C ASP B 10 -51.74 -19.55 0.00
N SER B 11 -50.93 -20.44 -0.55
CA SER B 11 -50.89 -21.82 -0.06
C SER B 11 -49.61 -22.13 0.74
N ARG B 12 -48.62 -21.26 0.66
CA ARG B 12 -47.31 -21.54 1.25
C ARG B 12 -46.76 -20.34 2.02
N ILE B 13 -46.06 -20.61 3.11
CA ILE B 13 -45.36 -19.56 3.84
C ILE B 13 -43.93 -20.01 4.18
N VAL B 14 -43.02 -19.05 4.18
CA VAL B 14 -41.62 -19.28 4.55
C VAL B 14 -41.29 -18.53 5.83
N PHE B 15 -40.66 -19.22 6.78
CA PHE B 15 -40.20 -18.60 8.01
C PHE B 15 -38.69 -18.70 8.11
N PRO B 16 -38.00 -17.60 7.80
CA PRO B 16 -36.52 -17.55 7.84
C PRO B 16 -35.96 -17.74 9.25
N LEU B 17 -34.86 -18.48 9.36
CA LEU B 17 -34.24 -18.75 10.66
C LEU B 17 -32.84 -18.12 10.75
N ASP B 18 -32.55 -17.23 9.80
CA ASP B 18 -31.31 -16.45 9.83
C ASP B 18 -31.25 -15.52 11.04
N GLY B 19 -30.04 -15.12 11.41
CA GLY B 19 -29.86 -14.19 12.51
C GLY B 19 -28.59 -14.52 13.27
N VAL B 20 -28.55 -14.13 14.54
CA VAL B 20 -27.41 -14.43 15.39
C VAL B 20 -27.68 -15.65 16.25
N TRP B 21 -27.03 -16.76 15.92
CA TRP B 21 -27.22 -18.03 16.63
C TRP B 21 -26.22 -18.19 17.76
N ASP B 22 -26.41 -19.23 18.57
CA ASP B 22 -25.41 -19.66 19.54
C ASP B 22 -24.43 -20.62 18.87
N PHE B 23 -23.22 -20.71 19.42
CA PHE B 23 -22.13 -21.38 18.72
C PHE B 23 -21.03 -21.81 19.69
N ARG B 24 -20.53 -23.03 19.49
CA ARG B 24 -19.37 -23.54 20.21
C ARG B 24 -18.50 -24.32 19.23
N THR B 25 -17.18 -24.24 19.42
CA THR B 25 -16.27 -25.16 18.74
C THR B 25 -16.34 -26.52 19.41
N ALA B 26 -16.05 -27.58 18.67
CA ALA B 26 -16.02 -28.90 19.27
C ALA B 26 -14.73 -29.62 18.90
N GLY B 27 -14.80 -30.95 18.80
CA GLY B 27 -13.60 -31.75 18.65
C GLY B 27 -13.16 -32.02 17.23
N GLU B 28 -11.97 -32.60 17.11
CA GLU B 28 -11.40 -32.93 15.80
C GLU B 28 -12.21 -34.00 15.08
N ASP B 29 -12.85 -34.90 15.81
CA ASP B 29 -13.66 -35.93 15.17
C ASP B 29 -14.91 -36.31 15.95
N SER B 30 -15.31 -35.46 16.91
CA SER B 30 -16.57 -35.65 17.63
C SER B 30 -17.08 -34.33 18.21
N TYR B 31 -18.31 -34.37 18.72
CA TYR B 31 -18.91 -33.27 19.43
C TYR B 31 -19.86 -33.84 20.48
N PRO B 32 -20.13 -33.09 21.55
CA PRO B 32 -21.03 -33.64 22.58
C PRO B 32 -22.47 -33.74 22.09
N ALA B 33 -22.96 -34.97 21.95
CA ALA B 33 -24.32 -35.19 21.46
C ALA B 33 -25.38 -34.57 22.39
N GLU B 34 -25.04 -34.42 23.67
CA GLU B 34 -26.00 -33.87 24.63
C GLU B 34 -26.21 -32.37 24.43
N TRP B 35 -25.40 -31.74 23.59
CA TRP B 35 -25.59 -30.33 23.26
C TRP B 35 -26.90 -30.12 22.48
N ALA B 36 -27.44 -31.18 21.91
CA ALA B 36 -28.72 -31.10 21.21
C ALA B 36 -29.92 -31.08 22.16
N ASP B 37 -29.70 -31.44 23.43
CA ASP B 37 -30.79 -31.62 24.39
C ASP B 37 -31.09 -30.38 25.20
N ALA B 38 -30.15 -29.46 25.24
CA ALA B 38 -30.26 -28.28 26.10
C ALA B 38 -29.52 -27.12 25.47
N PRO B 39 -29.77 -25.89 25.94
CA PRO B 39 -29.01 -24.74 25.42
C PRO B 39 -27.51 -24.98 25.52
N LEU B 40 -26.76 -24.55 24.50
CA LEU B 40 -25.30 -24.66 24.53
C LEU B 40 -24.77 -23.92 25.75
N PRO B 41 -23.81 -24.53 26.44
CA PRO B 41 -23.13 -23.89 27.57
C PRO B 41 -22.11 -22.87 27.09
N GLU B 42 -22.09 -21.70 27.72
CA GLU B 42 -21.13 -20.64 27.40
C GLU B 42 -21.00 -20.37 25.90
N PRO B 43 -22.11 -20.14 25.21
CA PRO B 43 -22.03 -20.09 23.75
C PRO B 43 -21.42 -18.79 23.22
N LEU B 44 -20.86 -18.84 22.02
CA LEU B 44 -20.46 -17.63 21.32
C LEU B 44 -21.60 -17.21 20.40
N PRO B 45 -21.63 -15.93 20.01
CA PRO B 45 -22.56 -15.55 18.94
C PRO B 45 -21.96 -15.88 17.58
N MET B 46 -22.82 -16.22 16.63
CA MET B 46 -22.38 -16.49 15.27
C MET B 46 -23.54 -16.14 14.35
N ALA B 47 -23.30 -15.20 13.44
CA ALA B 47 -24.36 -14.77 12.55
C ALA B 47 -24.57 -15.79 11.46
N VAL B 48 -25.81 -16.03 11.07
CA VAL B 48 -25.97 -16.86 9.91
C VAL B 48 -27.00 -16.44 8.87
N PRO B 49 -26.50 -16.12 7.68
CA PRO B 49 -25.76 -17.09 6.88
C PRO B 49 -24.34 -16.55 7.05
N GLY B 50 -23.29 -17.36 6.94
CA GLY B 50 -21.93 -16.83 7.01
C GLY B 50 -20.92 -17.93 7.32
N SER B 51 -19.67 -17.75 6.92
CA SER B 51 -18.63 -18.63 7.40
C SER B 51 -18.35 -18.24 8.85
N TYR B 52 -18.00 -19.20 9.70
CA TYR B 52 -17.70 -18.87 11.08
C TYR B 52 -16.26 -18.39 11.27
N ASN B 53 -15.40 -18.70 10.31
CA ASN B 53 -13.95 -18.56 10.50
C ASN B 53 -13.46 -17.14 10.77
N ASP B 54 -14.07 -16.14 10.13
CA ASP B 54 -13.64 -14.76 10.34
C ASP B 54 -14.62 -13.97 11.22
N GLN B 55 -15.47 -14.67 11.97
CA GLN B 55 -16.41 -13.98 12.87
C GLN B 55 -15.96 -13.96 14.34
N ASN B 56 -14.73 -14.40 14.63
CA ASN B 56 -14.22 -14.25 15.99
C ASN B 56 -12.70 -14.12 16.06
N ASP B 57 -12.23 -12.90 16.25
CA ASP B 57 -10.80 -12.61 16.26
C ASP B 57 -10.10 -12.98 17.57
N GLU B 58 -10.88 -13.31 18.61
CA GLU B 58 -10.27 -13.84 19.83
C GLU B 58 -9.75 -15.25 19.61
N LEU B 59 -10.44 -15.99 18.74
CA LEU B 59 -10.02 -17.35 18.41
C LEU B 59 -9.34 -17.35 17.04
N ASN B 60 -8.65 -18.44 16.74
CA ASN B 60 -8.07 -18.63 15.41
C ASN B 60 -8.87 -19.69 14.67
N LEU B 61 -10.07 -19.33 14.24
CA LEU B 61 -10.99 -20.30 13.67
C LEU B 61 -10.61 -20.73 12.26
N ARG B 62 -9.72 -19.98 11.62
CA ARG B 62 -9.19 -20.42 10.33
C ARG B 62 -8.37 -21.70 10.50
N ALA B 63 -7.82 -21.88 11.69
CA ALA B 63 -7.00 -23.06 11.99
C ALA B 63 -7.83 -24.18 12.58
N HIS B 64 -9.14 -23.96 12.76
CA HIS B 64 -9.96 -24.98 13.38
C HIS B 64 -10.10 -26.21 12.49
N TYR B 65 -10.05 -27.38 13.11
CA TYR B 65 -10.16 -28.64 12.40
C TYR B 65 -11.21 -29.52 13.07
N GLY B 66 -12.21 -29.93 12.32
CA GLY B 66 -13.24 -30.79 12.89
C GLY B 66 -14.61 -30.16 12.97
N TRP B 67 -15.26 -30.34 14.11
CA TRP B 67 -16.66 -30.00 14.31
C TRP B 67 -16.88 -28.66 15.00
N VAL B 68 -18.01 -28.04 14.68
CA VAL B 68 -18.56 -26.94 15.46
C VAL B 68 -20.04 -27.23 15.66
N VAL B 69 -20.66 -26.58 16.64
CA VAL B 69 -22.08 -26.79 16.86
C VAL B 69 -22.84 -25.47 16.90
N TYR B 70 -23.83 -25.33 16.01
CA TYR B 70 -24.74 -24.18 15.97
C TYR B 70 -26.01 -24.46 16.73
N GLN B 71 -26.63 -23.43 17.30
CA GLN B 71 -27.91 -23.63 17.96
C GLN B 71 -28.74 -22.35 18.05
N ARG B 72 -30.05 -22.49 17.89
CA ARG B 72 -30.99 -21.41 18.22
C ARG B 72 -32.35 -21.97 18.61
N SER B 73 -33.19 -21.07 19.14
CA SER B 73 -34.58 -21.39 19.39
C SER B 73 -35.46 -20.63 18.41
N PHE B 74 -36.66 -21.12 18.19
CA PHE B 74 -37.66 -20.41 17.39
C PHE B 74 -39.06 -20.88 17.77
N ALA B 75 -40.05 -20.05 17.47
CA ALA B 75 -41.44 -20.38 17.78
C ALA B 75 -42.35 -19.79 16.72
N VAL B 76 -43.36 -20.55 16.32
CA VAL B 76 -44.35 -20.06 15.36
C VAL B 76 -45.76 -20.35 15.88
N PRO B 77 -46.75 -19.54 15.49
CA PRO B 77 -48.13 -19.77 15.88
C PRO B 77 -48.62 -21.16 15.45
N SER B 78 -49.38 -21.83 16.29
CA SER B 78 -49.93 -23.14 15.96
C SER B 78 -50.79 -23.09 14.69
N ARG B 79 -51.42 -21.95 14.44
CA ARG B 79 -52.33 -21.82 13.31
C ARG B 79 -51.59 -21.75 11.96
N LEU B 80 -50.30 -21.45 12.00
CA LEU B 80 -49.50 -21.44 10.78
C LEU B 80 -49.14 -22.88 10.44
N VAL B 81 -48.94 -23.67 11.47
CA VAL B 81 -48.50 -25.06 11.33
C VAL B 81 -49.65 -26.03 11.09
N ALA B 82 -50.85 -25.64 11.49
CA ALA B 82 -51.99 -26.54 11.52
C ALA B 82 -52.30 -27.19 10.17
N GLY B 83 -52.15 -28.51 10.10
CA GLY B 83 -52.52 -29.26 8.93
C GLY B 83 -51.55 -29.10 7.77
N GLN B 84 -50.41 -28.48 8.03
CA GLN B 84 -49.44 -28.24 6.97
C GLN B 84 -48.28 -29.22 7.03
N ARG B 85 -47.68 -29.43 5.87
CA ARG B 85 -46.41 -30.15 5.77
C ARG B 85 -45.29 -29.15 6.10
N MET B 86 -44.49 -29.46 7.11
CA MET B 86 -43.46 -28.54 7.58
C MET B 86 -42.06 -28.99 7.16
N ILE B 87 -41.33 -28.11 6.48
CA ILE B 87 -40.02 -28.48 5.96
C ILE B 87 -38.93 -27.53 6.46
N LEU B 88 -37.86 -28.11 6.99
CA LEU B 88 -36.70 -27.32 7.43
C LEU B 88 -35.62 -27.39 6.36
N ARG B 89 -35.26 -26.23 5.81
CA ARG B 89 -34.30 -26.19 4.73
C ARG B 89 -32.99 -25.48 5.04
N PHE B 90 -31.90 -26.16 4.70
CA PHE B 90 -30.55 -25.58 4.78
C PHE B 90 -30.03 -25.34 3.37
N ASP B 91 -29.88 -24.08 2.97
CA ASP B 91 -29.40 -23.78 1.62
C ASP B 91 -27.98 -24.30 1.43
N ALA B 92 -27.17 -24.25 2.49
CA ALA B 92 -25.83 -24.87 2.49
C ALA B 92 -25.23 -24.94 3.89
N ALA B 93 -24.62 -26.07 4.19
CA ALA B 93 -23.83 -26.24 5.41
C ALA B 93 -22.52 -26.91 5.01
N THR B 94 -21.41 -26.21 5.25
CA THR B 94 -20.12 -26.61 4.69
C THR B 94 -19.18 -27.17 5.75
N HIS B 95 -18.75 -28.43 5.62
CA HIS B 95 -19.06 -29.30 4.48
C HIS B 95 -20.13 -30.34 4.79
N ALA B 96 -20.20 -30.80 6.03
CA ALA B 96 -21.15 -31.85 6.38
C ALA B 96 -21.88 -31.45 7.65
N ALA B 97 -23.10 -31.96 7.84
CA ALA B 97 -23.89 -31.55 9.00
C ALA B 97 -24.74 -32.66 9.59
N ASP B 98 -24.89 -32.62 10.92
CA ASP B 98 -25.92 -33.40 11.61
C ASP B 98 -26.93 -32.42 12.18
N VAL B 99 -28.21 -32.65 11.93
CA VAL B 99 -29.24 -31.70 12.36
C VAL B 99 -30.15 -32.32 13.40
N TYR B 100 -30.32 -31.60 14.51
CA TYR B 100 -31.23 -32.03 15.57
C TYR B 100 -32.33 -31.01 15.78
N LEU B 101 -33.54 -31.49 16.01
CA LEU B 101 -34.64 -30.62 16.41
C LEU B 101 -35.26 -31.16 17.68
N ASN B 102 -35.23 -30.34 18.73
CA ASN B 102 -35.74 -30.73 20.05
C ASN B 102 -35.14 -32.05 20.53
N GLY B 103 -33.87 -32.25 20.23
CA GLY B 103 -33.15 -33.44 20.67
C GLY B 103 -33.24 -34.63 19.74
N GLN B 104 -34.11 -34.54 18.72
CA GLN B 104 -34.25 -35.63 17.76
C GLN B 104 -33.32 -35.43 16.57
N LEU B 105 -32.52 -36.45 16.27
CA LEU B 105 -31.71 -36.40 15.06
C LEU B 105 -32.61 -36.46 13.84
N LEU B 106 -32.55 -35.43 13.01
CA LEU B 106 -33.34 -35.41 11.79
C LEU B 106 -32.61 -36.15 10.70
N GLY B 107 -31.28 -36.06 10.72
CA GLY B 107 -30.46 -36.67 9.69
C GLY B 107 -29.20 -35.88 9.41
N SER B 108 -28.52 -36.25 8.33
CA SER B 108 -27.22 -35.70 8.00
C SER B 108 -27.09 -35.48 6.51
N HIS B 109 -26.05 -34.74 6.12
CA HIS B 109 -25.81 -34.39 4.73
C HIS B 109 -24.31 -34.19 4.52
N PHE B 110 -23.78 -34.50 3.34
CA PHE B 110 -22.39 -34.16 3.06
C PHE B 110 -22.06 -33.06 2.04
N GLY B 111 -22.86 -32.87 0.99
CA GLY B 111 -22.57 -31.79 0.06
C GLY B 111 -22.49 -30.41 0.70
N GLY B 112 -21.33 -29.75 0.58
CA GLY B 112 -21.13 -28.49 1.28
C GLY B 112 -21.65 -27.25 0.57
N PHE B 113 -22.17 -27.42 -0.64
CA PHE B 113 -22.52 -26.29 -1.48
C PHE B 113 -23.87 -26.46 -2.16
N LEU B 114 -24.66 -27.39 -1.66
CA LEU B 114 -25.98 -27.69 -2.21
C LEU B 114 -26.98 -27.84 -1.07
N PRO B 115 -28.26 -27.52 -1.34
CA PRO B 115 -29.24 -27.49 -0.26
C PRO B 115 -29.78 -28.86 0.13
N PHE B 116 -30.29 -28.98 1.35
CA PHE B 116 -30.91 -30.20 1.83
C PHE B 116 -32.02 -29.84 2.80
N GLU B 117 -32.96 -30.75 3.01
CA GLU B 117 -34.12 -30.42 3.84
C GLU B 117 -34.67 -31.64 4.59
N PHE B 118 -35.42 -31.35 5.65
CA PHE B 118 -36.01 -32.39 6.48
C PHE B 118 -37.49 -32.13 6.70
N ASP B 119 -38.30 -33.19 6.70
CA ASP B 119 -39.68 -33.05 7.13
C ASP B 119 -39.69 -33.03 8.66
N VAL B 120 -40.10 -31.92 9.23
CA VAL B 120 -40.08 -31.74 10.68
C VAL B 120 -41.49 -31.63 11.25
N THR B 121 -42.49 -32.05 10.47
CA THR B 121 -43.89 -31.95 10.87
C THR B 121 -44.16 -32.56 12.25
N SER B 122 -43.58 -33.73 12.52
CA SER B 122 -43.80 -34.41 13.79
C SER B 122 -42.82 -34.00 14.88
N ALA B 123 -41.69 -33.41 14.49
CA ALA B 123 -40.67 -33.04 15.47
C ALA B 123 -40.94 -31.68 16.08
N LEU B 124 -41.69 -30.85 15.35
CA LEU B 124 -42.06 -29.54 15.85
C LEU B 124 -43.05 -29.69 17.00
N HIS B 125 -43.00 -28.75 17.94
CA HIS B 125 -44.09 -28.62 18.90
C HIS B 125 -44.34 -27.16 19.20
N ALA B 126 -45.41 -26.89 19.94
CA ALA B 126 -45.80 -25.52 20.29
C ALA B 126 -44.77 -24.91 21.23
N GLY B 127 -44.68 -23.58 21.20
CA GLY B 127 -43.69 -22.86 22.00
C GLY B 127 -42.32 -22.90 21.36
N GLU B 128 -41.29 -22.73 22.19
CA GLU B 128 -39.91 -22.69 21.68
C GLU B 128 -39.41 -24.06 21.25
N ASN B 129 -38.87 -24.13 20.04
CA ASN B 129 -38.23 -25.35 19.53
C ASN B 129 -36.73 -25.17 19.56
N LEU B 130 -35.98 -26.22 19.86
CA LEU B 130 -34.53 -26.08 19.94
C LEU B 130 -33.86 -26.77 18.76
N LEU B 131 -33.18 -25.97 17.95
CA LEU B 131 -32.57 -26.46 16.72
C LEU B 131 -31.07 -26.45 16.84
N THR B 132 -30.46 -27.63 16.75
CA THR B 132 -29.03 -27.79 16.91
C THR B 132 -28.40 -28.34 15.64
N VAL B 133 -27.35 -27.67 15.16
CA VAL B 133 -26.73 -28.07 13.91
C VAL B 133 -25.22 -28.22 14.09
N ALA B 134 -24.74 -29.44 13.97
CA ALA B 134 -23.30 -29.71 14.03
C ALA B 134 -22.73 -29.64 12.64
N VAL B 135 -21.65 -28.89 12.48
CA VAL B 135 -21.05 -28.72 11.17
C VAL B 135 -19.60 -29.18 11.17
N ASP B 136 -19.24 -29.98 10.16
CA ASP B 136 -17.93 -30.61 10.06
C ASP B 136 -17.18 -29.99 8.89
N ASN B 137 -15.97 -29.49 9.15
CA ASN B 137 -15.21 -28.82 8.08
C ASN B 137 -14.15 -29.69 7.43
N ARG B 138 -14.07 -30.95 7.82
CA ARG B 138 -12.93 -31.77 7.42
C ARG B 138 -12.98 -32.16 5.95
N ILE B 139 -11.83 -32.10 5.31
CA ILE B 139 -11.67 -32.56 3.93
C ILE B 139 -10.58 -33.62 3.89
N GLY B 140 -10.60 -34.44 2.85
CA GLY B 140 -9.63 -35.52 2.72
C GLY B 140 -9.77 -36.19 1.37
N SER B 141 -9.23 -37.40 1.24
CA SER B 141 -9.13 -38.05 -0.05
C SER B 141 -10.48 -38.52 -0.60
N SER B 142 -11.51 -38.50 0.24
CA SER B 142 -12.83 -38.92 -0.22
C SER B 142 -13.87 -37.80 -0.25
N THR B 143 -13.46 -36.57 0.06
CA THR B 143 -14.38 -35.44 -0.01
C THR B 143 -14.30 -34.72 -1.34
N LEU B 144 -15.38 -34.03 -1.69
CA LEU B 144 -15.37 -33.03 -2.75
C LEU B 144 -15.79 -31.71 -2.11
N PRO B 145 -14.90 -30.71 -2.09
CA PRO B 145 -13.54 -30.65 -2.66
C PRO B 145 -12.54 -31.57 -1.98
N VAL B 146 -11.48 -31.94 -2.71
CA VAL B 146 -10.52 -32.93 -2.27
C VAL B 146 -9.49 -32.38 -1.28
N GLY B 147 -9.27 -33.10 -0.19
CA GLY B 147 -8.21 -32.76 0.74
C GLY B 147 -7.13 -33.82 0.66
N ASN B 148 -5.94 -33.51 1.16
CA ASN B 148 -4.86 -34.48 1.22
C ASN B 148 -4.83 -35.14 2.59
N ASP B 149 -4.68 -36.46 2.64
CA ASP B 149 -4.66 -37.15 3.93
C ASP B 149 -3.32 -36.92 4.62
N ALA B 150 -2.30 -36.60 3.83
CA ALA B 150 -1.04 -36.09 4.36
C ALA B 150 -0.27 -35.24 3.35
N GLY B 151 0.72 -34.51 3.85
CA GLY B 151 1.61 -33.72 3.03
C GLY B 151 1.44 -32.21 3.12
N THR B 152 1.13 -31.59 1.98
CA THR B 152 1.03 -30.13 1.89
C THR B 152 -0.25 -29.64 1.25
N ALA B 153 -0.39 -28.32 1.23
CA ALA B 153 -1.44 -27.68 0.46
C ALA B 153 -1.00 -27.51 -0.98
N PHE B 154 -1.91 -27.01 -1.80
CA PHE B 154 -1.69 -26.75 -3.22
C PHE B 154 -0.41 -25.96 -3.43
N MET B 155 0.51 -26.46 -4.26
CA MET B 155 1.78 -25.76 -4.50
C MET B 155 2.43 -25.35 -3.17
N GLY B 156 2.51 -26.30 -2.25
CA GLY B 156 2.98 -26.04 -0.91
C GLY B 156 4.44 -26.38 -0.74
N SER B 157 5.14 -25.56 0.03
CA SER B 157 6.58 -25.71 0.17
C SER B 157 6.99 -26.67 1.28
N ASP B 158 8.02 -27.47 1.00
CA ASP B 158 8.55 -28.41 1.98
C ASP B 158 10.04 -28.60 1.79
N ASN B 159 10.72 -29.00 2.87
CA ASN B 159 12.10 -29.45 2.80
C ASN B 159 12.16 -30.81 3.49
N ALA B 160 11.35 -31.74 3.01
CA ALA B 160 11.21 -33.07 3.61
C ALA B 160 12.55 -33.77 3.84
N ASN B 161 13.55 -33.43 3.03
CA ASN B 161 14.88 -34.05 3.13
C ASN B 161 15.69 -33.61 4.36
N VAL B 162 15.18 -32.63 5.10
CA VAL B 162 15.78 -32.26 6.39
C VAL B 162 15.16 -33.17 7.46
N PRO B 163 16.01 -33.92 8.19
CA PRO B 163 15.59 -34.85 9.24
C PRO B 163 14.69 -34.21 10.31
N ALA B 164 15.02 -33.00 10.74
CA ALA B 164 14.27 -32.30 11.77
C ALA B 164 12.84 -32.00 11.29
N VAL B 165 12.70 -31.72 10.01
CA VAL B 165 11.40 -31.39 9.43
C VAL B 165 10.50 -32.62 9.39
N ALA B 166 11.05 -33.73 8.92
CA ALA B 166 10.31 -35.00 8.84
C ALA B 166 9.71 -35.38 10.19
N GLU B 167 10.48 -35.19 11.26
CA GLU B 167 10.03 -35.51 12.61
C GLU B 167 9.00 -34.51 13.12
N ALA B 168 9.28 -33.23 12.94
CA ALA B 168 8.39 -32.18 13.41
C ALA B 168 7.02 -32.24 12.75
N LYS B 169 7.01 -32.62 11.48
CA LYS B 169 5.78 -32.69 10.69
C LYS B 169 4.82 -33.74 11.26
N LYS B 170 5.38 -34.82 11.80
CA LYS B 170 4.57 -35.91 12.35
C LYS B 170 3.88 -35.60 13.68
N HIS B 171 4.33 -34.55 14.38
CA HIS B 171 3.71 -34.18 15.65
C HIS B 171 3.00 -32.83 15.51
N ALA B 172 2.95 -32.32 14.29
CA ALA B 172 2.33 -31.02 14.05
C ALA B 172 0.83 -31.10 14.31
N ARG B 173 0.25 -29.97 14.74
CA ARG B 173 -1.20 -29.88 14.91
C ARG B 173 -1.93 -30.31 13.65
N ARG B 174 -2.98 -31.12 13.82
CA ARG B 174 -3.74 -31.58 12.67
C ARG B 174 -4.49 -30.43 11.99
N GLN B 175 -4.39 -30.39 10.68
CA GLN B 175 -5.02 -29.35 9.87
C GLN B 175 -5.60 -29.96 8.61
N ASN B 176 -6.63 -29.31 8.07
CA ASN B 176 -7.11 -29.65 6.75
C ASN B 176 -6.03 -29.33 5.73
N LEU B 177 -5.76 -30.27 4.83
CA LEU B 177 -4.75 -30.05 3.81
C LEU B 177 -5.42 -30.08 2.45
N PRO B 178 -5.79 -28.89 1.96
CA PRO B 178 -6.59 -28.81 0.74
C PRO B 178 -5.79 -29.16 -0.49
N ASN B 179 -6.41 -29.81 -1.48
CA ASN B 179 -5.78 -29.90 -2.78
C ASN B 179 -6.41 -28.88 -3.72
N PHE B 180 -6.68 -27.70 -3.18
CA PHE B 180 -7.29 -26.60 -3.92
C PHE B 180 -6.86 -25.24 -3.37
N ASP B 181 -6.92 -24.22 -4.22
CA ASP B 181 -6.41 -22.87 -3.94
C ASP B 181 -7.50 -21.86 -3.57
N PHE B 182 -8.25 -22.17 -2.52
CA PHE B 182 -9.15 -21.20 -1.92
C PHE B 182 -9.36 -21.66 -0.49
N PHE B 183 -9.52 -20.71 0.43
CA PHE B 183 -9.56 -21.10 1.83
C PHE B 183 -10.80 -21.91 2.17
N ASN B 184 -10.62 -22.85 3.08
CA ASN B 184 -11.66 -23.78 3.48
C ASN B 184 -12.68 -23.16 4.44
N PHE B 185 -13.37 -22.12 4.00
CA PHE B 185 -14.41 -21.49 4.82
C PHE B 185 -15.56 -22.46 5.09
N ALA B 186 -16.00 -22.53 6.33
CA ALA B 186 -16.98 -23.54 6.72
C ALA B 186 -18.11 -22.96 7.56
N GLY B 187 -19.15 -23.75 7.79
CA GLY B 187 -20.27 -23.34 8.63
C GLY B 187 -21.56 -23.19 7.84
N LEU B 188 -22.52 -22.48 8.43
CA LEU B 188 -23.81 -22.24 7.80
C LEU B 188 -23.67 -21.09 6.82
N ASN B 189 -23.05 -21.39 5.68
CA ASN B 189 -22.70 -20.39 4.68
C ASN B 189 -23.90 -19.76 3.98
N ARG B 190 -25.04 -20.45 4.00
CA ARG B 190 -26.22 -19.91 3.34
C ARG B 190 -27.45 -20.00 4.22
N HIS B 191 -28.57 -19.50 3.72
CA HIS B 191 -29.75 -19.30 4.55
C HIS B 191 -30.30 -20.60 5.12
N VAL B 192 -31.00 -20.47 6.24
CA VAL B 192 -31.72 -21.57 6.86
C VAL B 192 -33.15 -21.11 7.01
N GLU B 193 -34.11 -21.94 6.63
CA GLU B 193 -35.50 -21.53 6.76
C GLU B 193 -36.44 -22.70 6.91
N LEU B 194 -37.54 -22.43 7.58
CA LEU B 194 -38.66 -23.34 7.73
C LEU B 194 -39.73 -22.93 6.74
N TYR B 195 -40.28 -23.87 5.97
CA TYR B 195 -41.39 -23.51 5.09
C TYR B 195 -42.51 -24.54 5.14
N THR B 196 -43.66 -24.14 4.62
CA THR B 196 -44.85 -24.99 4.63
C THR B 196 -45.33 -25.26 3.21
N THR B 197 -45.92 -26.45 3.02
CA THR B 197 -46.70 -26.76 1.84
C THR B 197 -47.96 -27.46 2.33
N PRO B 198 -48.98 -27.58 1.46
CA PRO B 198 -50.09 -28.49 1.77
C PRO B 198 -49.60 -29.93 2.01
N ALA B 199 -50.30 -30.67 2.86
CA ALA B 199 -49.87 -32.02 3.24
C ALA B 199 -50.42 -33.11 2.32
N ASP B 200 -51.69 -32.98 1.92
CA ASP B 200 -52.35 -34.02 1.14
C ASP B 200 -51.72 -34.21 -0.24
N ALA B 201 -51.42 -33.09 -0.90
CA ALA B 201 -50.82 -33.11 -2.23
C ALA B 201 -50.15 -31.76 -2.46
N TYR B 202 -48.99 -31.77 -3.09
CA TYR B 202 -48.20 -30.55 -3.21
C TYR B 202 -47.26 -30.62 -4.40
N ILE B 203 -46.89 -29.45 -4.92
CA ILE B 203 -45.92 -29.35 -6.00
C ILE B 203 -44.51 -29.60 -5.47
N ALA B 204 -43.84 -30.60 -6.03
CA ALA B 204 -42.54 -31.01 -5.52
C ALA B 204 -41.41 -30.57 -6.43
N ASP B 205 -41.69 -30.46 -7.73
CA ASP B 205 -40.68 -30.05 -8.69
C ASP B 205 -41.27 -29.49 -9.99
N ILE B 206 -40.51 -28.61 -10.64
CA ILE B 206 -40.90 -28.06 -11.93
C ILE B 206 -39.68 -27.98 -12.84
N ALA B 207 -39.83 -28.43 -14.09
CA ALA B 207 -38.80 -28.24 -15.10
C ALA B 207 -39.41 -27.58 -16.31
N ILE B 208 -38.81 -26.46 -16.73
CA ILE B 208 -39.23 -25.75 -17.92
C ILE B 208 -38.11 -25.84 -18.95
N THR B 209 -38.45 -26.15 -20.19
CA THR B 209 -37.45 -26.18 -21.25
C THR B 209 -37.89 -25.44 -22.50
N THR B 210 -36.91 -24.90 -23.22
CA THR B 210 -37.13 -24.35 -24.55
C THR B 210 -36.83 -25.46 -25.53
N GLU B 211 -37.86 -25.98 -26.20
CA GLU B 211 -37.66 -27.13 -27.07
C GLU B 211 -37.25 -26.72 -28.48
N ARG B 212 -37.90 -25.69 -28.99
CA ARG B 212 -37.64 -25.27 -30.35
C ARG B 212 -38.03 -23.82 -30.57
N LEU B 213 -37.24 -23.14 -31.38
CA LEU B 213 -37.53 -21.78 -31.80
C LEU B 213 -37.72 -21.73 -33.30
N ASP B 214 -38.81 -21.09 -33.72
CA ASP B 214 -39.13 -20.95 -35.13
C ASP B 214 -39.00 -19.50 -35.58
N HIS B 215 -38.21 -19.30 -36.62
CA HIS B 215 -38.01 -17.99 -37.22
C HIS B 215 -37.60 -16.95 -36.19
N ILE B 216 -36.35 -17.06 -35.74
CA ILE B 216 -35.75 -16.13 -34.81
C ILE B 216 -35.45 -14.82 -35.55
N ALA B 217 -35.84 -13.70 -34.95
CA ALA B 217 -35.58 -12.38 -35.52
C ALA B 217 -34.08 -12.14 -35.72
N GLY B 218 -33.75 -11.22 -36.62
CA GLY B 218 -32.36 -10.89 -36.91
C GLY B 218 -31.58 -10.43 -35.69
N ASP B 219 -32.25 -9.72 -34.79
CA ASP B 219 -31.64 -9.22 -33.58
C ASP B 219 -31.81 -10.19 -32.40
N ALA B 220 -32.44 -11.32 -32.68
CA ALA B 220 -32.69 -12.39 -31.70
C ALA B 220 -33.49 -11.91 -30.50
N CYS B 221 -34.23 -10.83 -30.67
CA CYS B 221 -35.09 -10.32 -29.61
C CYS B 221 -36.36 -11.14 -29.46
N THR B 222 -36.82 -11.72 -30.57
CA THR B 222 -38.05 -12.49 -30.59
C THR B 222 -37.92 -13.71 -31.49
N ALA B 223 -38.86 -14.64 -31.35
CA ALA B 223 -39.05 -15.72 -32.31
C ALA B 223 -40.50 -15.74 -32.72
N ALA B 224 -40.77 -16.07 -33.99
CA ALA B 224 -42.14 -16.07 -34.47
C ALA B 224 -42.95 -17.08 -33.66
N ASN B 225 -42.30 -18.19 -33.33
CA ASN B 225 -42.89 -19.21 -32.47
C ASN B 225 -41.86 -19.88 -31.60
N ALA B 226 -42.24 -20.10 -30.33
CA ALA B 226 -41.39 -20.82 -29.39
C ALA B 226 -42.16 -22.00 -28.81
N LEU B 227 -41.55 -23.17 -28.86
CA LEU B 227 -42.15 -24.36 -28.26
C LEU B 227 -41.47 -24.64 -26.93
N ILE B 228 -42.23 -24.52 -25.84
CA ILE B 228 -41.67 -24.85 -24.52
C ILE B 228 -42.33 -26.10 -23.92
N ALA B 229 -41.61 -26.76 -23.02
CA ALA B 229 -42.14 -27.95 -22.36
C ALA B 229 -42.12 -27.77 -20.85
N TYR B 230 -43.09 -28.38 -20.18
CA TYR B 230 -43.13 -28.34 -18.73
C TYR B 230 -43.16 -29.76 -18.17
N ASP B 231 -42.66 -29.92 -16.95
CA ASP B 231 -42.72 -31.20 -16.24
C ASP B 231 -42.90 -30.87 -14.78
N VAL B 232 -44.07 -31.18 -14.24
CA VAL B 232 -44.34 -30.88 -12.85
C VAL B 232 -44.47 -32.18 -12.06
N THR B 233 -43.75 -32.25 -10.94
CA THR B 233 -43.77 -33.43 -10.09
C THR B 233 -44.52 -33.12 -8.79
N PHE B 234 -45.27 -34.09 -8.28
CA PHE B 234 -46.06 -33.88 -7.08
C PHE B 234 -45.71 -34.88 -5.97
N GLY B 235 -45.93 -34.47 -4.73
CA GLY B 235 -45.82 -35.37 -3.61
C GLY B 235 -47.15 -35.40 -2.88
N GLY B 236 -47.29 -36.34 -1.94
CA GLY B 236 -48.50 -36.45 -1.14
C GLY B 236 -49.32 -37.69 -1.49
N ASP B 237 -50.52 -37.77 -0.92
CA ASP B 237 -51.43 -38.91 -1.08
C ASP B 237 -50.82 -40.18 -0.50
N GLY B 276 -58.13 -38.43 -11.44
CA GLY B 276 -58.82 -37.25 -11.94
C GLY B 276 -58.34 -35.95 -11.32
N ARG B 277 -57.04 -35.88 -11.04
CA ARG B 277 -56.45 -34.65 -10.51
C ARG B 277 -55.80 -33.83 -11.62
N GLN B 278 -55.77 -32.51 -11.45
CA GLN B 278 -55.27 -31.63 -12.50
C GLN B 278 -54.37 -30.50 -12.00
N VAL B 279 -53.51 -30.03 -12.91
CA VAL B 279 -52.70 -28.85 -12.66
C VAL B 279 -52.89 -27.83 -13.79
N ARG B 280 -53.09 -26.57 -13.42
CA ARG B 280 -53.14 -25.49 -14.39
C ARG B 280 -51.78 -24.82 -14.50
N ILE B 281 -51.31 -24.65 -15.73
CA ILE B 281 -50.06 -23.94 -15.97
C ILE B 281 -50.37 -22.69 -16.79
N SER B 282 -50.11 -21.54 -16.18
CA SER B 282 -50.32 -20.26 -16.82
C SER B 282 -48.97 -19.62 -17.08
N ILE B 283 -48.76 -19.14 -18.31
CA ILE B 283 -47.51 -18.48 -18.64
C ILE B 283 -47.68 -16.98 -18.57
N LEU B 284 -46.91 -16.35 -17.69
CA LEU B 284 -47.00 -14.92 -17.48
C LEU B 284 -45.83 -14.24 -18.16
N ASP B 285 -46.10 -13.16 -18.88
CA ASP B 285 -45.02 -12.37 -19.48
C ASP B 285 -44.45 -11.42 -18.44
N GLY B 286 -43.50 -10.60 -18.84
CA GLY B 286 -42.85 -9.66 -17.94
C GLY B 286 -43.78 -8.64 -17.29
N GLU B 287 -44.97 -8.47 -17.84
CA GLU B 287 -45.94 -7.53 -17.29
C GLU B 287 -47.01 -8.20 -16.43
N GLY B 288 -46.95 -9.53 -16.35
CA GLY B 288 -47.89 -10.29 -15.53
C GLY B 288 -49.10 -10.78 -16.29
N THR B 289 -49.14 -10.50 -17.59
CA THR B 289 -50.22 -10.94 -18.47
C THR B 289 -50.12 -12.43 -18.83
N VAL B 290 -51.22 -13.17 -18.67
CA VAL B 290 -51.24 -14.55 -19.09
C VAL B 290 -51.29 -14.59 -20.61
N VAL B 291 -50.25 -15.16 -21.22
CA VAL B 291 -50.12 -15.19 -22.68
C VAL B 291 -50.32 -16.61 -23.20
N ALA B 292 -50.40 -17.55 -22.26
CA ALA B 292 -50.65 -18.94 -22.58
C ALA B 292 -51.09 -19.64 -21.31
N GLY B 293 -51.90 -20.69 -21.45
CA GLY B 293 -52.45 -21.38 -20.32
C GLY B 293 -52.94 -22.74 -20.77
N VAL B 294 -52.70 -23.75 -19.93
CA VAL B 294 -53.18 -25.08 -20.24
C VAL B 294 -53.53 -25.78 -18.93
N THR B 295 -54.44 -26.75 -19.00
CA THR B 295 -54.75 -27.58 -17.85
C THR B 295 -54.34 -29.00 -18.21
N ALA B 296 -53.50 -29.59 -17.37
CA ALA B 296 -52.94 -30.90 -17.67
C ALA B 296 -53.35 -31.93 -16.62
N ASP B 297 -53.42 -33.19 -17.03
CA ASP B 297 -53.78 -34.27 -16.13
C ASP B 297 -52.57 -34.75 -15.36
N ILE B 298 -52.79 -35.07 -14.10
CA ILE B 298 -51.75 -35.64 -13.26
C ILE B 298 -51.84 -37.15 -13.39
N GLU B 299 -50.73 -37.76 -13.78
CA GLU B 299 -50.66 -39.18 -14.01
C GLU B 299 -49.59 -39.77 -13.10
N ARG B 300 -49.90 -40.87 -12.43
CA ARG B 300 -48.93 -41.51 -11.57
C ARG B 300 -48.08 -42.50 -12.36
N THR B 305 -44.13 -40.67 -7.81
CA THR B 305 -43.97 -39.97 -9.08
C THR B 305 -45.31 -39.58 -9.70
N ALA B 306 -46.07 -38.73 -9.02
CA ALA B 306 -47.24 -38.12 -9.64
C ALA B 306 -46.68 -37.03 -10.55
N LYS B 307 -47.10 -37.01 -11.81
CA LYS B 307 -46.44 -36.15 -12.79
C LYS B 307 -47.39 -35.57 -13.82
N ALA B 308 -47.14 -34.34 -14.22
CA ALA B 308 -47.85 -33.72 -15.33
C ALA B 308 -46.82 -33.13 -16.30
N SER B 309 -46.99 -33.41 -17.58
CA SER B 309 -46.05 -32.89 -18.58
C SER B 309 -46.73 -32.62 -19.91
N GLY B 310 -46.16 -31.70 -20.68
CA GLY B 310 -46.71 -31.34 -21.98
C GLY B 310 -45.94 -30.20 -22.61
N GLU B 311 -46.49 -29.66 -23.69
CA GLU B 311 -45.86 -28.57 -24.41
C GLU B 311 -46.81 -27.38 -24.55
N ILE B 312 -46.24 -26.20 -24.74
CA ILE B 312 -46.99 -24.97 -24.93
C ILE B 312 -46.34 -24.16 -26.04
N ALA B 313 -47.13 -23.71 -27.01
CA ALA B 313 -46.58 -22.88 -28.07
C ALA B 313 -46.84 -21.41 -27.77
N ILE B 314 -45.80 -20.60 -27.90
CA ILE B 314 -45.91 -19.17 -27.68
C ILE B 314 -45.49 -18.40 -28.91
N ARG B 315 -46.43 -17.71 -29.54
CA ARG B 315 -46.14 -16.91 -30.72
C ARG B 315 -45.53 -15.58 -30.33
N ASP B 316 -44.57 -15.12 -31.14
CA ASP B 316 -43.89 -13.85 -30.92
C ASP B 316 -43.25 -13.81 -29.53
N ALA B 317 -42.63 -14.91 -29.15
CA ALA B 317 -42.03 -15.02 -27.83
C ALA B 317 -40.83 -14.09 -27.70
N LYS B 318 -40.69 -13.47 -26.54
CA LYS B 318 -39.53 -12.62 -26.30
C LYS B 318 -38.41 -13.47 -25.74
N LEU B 319 -37.28 -13.48 -26.43
CA LEU B 319 -36.19 -14.37 -26.08
C LEU B 319 -35.28 -13.77 -25.04
N TRP B 320 -34.60 -14.65 -24.29
CA TRP B 320 -33.59 -14.27 -23.32
C TRP B 320 -32.22 -14.25 -24.00
N ASN B 321 -31.51 -13.13 -23.90
CA ASN B 321 -30.15 -13.03 -24.43
C ASN B 321 -29.18 -12.42 -23.43
N PRO B 322 -27.87 -12.72 -23.59
CA PRO B 322 -26.86 -11.98 -22.83
C PRO B 322 -26.98 -10.48 -23.07
N GLY B 323 -26.98 -9.68 -22.02
CA GLY B 323 -27.11 -8.24 -22.18
C GLY B 323 -28.51 -7.77 -22.54
N ALA B 324 -29.45 -8.71 -22.60
CA ALA B 324 -30.84 -8.38 -22.92
C ALA B 324 -31.77 -9.47 -22.41
N ALA B 325 -31.89 -9.56 -21.09
CA ALA B 325 -32.68 -10.61 -20.47
C ALA B 325 -34.17 -10.38 -20.67
N TYR B 326 -34.92 -11.47 -20.76
CA TYR B 326 -36.38 -11.41 -20.65
C TYR B 326 -36.85 -12.66 -19.91
N LEU B 327 -37.68 -12.46 -18.90
CA LEU B 327 -38.16 -13.57 -18.10
C LEU B 327 -39.68 -13.71 -18.14
N TYR B 328 -40.13 -14.95 -18.29
CA TYR B 328 -41.53 -15.28 -18.14
C TYR B 328 -41.71 -15.93 -16.78
N THR B 329 -42.95 -16.07 -16.35
CA THR B 329 -43.23 -16.84 -15.15
C THR B 329 -44.20 -17.96 -15.47
N ALA B 330 -43.81 -19.18 -15.12
CA ALA B 330 -44.73 -20.32 -15.19
C ALA B 330 -45.40 -20.48 -13.84
N VAL B 331 -46.71 -20.31 -13.81
CA VAL B 331 -47.48 -20.49 -12.58
C VAL B 331 -48.15 -21.85 -12.63
N ALA B 332 -47.77 -22.73 -11.71
CA ALA B 332 -48.40 -24.03 -11.61
C ALA B 332 -49.38 -24.01 -10.45
N GLU B 333 -50.63 -24.39 -10.72
CA GLU B 333 -51.63 -24.41 -9.67
C GLU B 333 -52.31 -25.77 -9.61
N LEU B 334 -52.15 -26.44 -8.47
CA LEU B 334 -52.81 -27.73 -8.26
C LEU B 334 -54.29 -27.49 -8.01
N LEU B 335 -55.13 -28.12 -8.84
CA LEU B 335 -56.56 -27.92 -8.78
C LEU B 335 -57.23 -28.97 -7.89
N PRO B 336 -58.35 -28.60 -7.25
CA PRO B 336 -59.04 -29.54 -6.36
C PRO B 336 -59.77 -30.63 -7.14
N SER B 344 -63.28 -23.37 -8.06
CA SER B 344 -62.58 -22.08 -8.09
C SER B 344 -61.48 -22.02 -7.04
N ARG B 345 -61.48 -22.99 -6.13
CA ARG B 345 -60.48 -23.05 -5.08
C ARG B 345 -59.17 -23.61 -5.62
N ILE B 346 -58.06 -23.21 -5.01
CA ILE B 346 -56.74 -23.71 -5.40
C ILE B 346 -56.06 -24.45 -4.25
N ILE B 347 -55.55 -25.64 -4.54
CA ILE B 347 -54.91 -26.47 -3.52
C ILE B 347 -53.49 -26.02 -3.22
N ASP B 348 -52.68 -25.87 -4.28
CA ASP B 348 -51.30 -25.50 -4.11
C ASP B 348 -50.80 -24.74 -5.33
N ALA B 349 -49.76 -23.95 -5.15
CA ALA B 349 -49.25 -23.12 -6.23
C ALA B 349 -47.75 -22.87 -6.09
N TYR B 350 -47.08 -22.72 -7.22
CA TYR B 350 -45.68 -22.32 -7.24
C TYR B 350 -45.43 -21.50 -8.50
N ARG B 351 -44.69 -20.41 -8.35
CA ARG B 351 -44.35 -19.56 -9.48
C ARG B 351 -42.89 -19.76 -9.88
N GLN B 352 -42.66 -20.26 -11.08
CA GLN B 352 -41.30 -20.56 -11.52
C GLN B 352 -40.85 -19.66 -12.66
N THR B 353 -39.83 -18.86 -12.39
CA THR B 353 -39.27 -17.97 -13.39
C THR B 353 -38.51 -18.78 -14.42
N PHE B 354 -38.61 -18.38 -15.69
CA PHE B 354 -37.82 -19.00 -16.75
C PHE B 354 -37.57 -18.03 -17.89
N GLY B 355 -36.69 -18.41 -18.80
CA GLY B 355 -36.37 -17.59 -19.95
C GLY B 355 -36.35 -18.47 -21.17
N ILE B 356 -36.73 -17.90 -22.31
CA ILE B 356 -36.86 -18.68 -23.53
C ILE B 356 -35.63 -18.45 -24.39
N ARG B 357 -34.81 -19.49 -24.51
CA ARG B 357 -33.57 -19.42 -25.29
C ARG B 357 -33.06 -20.81 -25.62
N THR B 358 -32.35 -20.94 -26.73
CA THR B 358 -31.71 -22.19 -27.06
C THR B 358 -30.19 -22.08 -26.93
N VAL B 359 -29.56 -23.20 -26.65
CA VAL B 359 -28.11 -23.28 -26.57
C VAL B 359 -27.68 -24.48 -27.39
N GLU B 360 -26.77 -24.27 -28.33
CA GLU B 360 -26.32 -25.36 -29.18
C GLU B 360 -24.87 -25.18 -29.60
N VAL B 361 -24.06 -26.22 -29.35
CA VAL B 361 -22.72 -26.26 -29.91
C VAL B 361 -22.81 -26.80 -31.34
N SER B 362 -22.33 -26.02 -32.30
CA SER B 362 -22.32 -26.43 -33.70
C SER B 362 -20.94 -26.16 -34.28
N GLY B 363 -20.20 -27.23 -34.55
CA GLY B 363 -18.85 -27.11 -35.05
C GLY B 363 -17.96 -26.44 -34.01
N THR B 364 -17.36 -25.32 -34.40
CA THR B 364 -16.54 -24.53 -33.48
C THR B 364 -17.25 -23.26 -33.04
N THR B 365 -18.58 -23.29 -33.03
CA THR B 365 -19.35 -22.14 -32.58
C THR B 365 -20.24 -22.53 -31.41
N PHE B 366 -20.52 -21.55 -30.55
CA PHE B 366 -21.40 -21.72 -29.41
C PHE B 366 -22.61 -20.86 -29.67
N LEU B 367 -23.73 -21.50 -30.04
CA LEU B 367 -24.88 -20.75 -30.49
C LEU B 367 -25.92 -20.57 -29.39
N ILE B 368 -26.21 -19.31 -29.09
CA ILE B 368 -27.33 -18.97 -28.22
C ILE B 368 -28.39 -18.34 -29.10
N ASN B 369 -29.60 -18.91 -29.10
CA ASN B 369 -30.65 -18.49 -30.01
C ASN B 369 -30.16 -18.40 -31.46
N GLY B 370 -29.36 -19.40 -31.85
CA GLY B 370 -28.84 -19.50 -33.20
C GLY B 370 -27.75 -18.51 -33.60
N LYS B 371 -27.24 -17.73 -32.65
CA LYS B 371 -26.19 -16.76 -32.95
C LYS B 371 -24.87 -17.12 -32.27
N PRO B 372 -23.75 -16.86 -32.96
CA PRO B 372 -22.43 -17.25 -32.45
C PRO B 372 -21.97 -16.37 -31.29
N PHE B 373 -21.97 -16.95 -30.10
CA PHE B 373 -21.68 -16.25 -28.85
C PHE B 373 -20.18 -16.19 -28.54
N TYR B 374 -19.74 -15.13 -27.88
CA TYR B 374 -18.36 -15.05 -27.42
C TYR B 374 -18.34 -14.72 -25.93
N PHE B 375 -17.75 -15.60 -25.13
CA PHE B 375 -17.65 -15.41 -23.69
C PHE B 375 -16.66 -14.30 -23.35
N LYS B 376 -17.10 -13.31 -22.56
CA LYS B 376 -16.21 -12.31 -21.98
C LYS B 376 -16.43 -12.36 -20.48
N GLY B 377 -15.40 -12.72 -19.72
CA GLY B 377 -15.59 -12.82 -18.29
C GLY B 377 -14.45 -13.41 -17.50
N PHE B 378 -14.80 -14.21 -16.50
CA PHE B 378 -13.84 -14.62 -15.48
C PHE B 378 -14.39 -15.75 -14.62
N GLY B 379 -13.51 -16.47 -13.95
CA GLY B 379 -13.94 -17.32 -12.85
C GLY B 379 -14.13 -16.41 -11.66
N LYS B 380 -15.09 -16.73 -10.80
CA LYS B 380 -15.32 -15.92 -9.61
C LYS B 380 -15.02 -16.76 -8.36
N HIS B 381 -15.34 -16.19 -7.20
CA HIS B 381 -15.43 -16.96 -5.97
C HIS B 381 -16.55 -16.35 -5.15
N GLU B 382 -17.20 -17.13 -4.31
CA GLU B 382 -17.99 -16.52 -3.25
C GLU B 382 -17.01 -16.31 -2.11
N ASP B 383 -16.50 -15.09 -2.03
CA ASP B 383 -15.45 -14.73 -1.10
C ASP B 383 -15.52 -13.24 -0.80
N SER B 384 -15.47 -12.90 0.47
CA SER B 384 -15.43 -11.49 0.87
C SER B 384 -14.99 -11.33 2.31
N TYR B 385 -14.54 -10.13 2.64
CA TYR B 385 -14.12 -9.82 3.99
C TYR B 385 -15.30 -10.09 4.94
N PHE B 386 -15.00 -10.62 6.13
CA PHE B 386 -15.96 -10.97 7.19
C PHE B 386 -16.88 -12.15 6.89
N HIS B 387 -17.50 -12.16 5.72
CA HIS B 387 -18.46 -13.20 5.39
C HIS B 387 -17.81 -14.52 4.99
N GLY B 388 -16.58 -14.44 4.48
CA GLY B 388 -15.92 -15.63 3.96
C GLY B 388 -16.64 -16.14 2.74
N ARG B 389 -17.14 -17.37 2.81
CA ARG B 389 -17.92 -17.95 1.72
C ARG B 389 -19.42 -17.70 1.95
N GLY B 390 -19.74 -16.97 3.02
CA GLY B 390 -21.12 -16.61 3.33
C GLY B 390 -21.80 -15.81 2.23
N THR B 391 -23.03 -16.18 1.90
CA THR B 391 -23.78 -15.47 0.87
C THR B 391 -24.12 -14.05 1.34
N ASP B 392 -23.99 -13.09 0.42
CA ASP B 392 -24.18 -11.68 0.72
C ASP B 392 -24.80 -11.05 -0.53
N ASP B 393 -26.09 -10.72 -0.44
CA ASP B 393 -26.81 -10.26 -1.62
C ASP B 393 -26.47 -8.82 -1.99
N VAL B 394 -26.04 -8.02 -1.00
CA VAL B 394 -25.48 -6.71 -1.29
C VAL B 394 -24.28 -6.85 -2.22
N LEU B 395 -23.37 -7.76 -1.87
CA LEU B 395 -22.19 -8.02 -2.69
C LEU B 395 -22.54 -8.63 -4.05
N ASN B 396 -23.53 -9.51 -4.08
CA ASN B 396 -23.97 -10.10 -5.35
C ASN B 396 -24.52 -9.05 -6.31
N VAL B 397 -25.31 -8.11 -5.77
CA VAL B 397 -25.85 -7.01 -6.58
C VAL B 397 -24.75 -6.11 -7.11
N LYS B 398 -23.77 -5.81 -6.26
CA LYS B 398 -22.64 -4.98 -6.67
C LYS B 398 -21.79 -5.66 -7.75
N ASP B 399 -21.46 -6.93 -7.55
CA ASP B 399 -20.61 -7.66 -8.49
C ASP B 399 -21.25 -7.72 -9.87
N VAL B 400 -22.56 -7.93 -9.90
CA VAL B 400 -23.31 -7.92 -11.14
C VAL B 400 -23.22 -6.56 -11.84
N SER B 401 -23.22 -5.47 -11.06
CA SER B 401 -23.05 -4.14 -11.65
C SER B 401 -21.62 -3.96 -12.19
N LEU B 402 -20.65 -4.56 -11.51
CA LEU B 402 -19.26 -4.52 -11.93
C LEU B 402 -19.03 -5.30 -13.23
N ILE B 403 -19.73 -6.41 -13.37
CA ILE B 403 -19.70 -7.18 -14.60
C ILE B 403 -20.21 -6.31 -15.77
N HIS B 404 -21.29 -5.58 -15.55
CA HIS B 404 -21.76 -4.63 -16.56
C HIS B 404 -20.77 -3.50 -16.79
N TRP B 405 -20.20 -2.95 -15.71
CA TRP B 405 -19.23 -1.87 -15.82
C TRP B 405 -18.03 -2.29 -16.67
N LEU B 406 -17.61 -3.55 -16.51
CA LEU B 406 -16.49 -4.11 -17.25
C LEU B 406 -16.83 -4.46 -18.69
N HIS B 407 -18.13 -4.49 -19.00
CA HIS B 407 -18.65 -4.99 -20.28
C HIS B 407 -18.34 -6.47 -20.47
N ALA B 408 -18.24 -7.19 -19.36
CA ALA B 408 -18.20 -8.65 -19.40
C ALA B 408 -19.61 -9.17 -19.62
N ASN B 409 -19.75 -10.43 -20.00
CA ASN B 409 -21.07 -11.01 -20.19
C ASN B 409 -21.27 -12.36 -19.51
N SER B 410 -20.27 -12.80 -18.74
CA SER B 410 -20.31 -14.16 -18.21
C SER B 410 -19.33 -14.42 -17.07
N PHE B 411 -19.61 -15.49 -16.32
CA PHE B 411 -18.61 -16.04 -15.40
C PHE B 411 -18.85 -17.53 -15.14
N ARG B 412 -17.87 -18.17 -14.50
CA ARG B 412 -17.99 -19.55 -14.07
C ARG B 412 -18.08 -19.60 -12.55
N THR B 413 -18.92 -20.49 -12.02
CA THR B 413 -19.06 -20.64 -10.57
C THR B 413 -17.92 -21.49 -10.01
N SER B 414 -16.69 -21.03 -10.24
CA SER B 414 -15.52 -21.67 -9.67
C SER B 414 -15.53 -21.53 -8.14
N HIS B 415 -15.35 -22.63 -7.41
CA HIS B 415 -15.28 -23.99 -7.93
C HIS B 415 -16.34 -24.85 -7.23
N TYR B 416 -17.58 -24.37 -7.26
CA TYR B 416 -18.69 -24.95 -6.52
C TYR B 416 -19.95 -24.22 -6.94
N PRO B 417 -21.12 -24.87 -6.82
CA PRO B 417 -22.36 -24.13 -7.09
C PRO B 417 -22.50 -22.94 -6.14
N TYR B 418 -22.94 -21.80 -6.64
CA TYR B 418 -23.08 -20.61 -5.79
C TYR B 418 -24.45 -20.57 -5.12
N ALA B 419 -24.69 -19.53 -4.33
CA ALA B 419 -26.01 -19.36 -3.70
C ALA B 419 -27.06 -19.13 -4.78
N GLU B 420 -28.25 -19.69 -4.57
CA GLU B 420 -29.34 -19.63 -5.55
C GLU B 420 -29.71 -18.20 -5.96
N SER B 421 -29.58 -17.24 -5.04
CA SER B 421 -29.96 -15.86 -5.34
C SER B 421 -29.12 -15.24 -6.45
N MET B 422 -27.88 -15.72 -6.61
CA MET B 422 -26.98 -15.16 -7.61
C MET B 422 -27.45 -15.54 -9.03
N TYR B 423 -28.00 -16.73 -9.18
CA TYR B 423 -28.50 -17.17 -10.48
C TYR B 423 -29.76 -16.39 -10.87
N ASP B 424 -30.63 -16.12 -9.90
CA ASP B 424 -31.82 -15.29 -10.12
C ASP B 424 -31.43 -13.92 -10.64
N LEU B 425 -30.38 -13.37 -10.04
CA LEU B 425 -29.87 -12.05 -10.38
C LEU B 425 -29.33 -12.01 -11.81
N CYS B 426 -28.59 -13.05 -12.19
CA CYS B 426 -28.03 -13.12 -13.53
C CYS B 426 -29.12 -13.42 -14.56
N ASP B 427 -30.16 -14.13 -14.14
CA ASP B 427 -31.33 -14.32 -14.98
C ASP B 427 -31.92 -12.98 -15.40
N ARG B 428 -32.09 -12.06 -14.44
CA ARG B 428 -32.72 -10.78 -14.76
C ARG B 428 -31.71 -9.78 -15.33
N GLU B 429 -30.42 -10.03 -15.15
CA GLU B 429 -29.42 -9.07 -15.65
C GLU B 429 -28.73 -9.51 -16.93
N GLY B 430 -29.08 -10.69 -17.43
CA GLY B 430 -28.56 -11.10 -18.73
C GLY B 430 -27.09 -11.44 -18.71
N ILE B 431 -26.64 -12.06 -17.62
CA ILE B 431 -25.26 -12.54 -17.53
C ILE B 431 -25.27 -14.06 -17.60
N VAL B 432 -24.43 -14.59 -18.48
CA VAL B 432 -24.37 -16.03 -18.74
C VAL B 432 -23.48 -16.76 -17.72
N ILE B 433 -23.88 -17.95 -17.31
CA ILE B 433 -23.14 -18.69 -16.29
C ILE B 433 -22.73 -20.10 -16.73
N ILE B 434 -21.47 -20.44 -16.44
CA ILE B 434 -21.03 -21.84 -16.45
C ILE B 434 -21.07 -22.39 -15.02
N ASP B 435 -21.93 -23.38 -14.82
CA ASP B 435 -22.23 -23.92 -13.50
C ASP B 435 -21.37 -25.13 -13.18
N GLU B 436 -20.65 -25.08 -12.07
CA GLU B 436 -19.59 -26.05 -11.77
C GLU B 436 -19.78 -26.72 -10.40
N VAL B 437 -19.54 -28.03 -10.35
CA VAL B 437 -19.61 -28.81 -9.10
C VAL B 437 -18.28 -28.74 -8.33
N PRO B 438 -18.28 -29.06 -7.01
CA PRO B 438 -17.06 -28.91 -6.21
C PRO B 438 -16.01 -30.01 -6.46
N ALA B 439 -15.90 -30.49 -7.69
CA ALA B 439 -14.97 -31.57 -7.97
C ALA B 439 -13.60 -31.01 -8.31
N VAL B 440 -12.93 -30.45 -7.31
CA VAL B 440 -11.64 -29.80 -7.51
C VAL B 440 -10.60 -30.50 -6.64
N GLY B 441 -9.41 -30.71 -7.20
CA GLY B 441 -8.34 -31.40 -6.49
C GLY B 441 -8.30 -32.90 -6.72
N MET B 442 -9.00 -33.35 -7.76
CA MET B 442 -9.11 -34.79 -8.03
C MET B 442 -7.93 -35.37 -8.78
N SER B 443 -7.59 -36.62 -8.47
CA SER B 443 -6.61 -37.37 -9.24
C SER B 443 -6.91 -38.87 -9.18
N TRP B 444 -5.98 -39.69 -9.63
CA TRP B 444 -6.17 -41.13 -9.77
C TRP B 444 -6.54 -41.84 -8.47
N LEU B 445 -6.06 -41.30 -7.35
CA LEU B 445 -6.45 -41.77 -6.03
C LEU B 445 -7.97 -41.70 -5.81
N GLN B 446 -8.60 -40.67 -6.36
CA GLN B 446 -10.05 -40.51 -6.22
C GLN B 446 -10.83 -41.37 -7.21
N TYR B 447 -10.29 -41.57 -8.41
CA TYR B 447 -11.01 -42.28 -9.47
C TYR B 447 -11.25 -43.74 -9.11
N ALA B 448 -10.42 -44.27 -8.22
CA ALA B 448 -10.50 -45.67 -7.84
C ALA B 448 -11.40 -45.87 -6.61
N ASN B 449 -11.93 -44.77 -6.09
CA ASN B 449 -12.75 -44.82 -4.88
C ASN B 449 -14.23 -44.68 -5.20
N PRO B 450 -15.02 -45.73 -4.89
CA PRO B 450 -16.46 -45.72 -5.15
C PRO B 450 -17.22 -44.64 -4.37
N LEU B 451 -16.79 -44.33 -3.14
CA LEU B 451 -17.43 -43.29 -2.37
C LEU B 451 -17.36 -41.93 -3.07
N VAL B 452 -16.18 -41.63 -3.62
CA VAL B 452 -15.96 -40.40 -4.38
C VAL B 452 -16.84 -40.35 -5.62
N ALA B 453 -16.87 -41.44 -6.38
CA ALA B 453 -17.69 -41.53 -7.57
C ALA B 453 -19.16 -41.23 -7.27
N GLU B 454 -19.63 -41.71 -6.13
CA GLU B 454 -21.02 -41.51 -5.75
C GLU B 454 -21.29 -40.08 -5.30
N ARG B 455 -20.37 -39.51 -4.53
CA ARG B 455 -20.47 -38.10 -4.14
C ARG B 455 -20.41 -37.18 -5.35
N HIS B 456 -19.62 -37.58 -6.35
CA HIS B 456 -19.52 -36.80 -7.58
C HIS B 456 -20.83 -36.85 -8.36
N ARG B 457 -21.45 -38.03 -8.45
CA ARG B 457 -22.76 -38.14 -9.07
C ARG B 457 -23.82 -37.38 -8.28
N GLU B 458 -23.74 -37.45 -6.95
CA GLU B 458 -24.66 -36.70 -6.10
C GLU B 458 -24.54 -35.21 -6.36
N ALA B 459 -23.32 -34.72 -6.53
CA ALA B 459 -23.09 -33.31 -6.76
C ALA B 459 -23.65 -32.86 -8.11
N ILE B 460 -23.39 -33.66 -9.15
CA ILE B 460 -23.89 -33.33 -10.48
C ILE B 460 -25.43 -33.35 -10.54
N ARG B 461 -26.04 -34.38 -9.96
CA ARG B 461 -27.50 -34.46 -9.97
C ARG B 461 -28.11 -33.35 -9.15
N GLY B 462 -27.51 -33.06 -8.00
CA GLY B 462 -27.98 -32.01 -7.13
C GLY B 462 -27.91 -30.64 -7.77
N MET B 463 -26.77 -30.34 -8.40
CA MET B 463 -26.58 -29.05 -9.05
C MET B 463 -27.61 -28.81 -10.14
N ILE B 464 -27.76 -29.81 -11.01
CA ILE B 464 -28.65 -29.69 -12.15
C ILE B 464 -30.12 -29.68 -11.74
N ALA B 465 -30.47 -30.47 -10.73
CA ALA B 465 -31.83 -30.47 -10.20
C ALA B 465 -32.19 -29.11 -9.63
N ARG B 466 -31.22 -28.48 -8.98
CA ARG B 466 -31.41 -27.15 -8.37
C ARG B 466 -31.51 -26.03 -9.41
N ASP B 467 -30.67 -26.12 -10.44
CA ASP B 467 -30.40 -24.95 -11.29
C ASP B 467 -30.93 -25.02 -12.73
N LYS B 468 -31.59 -26.13 -13.07
CA LYS B 468 -31.99 -26.40 -14.45
C LYS B 468 -32.88 -25.34 -15.09
N ASN B 469 -33.66 -24.63 -14.29
CA ASN B 469 -34.62 -23.67 -14.83
C ASN B 469 -34.04 -22.29 -15.15
N HIS B 470 -32.79 -22.04 -14.75
CA HIS B 470 -32.16 -20.75 -15.02
C HIS B 470 -31.72 -20.62 -16.48
N PRO B 471 -32.27 -19.62 -17.19
CA PRO B 471 -31.84 -19.34 -18.57
C PRO B 471 -30.39 -18.88 -18.66
N CYS B 472 -29.88 -18.26 -17.60
CA CYS B 472 -28.52 -17.71 -17.60
C CYS B 472 -27.46 -18.81 -17.69
N ILE B 473 -27.79 -20.00 -17.20
CA ILE B 473 -26.88 -21.14 -17.30
C ILE B 473 -26.88 -21.75 -18.68
N VAL B 474 -25.72 -21.73 -19.35
CA VAL B 474 -25.62 -22.25 -20.71
C VAL B 474 -24.72 -23.48 -20.80
N MET B 475 -24.05 -23.81 -19.70
CA MET B 475 -23.09 -24.91 -19.71
C MET B 475 -22.80 -25.47 -18.32
N TRP B 476 -22.53 -26.77 -18.25
CA TRP B 476 -22.16 -27.44 -17.00
C TRP B 476 -20.68 -27.83 -17.01
N SER B 477 -20.02 -27.66 -15.86
CA SER B 477 -18.65 -28.11 -15.68
C SER B 477 -18.59 -29.19 -14.60
N ILE B 478 -18.04 -30.35 -14.95
CA ILE B 478 -18.07 -31.49 -14.03
C ILE B 478 -16.80 -31.63 -13.20
N ALA B 479 -15.80 -30.80 -13.46
CA ALA B 479 -14.59 -30.76 -12.62
C ALA B 479 -13.68 -29.58 -12.95
N ASN B 480 -12.88 -29.16 -11.98
CA ASN B 480 -11.81 -28.20 -12.24
C ASN B 480 -10.43 -28.81 -12.03
N GLU B 481 -9.64 -28.81 -13.09
CA GLU B 481 -8.24 -29.27 -13.07
C GLU B 481 -8.00 -30.66 -12.44
N PRO B 482 -8.77 -31.68 -12.88
CA PRO B 482 -8.44 -33.04 -12.43
C PRO B 482 -7.20 -33.57 -13.15
N GLY B 483 -6.57 -34.60 -12.61
CA GLY B 483 -5.47 -35.26 -13.30
C GLY B 483 -6.00 -36.06 -14.48
N LEU B 484 -5.51 -35.76 -15.68
CA LEU B 484 -6.01 -36.38 -16.91
C LEU B 484 -4.92 -36.98 -17.80
N ASP B 485 -3.68 -36.60 -17.56
CA ASP B 485 -2.59 -36.91 -18.49
C ASP B 485 -1.58 -37.86 -17.87
N GLY B 486 -0.47 -38.10 -18.58
CA GLY B 486 0.56 -39.02 -18.10
C GLY B 486 0.75 -40.21 -19.01
N ASP B 487 1.44 -41.23 -18.51
CA ASP B 487 1.73 -42.42 -19.32
C ASP B 487 1.01 -43.64 -18.76
N GLY B 488 1.19 -44.78 -19.43
CA GLY B 488 0.56 -46.02 -19.01
C GLY B 488 -0.95 -45.94 -19.08
N GLU B 489 -1.60 -46.41 -18.02
CA GLU B 489 -3.06 -46.48 -17.97
C GLU B 489 -3.73 -45.23 -17.37
N ARG B 490 -2.94 -44.28 -16.90
CA ARG B 490 -3.52 -43.11 -16.23
C ARG B 490 -4.50 -42.30 -17.10
N PRO B 491 -4.14 -41.98 -18.36
CA PRO B 491 -5.12 -41.27 -19.20
C PRO B 491 -6.42 -42.03 -19.40
N ARG B 492 -6.34 -43.33 -19.65
CA ARG B 492 -7.54 -44.14 -19.83
C ARG B 492 -8.37 -44.25 -18.55
N GLN B 493 -7.70 -44.33 -17.41
CA GLN B 493 -8.38 -44.39 -16.12
C GLN B 493 -9.18 -43.13 -15.82
N ALA B 494 -8.59 -41.98 -16.13
CA ALA B 494 -9.27 -40.71 -15.95
C ALA B 494 -10.49 -40.63 -16.87
N TYR B 495 -10.28 -40.97 -18.14
CA TYR B 495 -11.37 -41.00 -19.11
C TYR B 495 -12.51 -41.90 -18.66
N ASP B 496 -12.18 -43.10 -18.18
CA ASP B 496 -13.20 -44.05 -17.77
C ASP B 496 -13.97 -43.54 -16.54
N TYR B 497 -13.33 -42.70 -15.73
CA TYR B 497 -14.01 -42.10 -14.60
C TYR B 497 -14.95 -40.97 -15.03
N PHE B 498 -14.49 -40.09 -15.92
CA PHE B 498 -15.24 -38.88 -16.23
C PHE B 498 -16.31 -39.05 -17.30
N ARG B 499 -16.08 -39.97 -18.22
CA ARG B 499 -17.03 -40.19 -19.31
C ARG B 499 -18.46 -40.47 -18.83
N PRO B 500 -18.64 -41.33 -17.82
CA PRO B 500 -20.02 -41.51 -17.35
C PRO B 500 -20.58 -40.30 -16.59
N LEU B 501 -19.71 -39.40 -16.14
CA LEU B 501 -20.17 -38.17 -15.49
C LEU B 501 -20.64 -37.15 -16.51
N TYR B 502 -19.94 -37.12 -17.65
CA TYR B 502 -20.37 -36.34 -18.81
C TYR B 502 -21.75 -36.78 -19.27
N GLU B 503 -21.94 -38.09 -19.36
CA GLU B 503 -23.21 -38.66 -19.77
C GLU B 503 -24.31 -38.36 -18.75
N LEU B 504 -23.98 -38.44 -17.47
CA LEU B 504 -24.94 -38.15 -16.41
C LEU B 504 -25.42 -36.71 -16.47
N ALA B 505 -24.49 -35.78 -16.72
CA ALA B 505 -24.84 -34.38 -16.82
C ALA B 505 -25.80 -34.13 -17.98
N HIS B 506 -25.57 -34.80 -19.10
CA HIS B 506 -26.46 -34.71 -20.25
C HIS B 506 -27.85 -35.33 -19.98
N ALA B 507 -27.87 -36.50 -19.32
CA ALA B 507 -29.13 -37.16 -19.02
C ALA B 507 -29.96 -36.42 -17.97
N SER B 508 -29.30 -35.71 -17.07
CA SER B 508 -29.96 -35.07 -15.94
C SER B 508 -30.64 -33.75 -16.33
N ASP B 509 -30.10 -33.10 -17.35
CA ASP B 509 -30.55 -31.77 -17.75
C ASP B 509 -31.55 -31.86 -18.89
N PRO B 510 -32.81 -31.47 -18.61
CA PRO B 510 -33.85 -31.52 -19.63
C PRO B 510 -33.54 -30.61 -20.82
N GLN B 511 -32.75 -29.56 -20.61
CA GLN B 511 -32.39 -28.64 -21.70
C GLN B 511 -31.22 -29.19 -22.53
N ASN B 512 -30.54 -30.20 -22.01
CA ASN B 512 -29.42 -30.84 -22.71
C ASN B 512 -28.32 -29.83 -23.08
N ARG B 513 -27.93 -28.99 -22.14
CA ARG B 513 -26.84 -28.04 -22.39
C ARG B 513 -25.49 -28.74 -22.55
N PRO B 514 -24.56 -28.09 -23.25
CA PRO B 514 -23.21 -28.65 -23.40
C PRO B 514 -22.55 -28.86 -22.05
N VAL B 515 -21.64 -29.82 -21.99
CA VAL B 515 -20.96 -30.19 -20.76
C VAL B 515 -19.46 -30.08 -20.99
N THR B 516 -18.75 -29.57 -20.00
CA THR B 516 -17.31 -29.43 -20.13
C THR B 516 -16.62 -29.87 -18.84
N LEU B 517 -15.30 -29.86 -18.90
CA LEU B 517 -14.44 -30.18 -17.79
C LEU B 517 -13.30 -29.19 -17.92
N VAL B 518 -13.00 -28.47 -16.85
CA VAL B 518 -11.99 -27.43 -16.93
C VAL B 518 -10.60 -28.02 -16.74
N CYS B 519 -9.79 -27.89 -17.78
CA CYS B 519 -8.51 -28.61 -17.87
C CYS B 519 -7.36 -27.78 -17.34
N CYS B 520 -6.53 -28.39 -16.48
CA CYS B 520 -5.33 -27.73 -16.00
C CYS B 520 -4.25 -27.76 -17.06
N GLN B 521 -3.26 -26.90 -16.88
CA GLN B 521 -2.11 -26.83 -17.76
C GLN B 521 -1.33 -28.13 -17.66
N ASN B 522 -1.47 -29.00 -18.67
CA ASN B 522 -0.86 -30.32 -18.61
C ASN B 522 -0.23 -30.70 -19.94
N ASP B 523 0.16 -31.96 -20.07
CA ASP B 523 0.61 -32.48 -21.35
C ASP B 523 -0.62 -32.83 -22.18
N TYR B 524 -1.06 -31.86 -22.97
CA TYR B 524 -2.26 -31.99 -23.79
C TYR B 524 -2.17 -33.14 -24.80
N THR B 525 -0.97 -33.63 -25.09
CA THR B 525 -0.82 -34.76 -26.01
C THR B 525 -1.12 -36.13 -25.39
N THR B 526 -1.05 -36.26 -24.06
CA THR B 526 -1.34 -37.56 -23.43
C THR B 526 -2.72 -37.55 -22.76
N ASP B 527 -3.25 -36.36 -22.53
CA ASP B 527 -4.63 -36.18 -22.07
C ASP B 527 -5.58 -36.63 -23.18
N ILE B 528 -6.44 -37.60 -22.89
CA ILE B 528 -7.42 -38.07 -23.88
C ILE B 528 -8.85 -37.72 -23.50
N THR B 529 -9.02 -37.01 -22.38
CA THR B 529 -10.36 -36.75 -21.86
C THR B 529 -10.90 -35.39 -22.28
N GLU B 530 -10.09 -34.34 -22.11
CA GLU B 530 -10.56 -32.97 -22.35
C GLU B 530 -11.10 -32.78 -23.76
N ARG B 531 -10.43 -33.38 -24.73
CA ARG B 531 -10.80 -33.23 -26.14
C ARG B 531 -12.15 -33.87 -26.49
N THR B 532 -12.73 -34.61 -25.56
CA THR B 532 -14.04 -35.23 -25.78
C THR B 532 -15.20 -34.42 -25.20
N MET B 533 -14.90 -33.30 -24.55
CA MET B 533 -15.96 -32.47 -23.99
C MET B 533 -16.66 -31.68 -25.08
N ASP B 534 -17.82 -31.08 -24.78
CA ASP B 534 -18.58 -30.39 -25.81
C ASP B 534 -17.89 -29.08 -26.22
N VAL B 535 -17.35 -28.37 -25.24
CA VAL B 535 -16.43 -27.26 -25.53
C VAL B 535 -15.20 -27.45 -24.65
N VAL B 536 -14.03 -27.19 -25.22
CA VAL B 536 -12.78 -27.32 -24.50
C VAL B 536 -12.51 -26.08 -23.66
N CYS B 537 -12.44 -26.26 -22.34
CA CYS B 537 -12.19 -25.17 -21.42
C CYS B 537 -10.83 -25.36 -20.78
N ILE B 538 -9.92 -24.43 -21.06
CA ILE B 538 -8.54 -24.60 -20.63
C ILE B 538 -8.05 -23.51 -19.68
N ASN B 539 -7.29 -23.94 -18.69
CA ASN B 539 -6.63 -23.06 -17.75
C ASN B 539 -5.17 -23.00 -18.11
N ARG B 540 -4.70 -21.82 -18.52
CA ARG B 540 -3.33 -21.69 -19.00
C ARG B 540 -2.62 -20.50 -18.39
N TYR B 541 -1.37 -20.72 -18.00
CA TYR B 541 -0.60 -19.71 -17.28
C TYR B 541 0.78 -19.55 -17.89
N TYR B 542 0.83 -19.59 -19.23
CA TYR B 542 2.05 -19.26 -19.96
C TYR B 542 2.52 -17.86 -19.60
N GLY B 543 3.77 -17.75 -19.17
CA GLY B 543 4.31 -16.46 -18.75
C GLY B 543 4.16 -16.15 -17.27
N TRP B 544 3.41 -16.98 -16.54
CA TRP B 544 3.36 -16.80 -15.09
C TRP B 544 4.01 -17.97 -14.35
N TYR B 545 3.38 -19.14 -14.41
CA TYR B 545 3.93 -20.33 -13.74
C TYR B 545 5.02 -21.02 -14.56
N ASN B 546 5.13 -20.65 -15.83
CA ASN B 546 6.22 -21.11 -16.66
C ASN B 546 6.65 -19.96 -17.55
N LEU B 547 7.87 -20.04 -18.10
CA LEU B 547 8.42 -18.96 -18.91
C LEU B 547 8.21 -17.62 -18.20
N SER B 548 8.49 -17.60 -16.90
CA SER B 548 8.01 -16.53 -16.02
C SER B 548 8.51 -15.15 -16.45
N GLY B 549 7.56 -14.26 -16.76
CA GLY B 549 7.88 -12.89 -17.11
C GLY B 549 8.27 -12.66 -18.56
N ASP B 550 8.46 -13.74 -19.31
CA ASP B 550 8.86 -13.63 -20.71
C ASP B 550 7.64 -13.78 -21.62
N LEU B 551 7.05 -12.65 -22.00
CA LEU B 551 5.77 -12.66 -22.71
C LEU B 551 5.89 -13.11 -24.17
N ASP B 552 7.04 -12.84 -24.79
CA ASP B 552 7.31 -13.36 -26.13
C ASP B 552 7.32 -14.88 -26.16
N ALA B 553 8.05 -15.48 -25.23
CA ALA B 553 8.15 -16.93 -25.16
C ALA B 553 6.80 -17.54 -24.77
N ALA B 554 6.10 -16.85 -23.87
CA ALA B 554 4.78 -17.28 -23.45
C ALA B 554 3.81 -17.33 -24.63
N CYS B 555 3.86 -16.31 -25.48
CA CYS B 555 2.97 -16.26 -26.63
C CYS B 555 3.36 -17.33 -27.65
N HIS B 556 4.64 -17.61 -27.76
CA HIS B 556 5.12 -18.67 -28.64
C HIS B 556 4.63 -20.03 -28.16
N ALA B 557 4.75 -20.26 -26.85
CA ALA B 557 4.28 -21.52 -26.27
C ALA B 557 2.78 -21.67 -26.43
N LEU B 558 2.03 -20.60 -26.16
CA LEU B 558 0.59 -20.59 -26.32
C LEU B 558 0.16 -20.98 -27.75
N ASN B 559 0.78 -20.36 -28.75
CA ASN B 559 0.45 -20.60 -30.15
C ASN B 559 0.72 -22.04 -30.59
N ILE B 560 1.75 -22.65 -30.01
CA ILE B 560 2.03 -24.05 -30.26
C ILE B 560 0.90 -24.95 -29.76
N GLU B 561 0.38 -24.70 -28.56
CA GLU B 561 -0.76 -25.48 -28.08
C GLU B 561 -2.04 -25.14 -28.84
N LEU B 562 -2.18 -23.87 -29.25
CA LEU B 562 -3.36 -23.48 -30.02
C LEU B 562 -3.38 -24.21 -31.36
N ASP B 563 -2.19 -24.45 -31.92
CA ASP B 563 -2.06 -25.22 -33.15
C ASP B 563 -2.58 -26.64 -32.95
N PHE B 564 -2.34 -27.17 -31.76
CA PHE B 564 -2.89 -28.48 -31.39
C PHE B 564 -4.41 -28.44 -31.31
N TRP B 565 -4.96 -27.43 -30.64
CA TRP B 565 -6.41 -27.37 -30.45
C TRP B 565 -7.16 -27.01 -31.74
N GLU B 566 -6.47 -26.29 -32.61
CA GLU B 566 -6.99 -25.95 -33.93
C GLU B 566 -7.31 -27.24 -34.68
N ASN B 567 -6.44 -28.22 -34.43
CA ASN B 567 -6.45 -29.52 -35.09
C ASN B 567 -7.49 -30.43 -34.47
N ILE B 568 -7.75 -30.24 -33.18
CA ILE B 568 -8.78 -31.01 -32.49
C ILE B 568 -10.18 -30.66 -33.01
N GLY B 569 -10.36 -29.41 -33.42
CA GLY B 569 -11.60 -29.01 -34.07
C GLY B 569 -12.84 -28.89 -33.20
N LYS B 570 -12.64 -28.74 -31.89
CA LYS B 570 -13.73 -28.44 -30.96
C LYS B 570 -13.67 -26.94 -30.65
N PRO B 571 -14.80 -26.34 -30.24
CA PRO B 571 -14.69 -24.95 -29.77
C PRO B 571 -13.90 -24.86 -28.47
N VAL B 572 -13.06 -23.84 -28.34
CA VAL B 572 -12.13 -23.71 -27.23
C VAL B 572 -12.25 -22.34 -26.56
N MET B 573 -12.16 -22.31 -25.23
CA MET B 573 -12.12 -21.04 -24.52
C MET B 573 -11.17 -21.10 -23.34
N PHE B 574 -10.70 -19.93 -22.90
CA PHE B 574 -10.01 -19.82 -21.63
C PHE B 574 -11.04 -19.88 -20.52
N THR B 575 -10.77 -20.64 -19.46
CA THR B 575 -11.54 -20.50 -18.24
C THR B 575 -10.67 -19.95 -17.11
N GLU B 576 -9.36 -20.02 -17.29
CA GLU B 576 -8.41 -19.34 -16.40
C GLU B 576 -7.16 -18.87 -17.14
N TYR B 577 -6.76 -17.63 -16.88
CA TYR B 577 -5.40 -17.16 -17.15
C TYR B 577 -5.23 -15.84 -16.43
N GLY B 578 -4.02 -15.58 -15.93
CA GLY B 578 -3.77 -14.35 -15.21
C GLY B 578 -2.45 -14.34 -14.47
N ALA B 579 -2.30 -13.34 -13.61
CA ALA B 579 -1.03 -13.04 -12.98
C ALA B 579 -1.26 -12.34 -11.66
N ASP B 580 -0.60 -12.78 -10.58
CA ASP B 580 -0.81 -12.13 -9.28
C ASP B 580 -0.37 -10.67 -9.36
N THR B 581 -1.15 -9.79 -8.75
CA THR B 581 -0.96 -8.37 -8.97
C THR B 581 -1.30 -7.58 -7.70
N ILE B 582 -0.27 -6.94 -7.14
CA ILE B 582 -0.46 -6.13 -5.95
C ILE B 582 -0.74 -4.69 -6.38
N GLU B 583 -1.95 -4.20 -6.12
CA GLU B 583 -2.30 -2.84 -6.51
C GLU B 583 -1.32 -1.85 -5.87
N GLY B 584 -0.87 -0.87 -6.64
CA GLY B 584 0.08 0.11 -6.14
C GLY B 584 1.51 -0.19 -6.51
N ILE B 585 1.79 -1.43 -6.88
CA ILE B 585 3.10 -1.76 -7.43
C ILE B 585 3.12 -1.37 -8.90
N HIS B 586 4.05 -0.47 -9.26
CA HIS B 586 4.14 0.09 -10.60
C HIS B 586 5.54 0.04 -11.18
N GLY B 587 5.64 0.02 -12.50
CA GLY B 587 6.91 0.10 -13.18
C GLY B 587 6.75 0.58 -14.61
N THR B 588 7.77 1.24 -15.14
CA THR B 588 7.77 1.67 -16.54
C THR B 588 7.89 0.45 -17.44
N HIS B 589 8.59 -0.56 -16.94
CA HIS B 589 8.64 -1.86 -17.60
C HIS B 589 8.15 -2.92 -16.61
N GLY B 590 6.85 -3.17 -16.64
CA GLY B 590 6.19 -3.93 -15.60
C GLY B 590 6.69 -5.35 -15.42
N GLU B 591 7.15 -5.65 -14.21
CA GLU B 591 7.56 -6.99 -13.87
C GLU B 591 6.46 -7.67 -13.08
N MET B 592 6.59 -8.98 -12.88
CA MET B 592 5.58 -9.76 -12.15
C MET B 592 5.21 -9.13 -10.82
N PHE B 593 3.90 -9.06 -10.58
CA PHE B 593 3.21 -8.48 -9.41
C PHE B 593 2.85 -7.01 -9.60
N SER B 594 3.40 -6.38 -10.64
CA SER B 594 3.06 -4.99 -10.93
C SER B 594 1.74 -4.89 -11.69
N GLU B 595 1.05 -3.76 -11.56
CA GLU B 595 -0.20 -3.54 -12.28
C GLU B 595 0.04 -3.55 -13.78
N GLU B 596 1.18 -3.00 -14.19
CA GLU B 596 1.55 -2.93 -15.61
C GLU B 596 1.74 -4.31 -16.24
N PHE B 597 2.38 -5.23 -15.52
CA PHE B 597 2.60 -6.57 -16.05
C PHE B 597 1.27 -7.30 -16.28
N GLN B 598 0.33 -7.14 -15.34
CA GLN B 598 -0.98 -7.77 -15.46
C GLN B 598 -1.69 -7.27 -16.70
N ARG B 599 -1.62 -5.95 -16.92
CA ARG B 599 -2.17 -5.34 -18.12
C ARG B 599 -1.47 -5.86 -19.38
N ASP B 600 -0.15 -5.87 -19.36
CA ASP B 600 0.63 -6.36 -20.50
C ASP B 600 0.31 -7.82 -20.79
N TYR B 601 0.14 -8.60 -19.73
CA TYR B 601 -0.15 -10.03 -19.84
C TYR B 601 -1.41 -10.28 -20.66
N TYR B 602 -2.52 -9.66 -20.28
CA TYR B 602 -3.78 -9.85 -20.98
C TYR B 602 -3.72 -9.27 -22.40
N ALA B 603 -2.99 -8.18 -22.56
CA ALA B 603 -2.86 -7.54 -23.86
C ALA B 603 -2.15 -8.45 -24.86
N ARG B 604 -1.07 -9.10 -24.43
CA ARG B 604 -0.30 -9.96 -25.32
C ARG B 604 -1.05 -11.26 -25.63
N ILE B 605 -1.63 -11.87 -24.60
CA ILE B 605 -2.33 -13.13 -24.76
C ILE B 605 -3.59 -12.99 -25.62
N ASN B 606 -4.38 -11.94 -25.36
CA ASN B 606 -5.63 -11.76 -26.09
C ASN B 606 -5.40 -11.45 -27.56
N ALA B 607 -4.27 -10.81 -27.87
CA ALA B 607 -3.92 -10.53 -29.25
C ALA B 607 -3.69 -11.84 -30.03
N GLU B 608 -3.19 -12.85 -29.33
CA GLU B 608 -2.95 -14.14 -29.97
C GLU B 608 -4.26 -14.92 -30.20
N ILE B 609 -5.16 -14.93 -29.22
CA ILE B 609 -6.39 -15.72 -29.38
C ILE B 609 -7.37 -15.04 -30.34
N ASP B 610 -7.22 -13.74 -30.53
CA ASP B 610 -8.03 -13.01 -31.50
C ASP B 610 -7.81 -13.51 -32.92
N LYS B 611 -6.69 -14.19 -33.15
CA LYS B 611 -6.36 -14.74 -34.46
C LYS B 611 -6.96 -16.12 -34.72
N ARG B 612 -7.64 -16.67 -33.73
CA ARG B 612 -8.22 -18.01 -33.84
C ARG B 612 -9.75 -17.95 -33.87
N PRO B 613 -10.36 -18.29 -35.02
CA PRO B 613 -11.81 -18.20 -35.18
C PRO B 613 -12.57 -19.23 -34.33
N TRP B 614 -11.90 -20.34 -34.01
CA TRP B 614 -12.49 -21.42 -33.23
C TRP B 614 -12.37 -21.18 -31.73
N PHE B 615 -11.75 -20.07 -31.34
CA PHE B 615 -11.55 -19.72 -29.93
C PHE B 615 -12.68 -18.80 -29.50
N ILE B 616 -13.60 -19.33 -28.69
CA ILE B 616 -14.91 -18.71 -28.52
C ILE B 616 -15.13 -18.02 -27.18
N GLY B 617 -14.07 -17.81 -26.41
CA GLY B 617 -14.28 -17.15 -25.14
C GLY B 617 -13.04 -16.91 -24.33
N GLU B 618 -13.07 -15.83 -23.55
CA GLU B 618 -11.97 -15.52 -22.67
C GLU B 618 -12.54 -15.29 -21.27
N GLN B 619 -12.39 -16.28 -20.41
CA GLN B 619 -12.71 -16.09 -19.01
C GLN B 619 -11.41 -16.16 -18.24
N LEU B 620 -11.02 -15.04 -17.63
CA LEU B 620 -9.75 -14.98 -16.92
C LEU B 620 -9.87 -15.41 -15.46
N TRP B 621 -8.71 -15.47 -14.81
CA TRP B 621 -8.62 -15.71 -13.38
C TRP B 621 -7.87 -14.54 -12.78
N ASN B 622 -8.46 -13.79 -11.84
CA ASN B 622 -9.81 -13.99 -11.33
C ASN B 622 -10.56 -12.65 -11.39
N PHE B 623 -11.87 -12.69 -11.15
CA PHE B 623 -12.68 -11.47 -10.97
C PHE B 623 -12.10 -10.55 -9.89
N ALA B 624 -11.80 -11.12 -8.72
CA ALA B 624 -11.35 -10.32 -7.58
C ALA B 624 -10.39 -11.13 -6.70
N ASP B 625 -9.44 -10.45 -6.05
CA ASP B 625 -8.55 -11.14 -5.10
C ASP B 625 -9.37 -11.87 -4.03
N PHE B 626 -8.91 -13.03 -3.60
CA PHE B 626 -9.67 -13.85 -2.67
C PHE B 626 -8.76 -14.59 -1.69
N ALA B 627 -9.36 -15.05 -0.60
CA ALA B 627 -8.60 -15.69 0.49
C ALA B 627 -8.18 -17.11 0.17
N THR B 628 -6.96 -17.46 0.59
CA THR B 628 -6.44 -18.81 0.39
C THR B 628 -5.81 -19.29 1.68
N PHE B 629 -5.43 -20.57 1.69
CA PHE B 629 -4.52 -21.07 2.69
C PHE B 629 -3.20 -20.30 2.55
N GLN B 630 -2.52 -20.04 3.67
CA GLN B 630 -1.29 -19.25 3.61
C GLN B 630 -0.14 -20.04 2.99
N GLY B 631 0.78 -19.32 2.35
CA GLY B 631 1.92 -19.96 1.69
C GLY B 631 2.81 -18.93 1.02
N ILE B 632 3.98 -19.36 0.56
CA ILE B 632 4.97 -18.44 0.02
C ILE B 632 4.60 -17.80 -1.33
N ILE B 633 3.59 -18.35 -2.01
CA ILE B 633 3.16 -17.72 -3.26
C ILE B 633 1.83 -16.97 -3.12
N ARG B 634 1.32 -16.83 -1.89
CA ARG B 634 0.04 -16.15 -1.67
C ARG B 634 0.18 -14.94 -0.75
N VAL B 635 0.21 -13.76 -1.37
CA VAL B 635 0.38 -12.50 -0.63
C VAL B 635 -0.97 -12.01 -0.15
N GLU B 636 -1.34 -12.41 1.08
CA GLU B 636 -2.68 -12.20 1.62
C GLU B 636 -3.72 -12.82 0.70
N GLY B 637 -3.47 -14.06 0.30
CA GLY B 637 -4.38 -14.79 -0.56
C GLY B 637 -3.95 -14.80 -2.02
N ASN B 638 -4.91 -15.07 -2.89
CA ASN B 638 -4.66 -15.07 -4.32
C ASN B 638 -4.90 -13.68 -4.89
N ARG B 639 -3.87 -13.10 -5.51
CA ARG B 639 -3.94 -11.72 -5.98
C ARG B 639 -4.06 -11.60 -7.50
N LYS B 640 -4.63 -12.62 -8.15
CA LYS B 640 -4.84 -12.61 -9.59
C LYS B 640 -6.13 -11.88 -9.99
N GLY B 641 -6.86 -11.35 -9.01
CA GLY B 641 -8.03 -10.52 -9.30
C GLY B 641 -7.71 -9.34 -10.20
N ILE B 642 -8.59 -9.02 -11.14
CA ILE B 642 -8.47 -7.75 -11.84
C ILE B 642 -9.09 -6.67 -10.97
N LEU B 643 -9.86 -7.09 -9.97
CA LEU B 643 -10.27 -6.21 -8.89
C LEU B 643 -9.60 -6.63 -7.59
N THR B 644 -9.44 -5.68 -6.66
CA THR B 644 -9.04 -5.99 -5.30
C THR B 644 -10.16 -6.75 -4.62
N ARG B 645 -9.89 -7.29 -3.43
CA ARG B 645 -10.92 -8.00 -2.67
C ARG B 645 -12.07 -7.07 -2.31
N ASP B 646 -11.77 -5.78 -2.23
CA ASP B 646 -12.78 -4.75 -1.99
C ASP B 646 -13.43 -4.23 -3.27
N ARG B 647 -13.21 -4.93 -4.38
CA ARG B 647 -13.85 -4.66 -5.69
C ARG B 647 -13.38 -3.35 -6.32
N GLN B 648 -12.13 -2.97 -6.06
CA GLN B 648 -11.56 -1.79 -6.71
C GLN B 648 -10.74 -2.20 -7.92
N PRO B 649 -10.82 -1.43 -9.00
CA PRO B 649 -10.23 -1.82 -10.28
C PRO B 649 -8.73 -1.57 -10.40
N LYS B 650 -7.96 -2.62 -10.70
CA LYS B 650 -6.55 -2.49 -11.02
C LYS B 650 -6.41 -1.97 -12.45
N MET B 651 -5.19 -1.63 -12.86
CA MET B 651 -4.95 -1.11 -14.21
C MET B 651 -5.50 -2.03 -15.31
N ALA B 652 -5.31 -3.33 -15.14
CA ALA B 652 -5.77 -4.31 -16.12
C ALA B 652 -7.29 -4.30 -16.28
N ALA B 653 -8.01 -4.06 -15.19
CA ALA B 653 -9.46 -3.97 -15.23
C ALA B 653 -9.93 -2.84 -16.16
N HIS B 654 -9.26 -1.70 -16.11
CA HIS B 654 -9.56 -0.60 -17.02
C HIS B 654 -9.28 -0.96 -18.47
N TRP B 655 -8.17 -1.65 -18.70
CA TRP B 655 -7.80 -2.07 -20.05
C TRP B 655 -8.78 -3.12 -20.62
N LEU B 656 -9.16 -4.08 -19.79
CA LEU B 656 -10.11 -5.09 -20.18
C LEU B 656 -11.48 -4.50 -20.47
N ARG B 657 -11.85 -3.48 -19.69
CA ARG B 657 -13.10 -2.79 -19.85
C ARG B 657 -13.20 -2.14 -21.23
N GLU B 658 -12.11 -1.52 -21.65
CA GLU B 658 -12.04 -0.89 -22.96
C GLU B 658 -12.06 -1.91 -24.09
N ARG B 659 -11.37 -3.04 -23.89
CA ARG B 659 -11.37 -4.12 -24.88
C ARG B 659 -12.76 -4.74 -25.04
N TRP B 660 -13.37 -5.10 -23.92
CA TRP B 660 -14.67 -5.76 -23.92
C TRP B 660 -15.79 -4.87 -24.43
N ALA B 661 -15.65 -3.56 -24.21
CA ALA B 661 -16.61 -2.60 -24.75
C ALA B 661 -16.72 -2.67 -26.26
N GLY B 662 -15.62 -3.06 -26.91
CA GLY B 662 -15.59 -3.14 -28.37
C GLY B 662 -15.86 -4.53 -28.90
N ILE B 663 -16.22 -5.46 -28.03
CA ILE B 663 -16.48 -6.84 -28.45
C ILE B 663 -17.95 -7.19 -28.20
N PRO B 664 -18.69 -7.50 -29.28
CA PRO B 664 -20.11 -7.81 -29.19
C PRO B 664 -20.37 -9.21 -28.63
N ASP B 665 -21.50 -9.39 -27.96
CA ASP B 665 -21.90 -10.69 -27.44
C ASP B 665 -22.05 -11.70 -28.58
N TYR B 666 -22.60 -11.24 -29.70
CA TYR B 666 -22.80 -12.08 -30.87
C TYR B 666 -21.98 -11.63 -32.07
N GLY B 667 -21.42 -12.58 -32.81
CA GLY B 667 -20.79 -12.30 -34.08
C GLY B 667 -19.37 -11.77 -34.07
N TYR B 668 -18.70 -11.81 -32.92
CA TYR B 668 -17.31 -11.37 -32.85
C TYR B 668 -16.45 -12.24 -33.75
N LYS B 669 -16.78 -13.53 -33.80
CA LYS B 669 -16.04 -14.47 -34.63
C LYS B 669 -16.98 -15.28 -35.55
N ASN C 1 50.37 -7.14 -4.98
CA ASN C 1 49.33 -7.73 -4.17
C ASN C 1 48.52 -6.69 -3.38
N GLY C 2 49.22 -5.71 -2.82
CA GLY C 2 48.56 -4.68 -2.05
C GLY C 2 47.66 -3.83 -2.92
N MET C 3 46.52 -3.44 -2.35
CA MET C 3 45.59 -2.58 -3.06
C MET C 3 45.06 -1.49 -2.13
N LEU C 4 46.00 -0.73 -1.57
CA LEU C 4 45.69 0.38 -0.69
C LEU C 4 44.78 1.38 -1.39
N TYR C 5 43.80 1.93 -0.69
CA TYR C 5 42.94 2.90 -1.34
C TYR C 5 43.74 4.16 -1.65
N PRO C 6 43.58 4.70 -2.87
CA PRO C 6 44.31 5.88 -3.34
C PRO C 6 44.18 7.06 -2.40
N GLN C 7 45.30 7.73 -2.16
CA GLN C 7 45.39 8.75 -1.12
C GLN C 7 46.05 10.02 -1.64
N SER C 8 45.61 11.16 -1.14
CA SER C 8 46.24 12.44 -1.47
C SER C 8 47.03 12.99 -0.29
N ASN C 9 48.28 13.33 -0.55
CA ASN C 9 49.18 13.90 0.44
C ASN C 9 50.30 14.66 -0.28
N ASP C 10 51.41 14.91 0.39
CA ASP C 10 52.47 15.72 -0.21
C ASP C 10 53.20 14.96 -1.31
N SER C 11 53.07 13.64 -1.31
CA SER C 11 53.75 12.82 -2.30
C SER C 11 52.81 12.24 -3.35
N ARG C 12 51.51 12.31 -3.09
CA ARG C 12 50.53 11.63 -3.93
C ARG C 12 49.29 12.49 -4.20
N ILE C 13 48.73 12.35 -5.39
CA ILE C 13 47.47 13.04 -5.70
C ILE C 13 46.48 12.06 -6.34
N VAL C 14 45.20 12.26 -6.06
CA VAL C 14 44.15 11.43 -6.62
C VAL C 14 43.26 12.27 -7.54
N PHE C 15 43.03 11.79 -8.76
CA PHE C 15 42.12 12.45 -9.68
C PHE C 15 40.93 11.57 -10.02
N PRO C 16 39.78 11.83 -9.38
CA PRO C 16 38.56 11.07 -9.58
C PRO C 16 38.00 11.22 -11.00
N LEU C 17 37.49 10.13 -11.55
CA LEU C 17 36.94 10.13 -12.91
C LEU C 17 35.45 9.82 -12.88
N ASP C 18 34.88 9.88 -11.69
CA ASP C 18 33.45 9.72 -11.52
C ASP C 18 32.70 10.87 -12.17
N GLY C 19 31.44 10.63 -12.52
CA GLY C 19 30.61 11.65 -13.13
C GLY C 19 29.67 11.05 -14.15
N VAL C 20 29.26 11.85 -15.13
CA VAL C 20 28.36 11.38 -16.17
C VAL C 20 29.13 11.02 -17.44
N TRP C 21 29.23 9.72 -17.71
CA TRP C 21 29.96 9.20 -18.87
C TRP C 21 29.09 8.99 -20.10
N ASP C 22 29.73 8.69 -21.22
CA ASP C 22 29.01 8.21 -22.40
C ASP C 22 28.87 6.68 -22.32
N PHE C 23 27.85 6.15 -22.99
CA PHE C 23 27.44 4.77 -22.79
C PHE C 23 26.67 4.24 -23.98
N ARG C 24 26.98 3.01 -24.37
CA ARG C 24 26.22 2.28 -25.38
C ARG C 24 26.07 0.82 -24.97
N THR C 25 24.92 0.23 -25.28
CA THR C 25 24.80 -1.22 -25.19
C THR C 25 25.52 -1.84 -26.37
N ALA C 26 25.99 -3.08 -26.20
CA ALA C 26 26.62 -3.80 -27.30
C ALA C 26 26.01 -5.19 -27.42
N GLY C 27 26.82 -6.16 -27.86
CA GLY C 27 26.32 -7.47 -28.22
C GLY C 27 26.30 -8.50 -27.11
N GLU C 28 25.67 -9.64 -27.39
CA GLU C 28 25.58 -10.75 -26.46
C GLU C 28 26.94 -11.36 -26.13
N ASP C 29 27.87 -11.33 -27.11
CA ASP C 29 29.21 -11.87 -26.87
C ASP C 29 30.30 -11.07 -27.57
N SER C 30 29.99 -9.85 -27.99
CA SER C 30 31.02 -8.98 -28.56
C SER C 30 30.67 -7.51 -28.43
N TYR C 31 31.64 -6.67 -28.75
CA TYR C 31 31.44 -5.23 -28.83
C TYR C 31 32.39 -4.71 -29.89
N PRO C 32 32.05 -3.57 -30.51
CA PRO C 32 32.92 -3.00 -31.56
C PRO C 32 34.23 -2.47 -30.98
N ALA C 33 35.34 -3.11 -31.32
CA ALA C 33 36.66 -2.71 -30.81
C ALA C 33 37.05 -1.30 -31.23
N GLU C 34 36.51 -0.84 -32.36
CA GLU C 34 36.84 0.48 -32.89
C GLU C 34 36.24 1.62 -32.07
N TRP C 35 35.32 1.28 -31.16
CA TRP C 35 34.74 2.27 -30.27
C TRP C 35 35.77 2.85 -29.30
N ALA C 36 36.87 2.14 -29.11
CA ALA C 36 37.94 2.63 -28.26
C ALA C 36 38.79 3.69 -28.96
N ASP C 37 38.66 3.78 -30.27
CA ASP C 37 39.55 4.61 -31.09
C ASP C 37 39.01 6.02 -31.27
N ALA C 38 37.71 6.17 -31.04
CA ALA C 38 37.03 7.43 -31.30
C ALA C 38 35.84 7.55 -30.35
N PRO C 39 35.30 8.77 -30.18
CA PRO C 39 34.10 8.95 -29.35
C PRO C 39 32.98 7.98 -29.70
N LEU C 40 32.27 7.47 -28.69
CA LEU C 40 31.14 6.59 -28.94
C LEU C 40 30.13 7.30 -29.82
N PRO C 41 29.59 6.59 -30.82
CA PRO C 41 28.52 7.15 -31.66
C PRO C 41 27.18 7.14 -30.93
N GLU C 42 26.44 8.25 -31.04
CA GLU C 42 25.11 8.38 -30.40
C GLU C 42 25.05 7.88 -28.96
N PRO C 43 25.92 8.41 -28.09
CA PRO C 43 26.01 7.82 -26.75
C PRO C 43 24.83 8.17 -25.86
N LEU C 44 24.56 7.33 -24.86
CA LEU C 44 23.62 7.67 -23.80
C LEU C 44 24.40 8.27 -22.64
N PRO C 45 23.70 9.02 -21.78
CA PRO C 45 24.36 9.42 -20.53
C PRO C 45 24.30 8.27 -19.53
N MET C 46 25.33 8.16 -18.70
CA MET C 46 25.37 7.14 -17.66
C MET C 46 26.24 7.64 -16.53
N ALA C 47 25.64 7.76 -15.34
CA ALA C 47 26.37 8.28 -14.20
C ALA C 47 27.28 7.19 -13.67
N VAL C 48 28.48 7.56 -13.23
CA VAL C 48 29.26 6.54 -12.53
C VAL C 48 30.04 6.96 -11.29
N PRO C 49 29.61 6.43 -10.14
CA PRO C 49 29.73 5.00 -9.90
C PRO C 49 28.26 4.59 -10.00
N GLY C 50 27.90 3.38 -10.39
CA GLY C 50 26.49 3.01 -10.39
C GLY C 50 26.20 1.83 -11.30
N SER C 51 25.11 1.09 -11.04
CA SER C 51 24.64 0.11 -12.00
C SER C 51 24.00 0.83 -13.17
N TYR C 52 24.15 0.29 -14.38
CA TYR C 52 23.53 0.93 -15.54
C TYR C 52 22.05 0.56 -15.68
N ASN C 53 21.65 -0.53 -15.03
CA ASN C 53 20.35 -1.14 -15.30
C ASN C 53 19.12 -0.27 -15.03
N ASP C 54 19.16 0.55 -13.98
CA ASP C 54 18.02 1.41 -13.65
C ASP C 54 18.24 2.88 -13.98
N GLN C 55 19.20 3.19 -14.85
CA GLN C 55 19.44 4.58 -15.24
C GLN C 55 18.85 4.97 -16.60
N ASN C 56 18.06 4.11 -17.23
CA ASN C 56 17.37 4.50 -18.45
C ASN C 56 16.04 3.76 -18.65
N ASP C 57 14.94 4.45 -18.37
CA ASP C 57 13.61 3.85 -18.44
C ASP C 57 13.05 3.75 -19.86
N GLU C 58 13.72 4.36 -20.83
CA GLU C 58 13.34 4.16 -22.23
C GLU C 58 13.72 2.75 -22.66
N LEU C 59 14.80 2.24 -22.09
CA LEU C 59 15.27 0.88 -22.37
C LEU C 59 14.94 -0.09 -21.24
N ASN C 60 15.06 -1.38 -21.51
CA ASN C 60 14.93 -2.39 -20.48
C ASN C 60 16.30 -3.00 -20.18
N LEU C 61 17.13 -2.23 -19.48
CA LEU C 61 18.52 -2.64 -19.26
C LEU C 61 18.62 -3.75 -18.21
N ARG C 62 17.56 -3.98 -17.45
CA ARG C 62 17.53 -5.13 -16.57
C ARG C 62 17.53 -6.43 -17.36
N ALA C 63 17.03 -6.35 -18.60
CA ALA C 63 16.95 -7.53 -19.46
C ALA C 63 18.19 -7.69 -20.33
N HIS C 64 19.15 -6.77 -20.21
CA HIS C 64 20.33 -6.81 -21.08
C HIS C 64 21.23 -8.02 -20.81
N TYR C 65 21.73 -8.61 -21.88
CA TYR C 65 22.63 -9.75 -21.77
C TYR C 65 23.87 -9.51 -22.63
N GLY C 66 25.04 -9.55 -22.00
CA GLY C 66 26.28 -9.35 -22.72
C GLY C 66 27.04 -8.09 -22.36
N TRP C 67 27.53 -7.39 -23.38
CA TRP C 67 28.46 -6.29 -23.20
C TRP C 67 27.80 -4.92 -23.23
N VAL C 68 28.42 -3.98 -22.51
CA VAL C 68 28.12 -2.56 -22.67
C VAL C 68 29.45 -1.83 -22.76
N VAL C 69 29.44 -0.61 -23.28
CA VAL C 69 30.66 0.16 -23.39
C VAL C 69 30.53 1.55 -22.76
N TYR C 70 31.39 1.82 -21.78
CA TYR C 70 31.48 3.13 -21.15
C TYR C 70 32.61 3.91 -21.82
N GLN C 71 32.50 5.24 -21.83
CA GLN C 71 33.58 6.06 -22.33
C GLN C 71 33.53 7.48 -21.76
N ARG C 72 34.70 8.05 -21.50
CA ARG C 72 34.79 9.47 -21.20
C ARG C 72 36.14 10.05 -21.61
N SER C 73 36.21 11.38 -21.60
CA SER C 73 37.47 12.08 -21.79
C SER C 73 37.89 12.74 -20.48
N PHE C 74 39.18 12.99 -20.34
CA PHE C 74 39.70 13.76 -19.21
C PHE C 74 41.05 14.36 -19.60
N ALA C 75 41.47 15.38 -18.87
CA ALA C 75 42.74 16.02 -19.14
C ALA C 75 43.34 16.50 -17.83
N VAL C 76 44.65 16.32 -17.69
CA VAL C 76 45.35 16.76 -16.49
C VAL C 76 46.61 17.53 -16.86
N PRO C 77 47.01 18.49 -16.01
CA PRO C 77 48.24 19.25 -16.27
C PRO C 77 49.49 18.37 -16.37
N SER C 78 50.36 18.69 -17.33
CA SER C 78 51.61 17.97 -17.52
C SER C 78 52.51 18.02 -16.29
N ARG C 79 52.37 19.10 -15.51
CA ARG C 79 53.24 19.27 -14.36
C ARG C 79 52.85 18.27 -13.25
N LEU C 80 51.65 17.69 -13.31
CA LEU C 80 51.29 16.66 -12.32
C LEU C 80 51.90 15.31 -12.68
N VAL C 81 51.92 15.01 -13.98
CA VAL C 81 52.33 13.69 -14.44
C VAL C 81 53.85 13.58 -14.47
N ALA C 82 54.54 14.72 -14.50
CA ALA C 82 55.99 14.74 -14.66
C ALA C 82 56.70 13.92 -13.59
N GLY C 83 57.35 12.84 -14.02
CA GLY C 83 58.17 12.03 -13.13
C GLY C 83 57.37 11.17 -12.17
N GLN C 84 56.06 11.11 -12.36
CA GLN C 84 55.24 10.29 -11.47
C GLN C 84 54.82 8.98 -12.12
N ARG C 85 54.57 7.99 -11.27
CA ARG C 85 53.93 6.76 -11.67
C ARG C 85 52.43 7.00 -11.69
N MET C 86 51.81 6.77 -12.84
CA MET C 86 50.40 7.07 -13.01
C MET C 86 49.57 5.79 -13.01
N ILE C 87 48.57 5.74 -12.13
CA ILE C 87 47.78 4.54 -11.97
C ILE C 87 46.28 4.80 -12.15
N LEU C 88 45.66 4.00 -13.00
CA LEU C 88 44.22 4.05 -13.20
C LEU C 88 43.56 2.94 -12.40
N ARG C 89 42.70 3.31 -11.44
CA ARG C 89 42.07 2.33 -10.57
C ARG C 89 40.56 2.22 -10.74
N PHE C 90 40.10 0.98 -10.86
CA PHE C 90 38.68 0.68 -10.89
C PHE C 90 38.31 -0.01 -9.58
N ASP C 91 37.53 0.66 -8.73
CA ASP C 91 37.15 0.05 -7.45
C ASP C 91 36.33 -1.21 -7.68
N ALA C 92 35.50 -1.20 -8.73
CA ALA C 92 34.75 -2.38 -9.16
C ALA C 92 34.09 -2.21 -10.52
N ALA C 93 34.20 -3.24 -11.34
CA ALA C 93 33.50 -3.32 -12.61
C ALA C 93 32.85 -4.69 -12.69
N THR C 94 31.53 -4.71 -12.82
CA THR C 94 30.74 -5.93 -12.63
C THR C 94 30.18 -6.43 -13.96
N HIS C 95 30.57 -7.63 -14.41
CA HIS C 95 31.45 -8.55 -13.68
C HIS C 95 32.87 -8.59 -14.25
N ALA C 96 33.00 -8.33 -15.54
CA ALA C 96 34.29 -8.39 -16.22
C ALA C 96 34.47 -7.16 -17.08
N ALA C 97 35.72 -6.77 -17.31
CA ALA C 97 35.98 -5.56 -18.07
C ALA C 97 37.21 -5.64 -18.96
N ASP C 98 37.13 -4.99 -20.11
CA ASP C 98 38.30 -4.69 -20.94
C ASP C 98 38.49 -3.18 -20.89
N VAL C 99 39.71 -2.74 -20.64
CA VAL C 99 39.96 -1.31 -20.48
C VAL C 99 40.88 -0.78 -21.57
N TYR C 100 40.47 0.30 -22.22
CA TYR C 100 41.28 0.94 -23.24
C TYR C 100 41.59 2.38 -22.87
N LEU C 101 42.82 2.80 -23.14
CA LEU C 101 43.22 4.19 -22.98
C LEU C 101 43.85 4.67 -24.28
N ASN C 102 43.25 5.69 -24.89
CA ASN C 102 43.72 6.25 -26.16
C ASN C 102 43.91 5.18 -27.23
N GLY C 103 43.02 4.20 -27.25
CA GLY C 103 43.05 3.13 -28.24
C GLY C 103 43.90 1.93 -27.86
N GLN C 104 44.70 2.07 -26.80
CA GLN C 104 45.53 0.97 -26.31
C GLN C 104 44.77 0.15 -25.29
N LEU C 105 44.68 -1.15 -25.54
CA LEU C 105 44.13 -2.06 -24.56
C LEU C 105 45.08 -2.12 -23.37
N LEU C 106 44.58 -1.76 -22.19
CA LEU C 106 45.39 -1.79 -20.98
C LEU C 106 45.38 -3.19 -20.38
N GLY C 107 44.27 -3.90 -20.55
CA GLY C 107 44.12 -5.22 -19.98
C GLY C 107 42.70 -5.53 -19.62
N SER C 108 42.52 -6.61 -18.87
CA SER C 108 41.19 -7.11 -18.56
C SER C 108 41.13 -7.61 -17.13
N HIS C 109 39.92 -7.81 -16.63
CA HIS C 109 39.73 -8.28 -15.27
C HIS C 109 38.43 -9.05 -15.14
N PHE C 110 38.46 -10.17 -14.40
CA PHE C 110 37.21 -10.80 -14.01
C PHE C 110 37.10 -10.73 -12.49
N GLY C 111 35.90 -10.42 -12.05
CA GLY C 111 35.54 -10.36 -10.65
C GLY C 111 34.84 -9.02 -10.52
N GLY C 112 33.56 -9.05 -10.19
CA GLY C 112 32.74 -7.85 -10.22
C GLY C 112 32.76 -7.02 -8.96
N PHE C 113 33.49 -7.45 -7.95
CA PHE C 113 33.37 -6.85 -6.63
C PHE C 113 34.69 -6.57 -5.94
N LEU C 114 35.79 -6.60 -6.68
CA LEU C 114 37.10 -6.34 -6.11
C LEU C 114 37.84 -5.41 -7.05
N PRO C 115 38.72 -4.56 -6.49
CA PRO C 115 39.33 -3.51 -7.32
C PRO C 115 40.50 -4.00 -8.16
N PHE C 116 40.77 -3.29 -9.26
CA PHE C 116 41.91 -3.58 -10.11
C PHE C 116 42.45 -2.30 -10.71
N GLU C 117 43.71 -2.32 -11.13
CA GLU C 117 44.35 -1.09 -11.59
C GLU C 117 45.40 -1.34 -12.67
N PHE C 118 45.71 -0.27 -13.41
CA PHE C 118 46.70 -0.35 -14.49
C PHE C 118 47.70 0.79 -14.37
N ASP C 119 48.96 0.48 -14.68
CA ASP C 119 49.97 1.51 -14.83
C ASP C 119 49.77 2.13 -16.20
N VAL C 120 49.42 3.41 -16.23
CA VAL C 120 49.12 4.09 -17.49
C VAL C 120 50.11 5.20 -17.81
N THR C 121 51.27 5.16 -17.14
CA THR C 121 52.30 6.20 -17.29
C THR C 121 52.68 6.44 -18.76
N SER C 122 52.82 5.35 -19.52
CA SER C 122 53.22 5.46 -20.92
C SER C 122 52.04 5.63 -21.87
N ALA C 123 50.84 5.32 -21.39
CA ALA C 123 49.64 5.40 -22.23
C ALA C 123 49.01 6.78 -22.24
N LEU C 124 49.27 7.57 -21.18
CA LEU C 124 48.76 8.94 -21.10
C LEU C 124 49.45 9.86 -22.10
N HIS C 125 48.74 10.88 -22.56
CA HIS C 125 49.39 11.99 -23.25
C HIS C 125 48.75 13.31 -22.85
N ALA C 126 49.36 14.42 -23.26
CA ALA C 126 48.86 15.75 -22.93
C ALA C 126 47.54 16.03 -23.62
N GLY C 127 46.74 16.92 -23.05
CA GLY C 127 45.43 17.23 -23.59
C GLY C 127 44.41 16.16 -23.25
N GLU C 128 43.39 16.03 -24.07
CA GLU C 128 42.31 15.09 -23.80
C GLU C 128 42.74 13.64 -23.99
N ASN C 129 42.48 12.82 -22.98
CA ASN C 129 42.69 11.39 -23.08
C ASN C 129 41.35 10.69 -23.20
N LEU C 130 41.30 9.63 -23.97
CA LEU C 130 40.04 8.93 -24.19
C LEU C 130 40.05 7.58 -23.49
N LEU C 131 39.15 7.42 -22.53
CA LEU C 131 39.11 6.21 -21.71
C LEU C 131 37.87 5.39 -22.04
N THR C 132 38.07 4.17 -22.51
CA THR C 132 36.98 3.31 -22.93
C THR C 132 36.95 2.02 -22.11
N VAL C 133 35.78 1.70 -21.57
CA VAL C 133 35.64 0.53 -20.71
C VAL C 133 34.46 -0.32 -21.16
N ALA C 134 34.77 -1.53 -21.63
CA ALA C 134 33.74 -2.49 -21.98
C ALA C 134 33.44 -3.35 -20.76
N VAL C 135 32.17 -3.50 -20.42
CA VAL C 135 31.79 -4.26 -19.23
C VAL C 135 30.84 -5.40 -19.59
N ASP C 136 31.15 -6.59 -19.08
CA ASP C 136 30.43 -7.81 -19.41
C ASP C 136 29.63 -8.27 -18.20
N ASN C 137 28.33 -8.46 -18.36
CA ASN C 137 27.46 -8.81 -17.23
C ASN C 137 27.16 -10.30 -17.13
N ARG C 138 27.76 -11.09 -18.01
CA ARG C 138 27.35 -12.48 -18.16
C ARG C 138 27.80 -13.34 -16.99
N ILE C 139 26.90 -14.20 -16.54
CA ILE C 139 27.19 -15.18 -15.51
C ILE C 139 26.89 -16.57 -16.06
N GLY C 140 27.49 -17.59 -15.46
CA GLY C 140 27.31 -18.96 -15.91
C GLY C 140 27.97 -19.93 -14.95
N SER C 141 28.23 -21.13 -15.43
CA SER C 141 28.69 -22.22 -14.57
C SER C 141 30.13 -22.07 -14.09
N SER C 142 30.87 -21.13 -14.68
CA SER C 142 32.25 -20.90 -14.27
C SER C 142 32.49 -19.55 -13.61
N THR C 143 31.43 -18.77 -13.43
CA THR C 143 31.55 -17.46 -12.77
C THR C 143 31.26 -17.49 -11.27
N LEU C 144 31.79 -16.51 -10.57
CA LEU C 144 31.37 -16.19 -9.21
C LEU C 144 30.89 -14.74 -9.18
N PRO C 145 29.58 -14.53 -8.91
CA PRO C 145 28.55 -15.52 -8.56
C PRO C 145 28.17 -16.47 -9.70
N VAL C 146 27.63 -17.63 -9.34
CA VAL C 146 27.33 -18.70 -10.28
C VAL C 146 26.03 -18.48 -11.05
N GLY C 147 26.09 -18.67 -12.37
CA GLY C 147 24.90 -18.66 -13.21
C GLY C 147 24.63 -20.06 -13.72
N ASN C 148 23.41 -20.29 -14.20
CA ASN C 148 23.07 -21.58 -14.79
C ASN C 148 23.28 -21.48 -16.29
N ASP C 149 23.92 -22.49 -16.88
CA ASP C 149 24.15 -22.45 -18.32
C ASP C 149 22.86 -22.75 -19.08
N ALA C 150 21.94 -23.45 -18.41
CA ALA C 150 20.57 -23.59 -18.89
C ALA C 150 19.58 -23.92 -17.78
N GLY C 151 18.29 -23.76 -18.10
CA GLY C 151 17.20 -24.09 -17.19
C GLY C 151 16.44 -22.90 -16.65
N THR C 152 16.44 -22.71 -15.34
CA THR C 152 15.66 -21.65 -14.72
C THR C 152 16.53 -20.81 -13.80
N ALA C 153 15.96 -19.74 -13.25
CA ALA C 153 16.62 -19.03 -12.18
C ALA C 153 16.28 -19.74 -10.88
N PHE C 154 16.93 -19.34 -9.81
CA PHE C 154 16.72 -19.91 -8.48
C PHE C 154 15.25 -19.86 -8.13
N MET C 155 14.75 -20.85 -7.39
CA MET C 155 13.36 -20.80 -6.92
C MET C 155 12.45 -20.56 -8.12
N GLY C 156 12.72 -21.27 -9.20
CA GLY C 156 12.03 -21.01 -10.45
C GLY C 156 10.88 -21.94 -10.74
N SER C 157 9.83 -21.36 -11.30
CA SER C 157 8.63 -22.10 -11.62
C SER C 157 8.79 -22.61 -13.04
N ASP C 158 8.38 -23.85 -13.27
CA ASP C 158 8.52 -24.42 -14.60
C ASP C 158 7.43 -25.47 -14.83
N ASN C 159 7.00 -25.65 -16.07
CA ASN C 159 6.13 -26.77 -16.43
C ASN C 159 6.70 -27.53 -17.62
N ALA C 160 7.93 -28.03 -17.44
CA ALA C 160 8.67 -28.73 -18.49
C ALA C 160 7.90 -29.87 -19.17
N ASN C 161 6.91 -30.44 -18.48
CA ASN C 161 6.15 -31.55 -19.03
C ASN C 161 5.23 -31.14 -20.18
N VAL C 162 5.07 -29.83 -20.39
CA VAL C 162 4.35 -29.30 -21.54
C VAL C 162 5.29 -29.15 -22.73
N PRO C 163 4.97 -29.83 -23.84
CA PRO C 163 5.74 -29.79 -25.09
C PRO C 163 5.93 -28.36 -25.62
N ALA C 164 4.88 -27.56 -25.54
CA ALA C 164 4.91 -26.19 -26.02
C ALA C 164 5.90 -25.34 -25.23
N VAL C 165 6.02 -25.62 -23.94
CA VAL C 165 6.92 -24.87 -23.06
C VAL C 165 8.37 -25.20 -23.41
N ALA C 166 8.66 -26.50 -23.52
CA ALA C 166 9.98 -26.98 -23.88
C ALA C 166 10.48 -26.36 -25.19
N GLU C 167 9.58 -26.24 -26.16
CA GLU C 167 9.94 -25.69 -27.47
C GLU C 167 10.17 -24.18 -27.43
N ALA C 168 9.25 -23.46 -26.79
CA ALA C 168 9.36 -22.01 -26.66
C ALA C 168 10.64 -21.64 -25.92
N LYS C 169 11.02 -22.48 -24.96
CA LYS C 169 12.22 -22.26 -24.17
C LYS C 169 13.47 -22.24 -25.04
N LYS C 170 13.46 -23.04 -26.09
CA LYS C 170 14.64 -23.17 -26.94
C LYS C 170 14.85 -21.93 -27.79
N HIS C 171 13.79 -21.13 -27.96
CA HIS C 171 13.88 -19.94 -28.80
C HIS C 171 13.75 -18.63 -28.01
N ALA C 172 13.70 -18.73 -26.70
CA ALA C 172 13.55 -17.53 -25.87
C ALA C 172 14.79 -16.66 -25.95
N ARG C 173 14.60 -15.35 -25.80
CA ARG C 173 15.71 -14.41 -25.71
C ARG C 173 16.69 -14.85 -24.63
N ARG C 174 17.98 -14.79 -24.93
CA ARG C 174 18.99 -15.18 -23.97
C ARG C 174 19.06 -14.24 -22.78
N GLN C 175 19.12 -14.83 -21.60
CA GLN C 175 19.17 -14.08 -20.34
C GLN C 175 20.17 -14.71 -19.38
N ASN C 176 20.74 -13.90 -18.50
CA ASN C 176 21.52 -14.43 -17.39
C ASN C 176 20.61 -15.24 -16.48
N LEU C 177 21.04 -16.43 -16.10
CA LEU C 177 20.23 -17.29 -15.23
C LEU C 177 20.95 -17.50 -13.91
N PRO C 178 20.64 -16.66 -12.92
CA PRO C 178 21.40 -16.68 -11.67
C PRO C 178 21.09 -17.90 -10.84
N ASN C 179 22.10 -18.41 -10.14
CA ASN C 179 21.85 -19.38 -9.08
C ASN C 179 21.93 -18.67 -7.72
N PHE C 180 21.46 -17.43 -7.67
CA PHE C 180 21.51 -16.62 -6.45
C PHE C 180 20.32 -15.63 -6.42
N ASP C 181 19.92 -15.22 -5.21
CA ASP C 181 18.69 -14.46 -5.01
C ASP C 181 18.89 -12.96 -4.83
N PHE C 182 19.54 -12.33 -5.80
CA PHE C 182 19.62 -10.88 -5.86
C PHE C 182 19.86 -10.49 -7.32
N PHE C 183 19.34 -9.35 -7.74
CA PHE C 183 19.39 -9.02 -9.17
C PHE C 183 20.81 -8.77 -9.64
N ASN C 184 21.08 -9.16 -10.89
CA ASN C 184 22.39 -9.08 -11.50
C ASN C 184 22.74 -7.65 -11.97
N PHE C 185 22.78 -6.70 -11.05
CA PHE C 185 23.14 -5.32 -11.38
C PHE C 185 24.58 -5.27 -11.88
N ALA C 186 24.82 -4.57 -12.97
CA ALA C 186 26.14 -4.57 -13.61
C ALA C 186 26.62 -3.18 -14.00
N GLY C 187 27.90 -3.08 -14.38
CA GLY C 187 28.46 -1.82 -14.81
C GLY C 187 29.54 -1.28 -13.88
N LEU C 188 29.83 0.01 -14.01
CA LEU C 188 30.84 0.65 -13.17
C LEU C 188 30.21 0.99 -11.82
N ASN C 189 30.04 -0.05 -11.01
CA ASN C 189 29.32 0.03 -9.74
C ASN C 189 30.03 0.86 -8.67
N ARG C 190 31.34 1.02 -8.79
CA ARG C 190 32.08 1.81 -7.82
C ARG C 190 33.02 2.80 -8.51
N HIS C 191 33.72 3.58 -7.70
CA HIS C 191 34.47 4.73 -8.21
C HIS C 191 35.58 4.34 -9.18
N VAL C 192 35.93 5.29 -10.04
CA VAL C 192 37.07 5.14 -10.94
C VAL C 192 37.98 6.33 -10.71
N GLU C 193 39.28 6.09 -10.59
CA GLU C 193 40.19 7.20 -10.36
C GLU C 193 41.59 6.96 -10.87
N LEU C 194 42.23 8.07 -11.21
CA LEU C 194 43.62 8.11 -11.57
C LEU C 194 44.40 8.60 -10.36
N TYR C 195 45.48 7.92 -10.00
CA TYR C 195 46.29 8.44 -8.91
C TYR C 195 47.78 8.36 -9.24
N THR C 196 48.57 9.07 -8.44
CA THR C 196 50.01 9.14 -8.65
C THR C 196 50.77 8.62 -7.45
N THR C 197 51.94 8.05 -7.72
CA THR C 197 52.93 7.78 -6.69
C THR C 197 54.27 8.22 -7.25
N PRO C 198 55.28 8.34 -6.38
CA PRO C 198 56.66 8.45 -6.87
C PRO C 198 57.05 7.26 -7.74
N ALA C 199 57.94 7.46 -8.69
CA ALA C 199 58.29 6.39 -9.63
C ALA C 199 59.47 5.53 -9.16
N ASP C 200 60.50 6.18 -8.60
CA ASP C 200 61.73 5.48 -8.23
C ASP C 200 61.49 4.45 -7.12
N ALA C 201 60.72 4.85 -6.12
CA ALA C 201 60.40 3.99 -4.99
C ALA C 201 59.13 4.51 -4.35
N TYR C 202 58.26 3.59 -3.92
CA TYR C 202 56.94 3.96 -3.43
C TYR C 202 56.37 2.89 -2.52
N ILE C 203 55.50 3.30 -1.60
CA ILE C 203 54.81 2.37 -0.72
C ILE C 203 53.71 1.64 -1.49
N ALA C 204 53.78 0.30 -1.51
CA ALA C 204 52.86 -0.50 -2.32
C ALA C 204 51.82 -1.22 -1.47
N ASP C 205 52.17 -1.55 -0.23
CA ASP C 205 51.27 -2.26 0.67
C ASP C 205 51.62 -2.06 2.15
N ILE C 206 50.62 -2.15 3.00
CA ILE C 206 50.81 -2.06 4.45
C ILE C 206 49.92 -3.08 5.16
N ALA C 207 50.50 -3.82 6.10
CA ALA C 207 49.70 -4.70 6.95
C ALA C 207 50.01 -4.41 8.41
N ILE C 208 48.96 -4.11 9.18
CA ILE C 208 49.08 -3.87 10.60
C ILE C 208 48.34 -4.99 11.34
N THR C 209 48.96 -5.57 12.36
CA THR C 209 48.28 -6.60 13.13
C THR C 209 48.38 -6.34 14.62
N THR C 210 47.36 -6.79 15.35
CA THR C 210 47.37 -6.81 16.81
C THR C 210 47.88 -8.17 17.24
N GLU C 211 49.10 -8.21 17.79
CA GLU C 211 49.73 -9.47 18.12
C GLU C 211 49.38 -9.99 19.52
N ARG C 212 49.40 -9.09 20.50
CA ARG C 212 49.19 -9.48 21.89
C ARG C 212 48.72 -8.29 22.73
N LEU C 213 47.83 -8.56 23.69
CA LEU C 213 47.39 -7.56 24.63
C LEU C 213 47.77 -8.00 26.04
N ASP C 214 48.39 -7.11 26.79
CA ASP C 214 48.78 -7.40 28.16
C ASP C 214 47.93 -6.58 29.12
N HIS C 215 47.33 -7.27 30.07
CA HIS C 215 46.51 -6.64 31.11
C HIS C 215 45.40 -5.77 30.52
N ILE C 216 44.41 -6.43 29.94
CA ILE C 216 43.23 -5.75 29.42
C ILE C 216 42.35 -5.31 30.59
N ALA C 217 41.89 -4.07 30.56
CA ALA C 217 41.01 -3.56 31.59
C ALA C 217 39.73 -4.38 31.69
N GLY C 218 39.07 -4.32 32.84
CA GLY C 218 37.84 -5.07 33.06
C GLY C 218 36.77 -4.72 32.05
N ASP C 219 36.75 -3.47 31.61
CA ASP C 219 35.79 -3.01 30.62
C ASP C 219 36.35 -3.09 29.20
N ALA C 220 37.59 -3.56 29.07
CA ALA C 220 38.25 -3.72 27.79
C ALA C 220 38.39 -2.40 27.00
N CYS C 221 38.36 -1.27 27.70
CA CYS C 221 38.57 0.02 27.04
C CYS C 221 40.05 0.22 26.71
N THR C 222 40.91 -0.39 27.52
CA THR C 222 42.35 -0.24 27.36
C THR C 222 43.12 -1.53 27.63
N ALA C 223 44.39 -1.55 27.22
CA ALA C 223 45.33 -2.57 27.65
C ALA C 223 46.57 -1.86 28.15
N ALA C 224 47.19 -2.38 29.21
CA ALA C 224 48.37 -1.76 29.79
C ALA C 224 49.48 -1.70 28.75
N ASN C 225 49.55 -2.76 27.95
CA ASN C 225 50.47 -2.81 26.83
C ASN C 225 49.90 -3.59 25.67
N ALA C 226 50.09 -3.05 24.46
CA ALA C 226 49.66 -3.71 23.24
C ALA C 226 50.83 -3.84 22.29
N LEU C 227 51.04 -5.05 21.79
CA LEU C 227 52.09 -5.29 20.80
C LEU C 227 51.49 -5.38 19.41
N ILE C 228 51.84 -4.40 18.57
CA ILE C 228 51.40 -4.43 17.19
C ILE C 228 52.59 -4.64 16.27
N ALA C 229 52.31 -5.19 15.09
CA ALA C 229 53.34 -5.45 14.10
C ALA C 229 52.99 -4.77 12.80
N TYR C 230 54.03 -4.37 12.08
CA TYR C 230 53.85 -3.77 10.77
C TYR C 230 54.63 -4.55 9.72
N ASP C 231 54.14 -4.50 8.48
CA ASP C 231 54.79 -5.11 7.34
C ASP C 231 54.51 -4.18 6.18
N VAL C 232 55.55 -3.49 5.69
CA VAL C 232 55.35 -2.55 4.61
C VAL C 232 56.08 -3.08 3.38
N THR C 233 55.36 -3.10 2.26
CA THR C 233 55.93 -3.58 1.01
C THR C 233 56.18 -2.38 0.10
N PHE C 234 57.28 -2.44 -0.65
CA PHE C 234 57.65 -1.34 -1.51
C PHE C 234 57.77 -1.82 -2.95
N GLY C 235 57.54 -0.91 -3.90
CA GLY C 235 57.78 -1.18 -5.30
C GLY C 235 58.77 -0.16 -5.84
N GLY C 236 59.24 -0.37 -7.07
CA GLY C 236 60.14 0.57 -7.69
C GLY C 236 61.58 0.11 -7.90
N ASP C 237 62.43 1.08 -8.27
CA ASP C 237 63.83 0.85 -8.60
C ASP C 237 63.91 -0.02 -9.86
N GLY C 276 70.61 0.68 1.87
CA GLY C 276 70.62 1.66 2.93
C GLY C 276 69.38 2.53 2.94
N ARG C 277 68.24 1.94 2.58
CA ARG C 277 66.99 2.69 2.62
C ARG C 277 66.17 2.38 3.88
N GLN C 278 65.39 3.36 4.32
CA GLN C 278 64.61 3.25 5.55
C GLN C 278 63.20 3.79 5.39
N VAL C 279 62.28 3.31 6.23
CA VAL C 279 60.93 3.86 6.27
C VAL C 279 60.64 4.32 7.70
N ARG C 280 60.04 5.50 7.83
CA ARG C 280 59.63 5.95 9.16
C ARG C 280 58.17 5.59 9.40
N ILE C 281 57.91 4.99 10.55
CA ILE C 281 56.56 4.64 10.93
C ILE C 281 56.14 5.35 12.19
N SER C 282 55.12 6.20 12.06
CA SER C 282 54.59 6.95 13.19
C SER C 282 53.17 6.49 13.53
N ILE C 283 52.93 6.25 14.81
CA ILE C 283 51.60 5.86 15.27
C ILE C 283 50.88 7.06 15.86
N LEU C 284 49.74 7.41 15.27
CA LEU C 284 48.96 8.57 15.68
C LEU C 284 47.73 8.12 16.44
N ASP C 285 47.44 8.74 17.58
CA ASP C 285 46.22 8.42 18.32
C ASP C 285 45.04 9.17 17.72
N GLY C 286 43.86 9.03 18.32
CA GLY C 286 42.66 9.67 17.83
C GLY C 286 42.71 11.19 17.77
N GLU C 287 43.67 11.77 18.48
CA GLU C 287 43.85 13.22 18.49
C GLU C 287 44.96 13.68 17.55
N GLY C 288 45.67 12.72 16.97
CA GLY C 288 46.72 13.04 16.03
C GLY C 288 48.07 13.15 16.71
N THR C 289 48.09 12.91 18.02
CA THR C 289 49.35 12.94 18.76
C THR C 289 50.14 11.69 18.43
N VAL C 290 51.40 11.90 18.06
CA VAL C 290 52.30 10.78 17.78
C VAL C 290 52.65 10.14 19.12
N VAL C 291 52.26 8.87 19.30
CA VAL C 291 52.47 8.20 20.57
C VAL C 291 53.57 7.15 20.46
N ALA C 292 54.01 6.92 19.23
CA ALA C 292 55.11 6.00 18.97
C ALA C 292 55.67 6.26 17.58
N GLY C 293 56.94 5.93 17.40
CA GLY C 293 57.63 6.18 16.15
C GLY C 293 58.85 5.30 16.11
N VAL C 294 59.12 4.72 14.96
CA VAL C 294 60.29 3.88 14.78
C VAL C 294 60.79 4.03 13.36
N THR C 295 62.08 3.76 13.15
CA THR C 295 62.66 3.78 11.82
C THR C 295 63.08 2.36 11.48
N ALA C 296 62.61 1.86 10.33
CA ALA C 296 62.85 0.47 9.98
C ALA C 296 63.67 0.35 8.70
N ASP C 297 64.42 -0.75 8.60
CA ASP C 297 65.27 -1.00 7.45
C ASP C 297 64.48 -1.67 6.33
N ILE C 298 64.74 -1.26 5.10
CA ILE C 298 64.11 -1.90 3.94
C ILE C 298 65.05 -2.96 3.40
N GLU C 299 64.57 -4.19 3.36
CA GLU C 299 65.40 -5.30 2.94
C GLU C 299 64.74 -6.08 1.82
N ARG C 300 65.48 -6.39 0.77
CA ARG C 300 64.97 -7.21 -0.34
C ARG C 300 65.14 -8.70 -0.08
N THR C 305 60.77 -6.88 -4.43
CA THR C 305 59.94 -7.08 -3.25
C THR C 305 60.67 -6.51 -2.05
N ALA C 306 60.87 -5.20 -2.04
CA ALA C 306 61.45 -4.53 -0.88
C ALA C 306 60.43 -4.46 0.25
N LYS C 307 60.86 -4.83 1.45
CA LYS C 307 59.95 -4.99 2.58
C LYS C 307 60.60 -4.50 3.87
N ALA C 308 59.79 -3.88 4.72
CA ALA C 308 60.20 -3.50 6.06
C ALA C 308 59.18 -4.03 7.04
N SER C 309 59.64 -4.65 8.12
CA SER C 309 58.73 -5.19 9.11
C SER C 309 59.30 -5.14 10.53
N GLY C 310 58.41 -5.10 11.52
CA GLY C 310 58.81 -5.07 12.91
C GLY C 310 57.63 -4.95 13.85
N GLU C 311 57.93 -4.73 15.13
CA GLU C 311 56.88 -4.62 16.15
C GLU C 311 56.99 -3.30 16.90
N ILE C 312 55.87 -2.89 17.48
CA ILE C 312 55.79 -1.66 18.25
C ILE C 312 54.94 -1.90 19.50
N ALA C 313 55.44 -1.47 20.65
CA ALA C 313 54.68 -1.58 21.89
C ALA C 313 53.95 -0.28 22.14
N ILE C 314 52.67 -0.39 22.52
CA ILE C 314 51.84 0.77 22.78
C ILE C 314 51.36 0.71 24.23
N ARG C 315 51.81 1.66 25.05
CA ARG C 315 51.43 1.68 26.46
C ARG C 315 50.03 2.26 26.62
N ASP C 316 49.26 1.65 27.52
CA ASP C 316 47.89 2.10 27.81
C ASP C 316 47.10 2.30 26.53
N ALA C 317 47.22 1.34 25.63
CA ALA C 317 46.58 1.45 24.31
C ALA C 317 45.08 1.43 24.45
N LYS C 318 44.41 2.26 23.66
CA LYS C 318 42.95 2.29 23.62
C LYS C 318 42.45 1.26 22.63
N LEU C 319 41.62 0.34 23.10
CA LEU C 319 41.19 -0.78 22.27
C LEU C 319 39.95 -0.44 21.44
N TRP C 320 39.82 -1.16 20.32
CA TRP C 320 38.64 -1.09 19.46
C TRP C 320 37.64 -2.15 19.92
N ASN C 321 36.41 -1.73 20.21
CA ASN C 321 35.35 -2.66 20.58
C ASN C 321 34.06 -2.37 19.82
N PRO C 322 33.19 -3.39 19.68
CA PRO C 322 31.84 -3.12 19.20
C PRO C 322 31.15 -2.08 20.06
N GLY C 323 30.54 -1.08 19.44
CA GLY C 323 29.85 -0.04 20.18
C GLY C 323 30.78 0.95 20.87
N ALA C 324 32.09 0.77 20.67
CA ALA C 324 33.08 1.65 21.29
C ALA C 324 34.37 1.61 20.49
N ALA C 325 34.34 2.19 19.30
CA ALA C 325 35.48 2.18 18.40
C ALA C 325 36.58 3.12 18.86
N TYR C 326 37.83 2.76 18.57
CA TYR C 326 38.96 3.67 18.67
C TYR C 326 39.94 3.36 17.55
N LEU C 327 40.34 4.38 16.80
CA LEU C 327 41.25 4.19 15.68
C LEU C 327 42.56 4.95 15.82
N TYR C 328 43.66 4.27 15.50
CA TYR C 328 44.97 4.91 15.37
C TYR C 328 45.28 5.08 13.90
N THR C 329 46.31 5.86 13.60
CA THR C 329 46.82 5.95 12.23
C THR C 329 48.28 5.52 12.20
N ALA C 330 48.59 4.58 11.33
CA ALA C 330 49.97 4.23 11.06
C ALA C 330 50.41 5.06 9.88
N VAL C 331 51.38 5.95 10.10
CA VAL C 331 51.90 6.77 9.03
C VAL C 331 53.24 6.20 8.60
N ALA C 332 53.31 5.74 7.35
CA ALA C 332 54.57 5.25 6.81
C ALA C 332 55.18 6.32 5.92
N GLU C 333 56.42 6.67 6.19
CA GLU C 333 57.12 7.66 5.38
C GLU C 333 58.46 7.11 4.90
N LEU C 334 58.57 6.99 3.59
CA LEU C 334 59.79 6.53 2.96
C LEU C 334 60.84 7.63 3.02
N LEU C 335 61.99 7.30 3.60
CA LEU C 335 63.04 8.30 3.83
C LEU C 335 64.07 8.37 2.70
N PRO C 336 64.62 9.58 2.46
CA PRO C 336 65.65 9.78 1.44
C PRO C 336 67.00 9.24 1.90
N SER C 344 65.31 15.89 6.03
CA SER C 344 63.99 16.23 6.53
C SER C 344 62.90 16.00 5.48
N ARG C 345 63.30 15.80 4.24
CA ARG C 345 62.32 15.56 3.18
C ARG C 345 61.83 14.12 3.24
N ILE C 346 60.61 13.91 2.74
CA ILE C 346 59.94 12.62 2.68
C ILE C 346 59.78 12.22 1.21
N ILE C 347 60.14 11.00 0.87
CA ILE C 347 60.02 10.51 -0.50
C ILE C 347 58.57 10.14 -0.83
N ASP C 348 57.98 9.33 0.05
CA ASP C 348 56.63 8.83 -0.16
C ASP C 348 55.99 8.62 1.19
N ALA C 349 54.67 8.65 1.23
CA ALA C 349 53.95 8.54 2.49
C ALA C 349 52.58 7.92 2.29
N TYR C 350 52.13 7.19 3.30
CA TYR C 350 50.77 6.65 3.30
C TYR C 350 50.22 6.58 4.72
N ARG C 351 48.97 6.97 4.86
CA ARG C 351 48.31 6.93 6.17
C ARG C 351 47.32 5.79 6.24
N GLN C 352 47.60 4.83 7.13
CA GLN C 352 46.76 3.65 7.25
C GLN C 352 46.07 3.56 8.61
N THR C 353 44.75 3.62 8.58
CA THR C 353 43.94 3.51 9.79
C THR C 353 43.98 2.07 10.31
N PHE C 354 44.00 1.91 11.63
CA PHE C 354 43.88 0.59 12.22
C PHE C 354 43.27 0.66 13.62
N GLY C 355 42.89 -0.49 14.14
CA GLY C 355 42.31 -0.56 15.47
C GLY C 355 42.96 -1.71 16.21
N ILE C 356 43.10 -1.54 17.53
CA ILE C 356 43.82 -2.52 18.32
C ILE C 356 42.81 -3.42 19.04
N ARG C 357 42.76 -4.67 18.59
CA ARG C 357 41.84 -5.65 19.17
C ARG C 357 42.27 -7.04 18.77
N THR C 358 41.95 -8.04 19.61
CA THR C 358 42.21 -9.42 19.25
C THR C 358 40.89 -10.13 18.98
N VAL C 359 40.95 -11.17 18.14
CA VAL C 359 39.79 -12.00 17.85
C VAL C 359 40.22 -13.43 18.03
N GLU C 360 39.50 -14.16 18.87
CA GLU C 360 39.85 -15.55 19.15
C GLU C 360 38.63 -16.40 19.47
N VAL C 361 38.50 -17.51 18.75
CA VAL C 361 37.51 -18.53 19.08
C VAL C 361 38.07 -19.46 20.15
N SER C 362 37.35 -19.59 21.27
CA SER C 362 37.75 -20.51 22.33
C SER C 362 36.56 -21.35 22.75
N GLY C 363 36.62 -22.65 22.43
CA GLY C 363 35.51 -23.54 22.73
C GLY C 363 34.28 -23.13 21.96
N THR C 364 33.20 -22.82 22.68
CA THR C 364 31.98 -22.33 22.04
C THR C 364 31.82 -20.83 22.26
N THR C 365 32.93 -20.12 22.44
CA THR C 365 32.86 -18.67 22.62
C THR C 365 33.64 -17.92 21.55
N PHE C 366 33.19 -16.70 21.26
CA PHE C 366 33.83 -15.85 20.27
C PHE C 366 34.39 -14.64 21.01
N LEU C 367 35.70 -14.61 21.19
CA LEU C 367 36.31 -13.61 22.07
C LEU C 367 36.90 -12.44 21.31
N ILE C 368 36.40 -11.25 21.62
CA ILE C 368 37.00 -10.01 21.16
C ILE C 368 37.60 -9.31 22.37
N ASN C 369 38.90 -9.04 22.32
CA ASN C 369 39.64 -8.52 23.46
C ASN C 369 39.40 -9.38 24.71
N GLY C 370 39.35 -10.70 24.51
CA GLY C 370 39.17 -11.63 25.61
C GLY C 370 37.77 -11.68 26.19
N LYS C 371 36.81 -11.01 25.55
CA LYS C 371 35.45 -10.99 26.05
C LYS C 371 34.46 -11.74 25.15
N PRO C 372 33.52 -12.47 25.77
CA PRO C 372 32.60 -13.32 25.01
C PRO C 372 31.55 -12.51 24.26
N PHE C 373 31.70 -12.45 22.94
CA PHE C 373 30.87 -11.61 22.07
C PHE C 373 29.59 -12.30 21.61
N TYR C 374 28.52 -11.52 21.44
CA TYR C 374 27.28 -12.03 20.86
C TYR C 374 26.88 -11.16 19.67
N PHE C 375 26.79 -11.78 18.49
CA PHE C 375 26.41 -11.06 17.27
C PHE C 375 24.93 -10.69 17.28
N LYS C 376 24.63 -9.41 17.07
CA LYS C 376 23.25 -8.96 16.84
C LYS C 376 23.23 -8.23 15.51
N GLY C 377 22.48 -8.76 14.54
CA GLY C 377 22.46 -8.13 13.23
C GLY C 377 21.73 -8.89 12.14
N PHE C 378 22.31 -8.84 10.95
CA PHE C 378 21.63 -9.26 9.73
C PHE C 378 22.60 -9.34 8.56
N GLY C 379 22.21 -10.07 7.51
CA GLY C 379 22.88 -9.94 6.23
C GLY C 379 22.37 -8.68 5.55
N LYS C 380 23.22 -8.02 4.78
CA LYS C 380 22.81 -6.83 4.06
C LYS C 380 22.87 -7.09 2.56
N HIS C 381 22.66 -6.03 1.79
CA HIS C 381 22.99 -6.03 0.37
C HIS C 381 23.43 -4.62 0.03
N GLU C 382 24.28 -4.46 -0.96
CA GLU C 382 24.42 -3.14 -1.56
C GLU C 382 23.34 -3.06 -2.61
N ASP C 383 22.23 -2.43 -2.21
CA ASP C 383 21.04 -2.35 -3.03
C ASP C 383 20.26 -1.12 -2.61
N SER C 384 19.83 -0.37 -3.61
CA SER C 384 19.00 0.81 -3.41
C SER C 384 18.36 1.06 -4.74
N TYR C 385 17.32 1.88 -4.76
CA TYR C 385 16.57 2.11 -5.99
C TYR C 385 17.43 2.48 -7.21
N PHE C 386 17.52 3.75 -7.52
CA PHE C 386 18.20 4.23 -8.72
C PHE C 386 19.64 3.69 -8.94
N HIS C 387 20.38 3.52 -7.85
CA HIS C 387 21.78 3.10 -7.91
C HIS C 387 22.00 1.61 -8.19
N GLY C 388 21.03 0.77 -7.82
CA GLY C 388 21.21 -0.67 -7.93
C GLY C 388 22.26 -1.14 -6.94
N ARG C 389 23.34 -1.73 -7.46
CA ARG C 389 24.45 -2.16 -6.61
C ARG C 389 25.50 -1.05 -6.55
N GLY C 390 25.21 0.09 -7.19
CA GLY C 390 26.09 1.23 -7.15
C GLY C 390 26.33 1.74 -5.75
N THR C 391 27.58 2.04 -5.42
CA THR C 391 27.92 2.53 -4.09
C THR C 391 27.35 3.93 -3.83
N ASP C 392 26.85 4.12 -2.62
CA ASP C 392 26.21 5.37 -2.23
C ASP C 392 26.52 5.61 -0.75
N ASP C 393 27.42 6.56 -0.50
CA ASP C 393 27.92 6.78 0.84
C ASP C 393 26.91 7.50 1.74
N VAL C 394 26.00 8.28 1.14
CA VAL C 394 24.87 8.84 1.88
C VAL C 394 24.05 7.71 2.50
N LEU C 395 23.71 6.71 1.67
CA LEU C 395 22.97 5.55 2.13
C LEU C 395 23.78 4.72 3.13
N ASN C 396 25.08 4.60 2.88
CA ASN C 396 25.97 3.90 3.81
C ASN C 396 25.99 4.57 5.18
N VAL C 397 26.07 5.91 5.18
CA VAL C 397 26.03 6.68 6.42
C VAL C 397 24.69 6.48 7.13
N LYS C 398 23.60 6.51 6.37
CA LYS C 398 22.27 6.30 6.94
C LYS C 398 22.12 4.90 7.54
N ASP C 399 22.54 3.90 6.79
CA ASP C 399 22.39 2.50 7.20
C ASP C 399 23.11 2.21 8.50
N VAL C 400 24.31 2.77 8.64
CA VAL C 400 25.08 2.66 9.87
C VAL C 400 24.33 3.29 11.05
N SER C 401 23.64 4.39 10.79
CA SER C 401 22.83 5.04 11.83
C SER C 401 21.62 4.17 12.21
N LEU C 402 21.06 3.49 11.21
CA LEU C 402 19.94 2.59 11.43
C LEU C 402 20.37 1.38 12.25
N ILE C 403 21.59 0.91 12.01
CA ILE C 403 22.16 -0.19 12.78
C ILE C 403 22.25 0.18 14.26
N HIS C 404 22.71 1.40 14.54
CA HIS C 404 22.72 1.91 15.91
C HIS C 404 21.30 2.05 16.47
N TRP C 405 20.40 2.58 15.65
CA TRP C 405 19.00 2.73 16.03
C TRP C 405 18.39 1.40 16.46
N LEU C 406 18.74 0.34 15.72
CA LEU C 406 18.22 -1.01 15.99
C LEU C 406 18.90 -1.68 17.18
N HIS C 407 20.01 -1.11 17.62
CA HIS C 407 20.89 -1.69 18.63
C HIS C 407 21.49 -3.02 18.18
N ALA C 408 21.64 -3.17 16.87
CA ALA C 408 22.43 -4.26 16.31
C ALA C 408 23.91 -3.89 16.47
N ASN C 409 24.80 -4.87 16.30
CA ASN C 409 26.23 -4.56 16.39
C ASN C 409 27.06 -5.10 15.24
N SER C 410 26.41 -5.69 14.23
CA SER C 410 27.12 -6.42 13.20
C SER C 410 26.33 -6.68 11.93
N PHE C 411 27.05 -6.96 10.85
CA PHE C 411 26.41 -7.53 9.66
C PHE C 411 27.40 -8.32 8.82
N ARG C 412 26.86 -9.05 7.85
CA ARG C 412 27.66 -9.80 6.88
C ARG C 412 27.53 -9.17 5.51
N THR C 413 28.65 -9.12 4.77
CA THR C 413 28.66 -8.58 3.41
C THR C 413 28.11 -9.58 2.40
N SER C 414 26.87 -10.01 2.62
CA SER C 414 26.18 -10.87 1.67
C SER C 414 25.90 -10.16 0.36
N HIS C 415 26.27 -10.74 -0.77
CA HIS C 415 27.06 -11.97 -0.85
C HIS C 415 28.31 -11.71 -1.69
N TYR C 416 29.04 -10.67 -1.30
CA TYR C 416 30.16 -10.14 -2.07
C TYR C 416 30.84 -9.07 -1.23
N PRO C 417 32.13 -8.82 -1.46
CA PRO C 417 32.78 -7.70 -0.76
C PRO C 417 32.09 -6.37 -1.11
N TYR C 418 31.88 -5.52 -0.11
CA TYR C 418 31.21 -4.24 -0.33
C TYR C 418 32.23 -3.16 -0.72
N ALA C 419 31.72 -1.95 -0.95
CA ALA C 419 32.60 -0.82 -1.25
C ALA C 419 33.49 -0.53 -0.05
N GLU C 420 34.74 -0.18 -0.33
CA GLU C 420 35.75 0.05 0.71
C GLU C 420 35.33 1.09 1.75
N SER C 421 34.56 2.08 1.33
CA SER C 421 34.14 3.15 2.23
C SER C 421 33.24 2.67 3.37
N MET C 422 32.52 1.57 3.15
CA MET C 422 31.62 1.04 4.18
C MET C 422 32.42 0.43 5.33
N TYR C 423 33.56 -0.18 5.03
CA TYR C 423 34.42 -0.76 6.05
C TYR C 423 35.08 0.34 6.90
N ASP C 424 35.48 1.43 6.25
CA ASP C 424 36.00 2.60 6.95
C ASP C 424 34.95 3.14 7.92
N LEU C 425 33.71 3.16 7.45
CA LEU C 425 32.59 3.68 8.21
C LEU C 425 32.33 2.82 9.46
N CYS C 426 32.38 1.50 9.29
CA CYS C 426 32.15 0.58 10.40
C CYS C 426 33.33 0.56 11.36
N ASP C 427 34.53 0.81 10.84
CA ASP C 427 35.71 0.97 11.69
C ASP C 427 35.51 2.07 12.73
N ARG C 428 35.02 3.23 12.28
CA ARG C 428 34.87 4.37 13.18
C ARG C 428 33.58 4.33 13.98
N GLU C 429 32.61 3.53 13.54
CA GLU C 429 31.32 3.47 14.21
C GLU C 429 31.16 2.24 15.10
N GLY C 430 32.18 1.39 15.15
CA GLY C 430 32.17 0.26 16.06
C GLY C 430 31.19 -0.84 15.67
N ILE C 431 31.03 -1.07 14.37
CA ILE C 431 30.18 -2.17 13.91
C ILE C 431 31.02 -3.30 13.35
N VAL C 432 30.73 -4.51 13.82
CA VAL C 432 31.49 -5.71 13.48
C VAL C 432 31.04 -6.30 12.13
N ILE C 433 31.98 -6.79 11.33
CA ILE C 433 31.65 -7.29 9.99
C ILE C 433 32.16 -8.72 9.74
N ILE C 434 31.30 -9.54 9.15
CA ILE C 434 31.73 -10.79 8.52
C ILE C 434 31.88 -10.56 7.01
N ASP C 435 33.11 -10.69 6.52
CA ASP C 435 33.47 -10.34 5.16
C ASP C 435 33.38 -11.56 4.25
N GLU C 436 32.61 -11.47 3.17
CA GLU C 436 32.27 -12.63 2.36
C GLU C 436 32.60 -12.46 0.87
N VAL C 437 33.15 -13.51 0.26
CA VAL C 437 33.47 -13.50 -1.17
C VAL C 437 32.25 -13.87 -2.00
N PRO C 438 32.22 -13.51 -3.30
CA PRO C 438 31.02 -13.73 -4.10
C PRO C 438 30.80 -15.19 -4.53
N ALA C 439 31.17 -16.14 -3.66
CA ALA C 439 31.05 -17.54 -3.99
C ALA C 439 29.67 -18.09 -3.63
N VAL C 440 28.66 -17.66 -4.38
CA VAL C 440 27.27 -18.04 -4.10
C VAL C 440 26.67 -18.77 -5.31
N GLY C 441 25.87 -19.81 -5.05
CA GLY C 441 25.26 -20.60 -6.11
C GLY C 441 26.06 -21.82 -6.51
N MET C 442 27.03 -22.19 -5.67
CA MET C 442 27.96 -23.27 -5.99
C MET C 442 27.41 -24.68 -5.71
N SER C 443 27.78 -25.63 -6.56
CA SER C 443 27.51 -27.05 -6.32
C SER C 443 28.61 -27.89 -6.98
N TRP C 444 28.39 -29.20 -7.04
CA TRP C 444 29.40 -30.16 -7.49
C TRP C 444 29.91 -29.91 -8.90
N LEU C 445 29.06 -29.36 -9.77
CA LEU C 445 29.49 -28.95 -11.10
C LEU C 445 30.64 -27.94 -11.07
N GLN C 446 30.64 -27.04 -10.07
CA GLN C 446 31.71 -26.06 -9.96
C GLN C 446 32.98 -26.64 -9.33
N TYR C 447 32.82 -27.56 -8.39
CA TYR C 447 33.96 -28.10 -7.65
C TYR C 447 34.91 -28.87 -8.55
N ALA C 448 34.39 -29.34 -9.68
CA ALA C 448 35.17 -30.15 -10.60
C ALA C 448 35.83 -29.26 -11.66
N ASN C 449 35.55 -27.96 -11.60
CA ASN C 449 36.06 -27.03 -12.60
C ASN C 449 37.24 -26.24 -12.04
N PRO C 450 38.42 -26.43 -12.64
CA PRO C 450 39.65 -25.78 -12.19
C PRO C 450 39.60 -24.26 -12.33
N LEU C 451 38.93 -23.77 -13.37
CA LEU C 451 38.78 -22.33 -13.57
C LEU C 451 38.02 -21.67 -12.41
N VAL C 452 36.97 -22.33 -11.94
CA VAL C 452 36.23 -21.85 -10.78
C VAL C 452 37.10 -21.82 -9.53
N ALA C 453 37.81 -22.92 -9.28
CA ALA C 453 38.70 -23.02 -8.13
C ALA C 453 39.70 -21.86 -8.11
N GLU C 454 40.18 -21.48 -9.28
CA GLU C 454 41.14 -20.38 -9.40
C GLU C 454 40.49 -19.02 -9.17
N ARG C 455 39.31 -18.83 -9.74
CA ARG C 455 38.56 -17.60 -9.52
C ARG C 455 38.17 -17.47 -8.05
N HIS C 456 37.90 -18.61 -7.41
CA HIS C 456 37.58 -18.62 -5.99
C HIS C 456 38.80 -18.24 -5.16
N ARG C 457 39.96 -18.78 -5.50
CA ARG C 457 41.20 -18.39 -4.84
C ARG C 457 41.50 -16.93 -5.12
N GLU C 458 41.23 -16.48 -6.34
CA GLU C 458 41.36 -15.08 -6.71
C GLU C 458 40.48 -14.17 -5.87
N ALA C 459 39.28 -14.60 -5.53
CA ALA C 459 38.40 -13.79 -4.68
C ALA C 459 38.90 -13.68 -3.23
N ILE C 460 39.30 -14.81 -2.63
CA ILE C 460 39.75 -14.84 -1.22
C ILE C 460 41.03 -14.05 -0.90
N ARG C 461 42.08 -14.20 -1.71
CA ARG C 461 43.35 -13.50 -1.51
C ARG C 461 43.09 -12.00 -1.74
N GLY C 462 42.30 -11.72 -2.76
CA GLY C 462 41.91 -10.35 -3.12
C GLY C 462 41.10 -9.64 -2.06
N MET C 463 40.10 -10.33 -1.51
CA MET C 463 39.27 -9.75 -0.46
C MET C 463 40.13 -9.44 0.76
N ILE C 464 40.92 -10.42 1.16
CA ILE C 464 41.77 -10.32 2.35
C ILE C 464 42.92 -9.32 2.14
N ALA C 465 43.46 -9.27 0.92
CA ALA C 465 44.49 -8.26 0.61
C ALA C 465 43.94 -6.84 0.74
N ARG C 466 42.70 -6.65 0.31
CA ARG C 466 42.05 -5.34 0.37
C ARG C 466 41.65 -4.94 1.80
N ASP C 467 41.14 -5.90 2.56
CA ASP C 467 40.36 -5.62 3.76
C ASP C 467 41.07 -5.97 5.09
N LYS C 468 42.31 -6.45 5.01
CA LYS C 468 43.02 -6.99 6.17
C LYS C 468 43.22 -6.02 7.35
N ASN C 469 43.33 -4.72 7.06
CA ASN C 469 43.64 -3.74 8.10
C ASN C 469 42.43 -3.25 8.89
N HIS C 470 41.23 -3.61 8.46
CA HIS C 470 40.01 -3.17 9.15
C HIS C 470 39.79 -3.95 10.44
N PRO C 471 39.77 -3.22 11.58
CA PRO C 471 39.45 -3.84 12.87
C PRO C 471 38.01 -4.35 12.94
N CYS C 472 37.11 -3.76 12.16
CA CYS C 472 35.69 -4.15 12.22
C CYS C 472 35.45 -5.57 11.71
N ILE C 473 36.30 -6.04 10.81
CA ILE C 473 36.20 -7.41 10.30
C ILE C 473 36.75 -8.42 11.30
N VAL C 474 35.90 -9.33 11.75
CA VAL C 474 36.31 -10.32 12.76
C VAL C 474 36.29 -11.75 12.22
N MET C 475 35.76 -11.93 11.02
CA MET C 475 35.63 -13.27 10.44
C MET C 475 35.48 -13.23 8.93
N TRP C 476 36.00 -14.26 8.26
CA TRP C 476 35.88 -14.39 6.81
C TRP C 476 34.87 -15.48 6.44
N SER C 477 34.09 -15.23 5.40
CA SER C 477 33.18 -16.24 4.86
C SER C 477 33.59 -16.59 3.44
N ILE C 478 33.83 -17.88 3.18
CA ILE C 478 34.35 -18.30 1.89
C ILE C 478 33.28 -18.77 0.92
N ALA C 479 32.02 -18.86 1.39
CA ALA C 479 30.89 -19.17 0.52
C ALA C 479 29.54 -18.96 1.20
N ASN C 480 28.51 -18.73 0.40
CA ASN C 480 27.14 -18.75 0.90
C ASN C 480 26.35 -19.88 0.27
N GLU C 481 25.87 -20.79 1.13
CA GLU C 481 24.99 -21.87 0.72
C GLU C 481 25.47 -22.74 -0.46
N PRO C 482 26.71 -23.23 -0.41
CA PRO C 482 27.10 -24.19 -1.44
C PRO C 482 26.48 -25.57 -1.16
N GLY C 483 26.45 -26.45 -2.15
CA GLY C 483 26.02 -27.81 -1.91
C GLY C 483 27.06 -28.56 -1.09
N LEU C 484 26.66 -29.09 0.06
CA LEU C 484 27.60 -29.74 0.98
C LEU C 484 27.16 -31.14 1.38
N ASP C 485 25.90 -31.48 1.13
CA ASP C 485 25.33 -32.70 1.67
C ASP C 485 24.97 -33.69 0.56
N GLY C 486 24.31 -34.78 0.96
CA GLY C 486 23.92 -35.83 0.02
C GLY C 486 24.60 -37.14 0.33
N ASP C 487 24.54 -38.08 -0.60
CA ASP C 487 25.09 -39.42 -0.40
C ASP C 487 26.24 -39.73 -1.35
N GLY C 488 26.81 -40.92 -1.21
CA GLY C 488 27.93 -41.33 -2.03
C GLY C 488 29.14 -40.46 -1.76
N GLU C 489 29.79 -39.99 -2.81
CA GLU C 489 31.02 -39.22 -2.65
C GLU C 489 30.81 -37.71 -2.57
N ARG C 490 29.56 -37.25 -2.72
CA ARG C 490 29.28 -35.81 -2.75
C ARG C 490 29.72 -35.02 -1.51
N PRO C 491 29.44 -35.52 -0.29
CA PRO C 491 29.95 -34.79 0.88
C PRO C 491 31.48 -34.66 0.92
N ARG C 492 32.18 -35.74 0.60
CA ARG C 492 33.64 -35.71 0.58
C ARG C 492 34.18 -34.79 -0.52
N GLN C 493 33.50 -34.78 -1.67
CA GLN C 493 33.90 -33.90 -2.77
C GLN C 493 33.78 -32.44 -2.39
N ALA C 494 32.71 -32.10 -1.68
CA ALA C 494 32.51 -30.74 -1.20
C ALA C 494 33.61 -30.38 -0.21
N TYR C 495 33.86 -31.28 0.74
CA TYR C 495 34.92 -31.10 1.74
C TYR C 495 36.28 -30.84 1.11
N ASP C 496 36.63 -31.65 0.12
CA ASP C 496 37.92 -31.53 -0.54
C ASP C 496 38.07 -30.23 -1.33
N TYR C 497 36.94 -29.67 -1.77
CA TYR C 497 37.00 -28.39 -2.46
C TYR C 497 37.22 -27.22 -1.49
N PHE C 498 36.54 -27.25 -0.36
CA PHE C 498 36.53 -26.09 0.54
C PHE C 498 37.67 -26.03 1.55
N ARG C 499 38.15 -27.19 2.00
CA ARG C 499 39.24 -27.21 2.99
C ARG C 499 40.49 -26.45 2.56
N PRO C 500 40.95 -26.62 1.31
CA PRO C 500 42.12 -25.80 0.97
C PRO C 500 41.80 -24.31 0.83
N LEU C 501 40.53 -23.96 0.67
CA LEU C 501 40.13 -22.56 0.65
C LEU C 501 40.06 -22.03 2.08
N TYR C 502 39.64 -22.88 3.00
CA TYR C 502 39.69 -22.59 4.43
C TYR C 502 41.13 -22.29 4.86
N GLU C 503 42.06 -23.15 4.43
CA GLU C 503 43.48 -22.97 4.76
C GLU C 503 44.04 -21.71 4.14
N LEU C 504 43.63 -21.44 2.90
CA LEU C 504 44.08 -20.26 2.18
C LEU C 504 43.66 -18.97 2.89
N ALA C 505 42.43 -18.94 3.38
CA ALA C 505 41.93 -17.77 4.09
C ALA C 505 42.73 -17.54 5.37
N HIS C 506 43.04 -18.62 6.09
CA HIS C 506 43.88 -18.52 7.28
C HIS C 506 45.32 -18.08 6.95
N ALA C 507 45.90 -18.62 5.89
CA ALA C 507 47.27 -18.26 5.51
C ALA C 507 47.37 -16.82 4.98
N SER C 508 46.29 -16.33 4.39
CA SER C 508 46.31 -15.03 3.73
C SER C 508 46.17 -13.87 4.73
N ASP C 509 45.53 -14.14 5.85
CA ASP C 509 45.21 -13.10 6.81
C ASP C 509 46.26 -13.04 7.91
N PRO C 510 47.03 -11.94 7.95
CA PRO C 510 48.09 -11.77 8.95
C PRO C 510 47.53 -11.75 10.37
N GLN C 511 46.26 -11.36 10.50
CA GLN C 511 45.60 -11.34 11.79
C GLN C 511 45.05 -12.73 12.16
N ASN C 512 44.99 -13.62 11.17
CA ASN C 512 44.51 -14.98 11.38
C ASN C 512 43.12 -15.06 12.01
N ARG C 513 42.16 -14.30 11.47
CA ARG C 513 40.80 -14.35 11.99
C ARG C 513 40.12 -15.68 11.68
N PRO C 514 39.09 -16.02 12.47
CA PRO C 514 38.33 -17.25 12.20
C PRO C 514 37.72 -17.25 10.81
N VAL C 515 37.54 -18.44 10.26
CA VAL C 515 37.02 -18.59 8.91
C VAL C 515 35.77 -19.45 8.98
N THR C 516 34.76 -19.08 8.21
CA THR C 516 33.52 -19.82 8.21
C THR C 516 33.01 -20.01 6.80
N LEU C 517 31.92 -20.75 6.70
CA LEU C 517 31.23 -20.99 5.46
C LEU C 517 29.75 -20.97 5.81
N VAL C 518 28.96 -20.20 5.08
CA VAL C 518 27.55 -20.06 5.43
C VAL C 518 26.74 -21.19 4.82
N CYS C 519 26.14 -22.00 5.70
CA CYS C 519 25.50 -23.25 5.31
C CYS C 519 24.03 -23.08 5.00
N CYS C 520 23.59 -23.64 3.88
CA CYS C 520 22.18 -23.62 3.53
C CYS C 520 21.42 -24.64 4.36
N GLN C 521 20.10 -24.48 4.39
CA GLN C 521 19.24 -25.44 5.06
C GLN C 521 19.33 -26.79 4.36
N ASN C 522 20.06 -27.73 4.94
CA ASN C 522 20.30 -29.00 4.27
C ASN C 522 20.19 -30.20 5.21
N ASP C 523 20.62 -31.36 4.74
CA ASP C 523 20.72 -32.54 5.60
C ASP C 523 22.01 -32.42 6.38
N TYR C 524 21.91 -31.83 7.56
CA TYR C 524 23.07 -31.59 8.42
C TYR C 524 23.76 -32.88 8.86
N THR C 525 23.06 -34.02 8.74
CA THR C 525 23.66 -35.30 9.10
C THR C 525 24.62 -35.87 8.05
N THR C 526 24.47 -35.47 6.79
CA THR C 526 25.38 -35.95 5.75
C THR C 526 26.41 -34.89 5.34
N ASP C 527 26.12 -33.64 5.66
CA ASP C 527 27.08 -32.55 5.47
C ASP C 527 28.23 -32.78 6.45
N ILE C 528 29.44 -32.91 5.91
CA ILE C 528 30.63 -33.11 6.76
C ILE C 528 31.60 -31.92 6.74
N THR C 529 31.23 -30.85 6.05
CA THR C 529 32.14 -29.71 5.87
C THR C 529 31.90 -28.59 6.88
N GLU C 530 30.63 -28.20 7.04
CA GLU C 530 30.28 -27.05 7.87
C GLU C 530 30.80 -27.17 9.31
N ARG C 531 30.72 -28.37 9.86
CA ARG C 531 31.13 -28.62 11.24
C ARG C 531 32.64 -28.50 11.46
N THR C 532 33.41 -28.37 10.38
CA THR C 532 34.86 -28.21 10.49
C THR C 532 35.30 -26.75 10.45
N MET C 533 34.35 -25.84 10.28
CA MET C 533 34.66 -24.42 10.22
C MET C 533 34.94 -23.85 11.62
N ASP C 534 35.51 -22.65 11.69
CA ASP C 534 35.88 -22.07 12.99
C ASP C 534 34.63 -21.63 13.76
N VAL C 535 33.67 -21.09 13.02
CA VAL C 535 32.35 -20.83 13.57
C VAL C 535 31.33 -21.44 12.62
N VAL C 536 30.34 -22.12 13.19
CA VAL C 536 29.27 -22.71 12.37
C VAL C 536 28.22 -21.63 12.11
N CYS C 537 28.05 -21.29 10.83
CA CYS C 537 27.11 -20.24 10.43
C CYS C 537 25.98 -20.87 9.61
N ILE C 538 24.77 -20.80 10.13
CA ILE C 538 23.66 -21.50 9.49
C ILE C 538 22.53 -20.59 9.02
N ASN C 539 22.00 -20.92 7.85
CA ASN C 539 20.85 -20.27 7.26
C ASN C 539 19.67 -21.20 7.41
N ARG C 540 18.67 -20.81 8.19
CA ARG C 540 17.54 -21.69 8.46
C ARG C 540 16.22 -20.96 8.33
N TYR C 541 15.26 -21.62 7.69
CA TYR C 541 13.97 -21.01 7.38
C TYR C 541 12.82 -21.93 7.79
N TYR C 542 12.98 -22.56 8.94
CA TYR C 542 11.91 -23.33 9.57
C TYR C 542 10.69 -22.44 9.77
N GLY C 543 9.54 -22.87 9.27
CA GLY C 543 8.33 -22.08 9.37
C GLY C 543 8.06 -21.15 8.20
N TRP C 544 9.02 -21.00 7.30
CA TRP C 544 8.75 -20.24 6.08
C TRP C 544 8.78 -21.15 4.84
N TYR C 545 9.96 -21.65 4.50
CA TYR C 545 10.09 -22.53 3.34
C TYR C 545 9.70 -23.98 3.64
N ASN C 546 9.59 -24.30 4.93
CA ASN C 546 9.09 -25.60 5.35
C ASN C 546 8.21 -25.40 6.57
N LEU C 547 7.34 -26.37 6.86
CA LEU C 547 6.40 -26.26 7.96
C LEU C 547 5.73 -24.88 7.93
N SER C 548 5.32 -24.47 6.74
CA SER C 548 4.99 -23.09 6.45
C SER C 548 3.89 -22.55 7.34
N GLY C 549 4.20 -21.49 8.09
CA GLY C 549 3.21 -20.81 8.91
C GLY C 549 2.95 -21.45 10.25
N ASP C 550 3.53 -22.63 10.47
CA ASP C 550 3.31 -23.38 11.71
C ASP C 550 4.49 -23.15 12.66
N LEU C 551 4.35 -22.18 13.56
CA LEU C 551 5.48 -21.77 14.38
C LEU C 551 5.82 -22.76 15.49
N ASP C 552 4.81 -23.48 15.99
CA ASP C 552 5.07 -24.56 16.94
C ASP C 552 5.94 -25.66 16.33
N ALA C 553 5.56 -26.10 15.13
CA ALA C 553 6.29 -27.16 14.44
C ALA C 553 7.67 -26.67 14.03
N ALA C 554 7.75 -25.41 13.62
CA ALA C 554 9.00 -24.79 13.25
C ALA C 554 10.00 -24.77 14.40
N CYS C 555 9.53 -24.42 15.59
CA CYS C 555 10.40 -24.37 16.77
C CYS C 555 10.82 -25.77 17.19
N HIS C 556 9.91 -26.73 17.01
CA HIS C 556 10.19 -28.12 17.33
C HIS C 556 11.28 -28.67 16.40
N ALA C 557 11.16 -28.36 15.10
CA ALA C 557 12.17 -28.76 14.14
C ALA C 557 13.52 -28.10 14.43
N LEU C 558 13.48 -26.80 14.70
CA LEU C 558 14.69 -26.05 15.05
C LEU C 558 15.43 -26.69 16.23
N ASN C 559 14.69 -27.02 17.28
CA ASN C 559 15.28 -27.60 18.49
C ASN C 559 15.95 -28.96 18.22
N ILE C 560 15.38 -29.73 17.31
CA ILE C 560 15.99 -30.99 16.90
C ILE C 560 17.35 -30.77 16.25
N GLU C 561 17.47 -29.80 15.36
CA GLU C 561 18.77 -29.50 14.77
C GLU C 561 19.71 -28.88 15.80
N LEU C 562 19.16 -28.08 16.71
CA LEU C 562 20.01 -27.49 17.75
C LEU C 562 20.59 -28.55 18.68
N ASP C 563 19.83 -29.62 18.90
CA ASP C 563 20.31 -30.75 19.69
C ASP C 563 21.50 -31.41 19.00
N PHE C 564 21.45 -31.44 17.67
CA PHE C 564 22.56 -31.95 16.86
C PHE C 564 23.81 -31.09 17.02
N TRP C 565 23.66 -29.78 16.89
CA TRP C 565 24.80 -28.88 16.94
C TRP C 565 25.37 -28.76 18.34
N GLU C 566 24.53 -29.04 19.33
CA GLU C 566 24.95 -29.04 20.73
C GLU C 566 26.11 -30.01 20.94
N ASN C 567 26.06 -31.13 20.23
CA ASN C 567 27.04 -32.20 20.37
C ASN C 567 28.33 -31.96 19.59
N ILE C 568 28.24 -31.21 18.50
CA ILE C 568 29.42 -30.92 17.68
C ILE C 568 30.42 -30.07 18.49
N GLY C 569 29.90 -29.24 19.40
CA GLY C 569 30.74 -28.49 20.32
C GLY C 569 31.45 -27.30 19.70
N LYS C 570 30.91 -26.80 18.59
CA LYS C 570 31.41 -25.57 17.99
C LYS C 570 30.50 -24.39 18.30
N PRO C 571 31.05 -23.16 18.26
CA PRO C 571 30.14 -22.01 18.39
C PRO C 571 29.25 -21.90 17.16
N VAL C 572 27.98 -21.57 17.36
CA VAL C 572 27.00 -21.55 16.29
C VAL C 572 26.24 -20.23 16.30
N MET C 573 25.97 -19.69 15.11
CA MET C 573 25.13 -18.50 14.99
C MET C 573 24.24 -18.57 13.76
N PHE C 574 23.14 -17.81 13.78
CA PHE C 574 22.34 -17.59 12.58
C PHE C 574 23.04 -16.59 11.68
N THR C 575 23.10 -16.88 10.38
CA THR C 575 23.48 -15.84 9.42
C THR C 575 22.30 -15.48 8.52
N GLU C 576 21.29 -16.35 8.48
CA GLU C 576 20.00 -16.03 7.85
C GLU C 576 18.81 -16.72 8.52
N TYR C 577 17.75 -15.96 8.75
CA TYR C 577 16.41 -16.50 8.99
C TYR C 577 15.40 -15.37 8.88
N GLY C 578 14.21 -15.67 8.36
CA GLY C 578 13.21 -14.64 8.20
C GLY C 578 12.01 -15.02 7.36
N ALA C 579 11.24 -14.02 6.99
CA ALA C 579 9.94 -14.24 6.37
C ALA C 579 9.58 -13.03 5.54
N ASP C 580 9.15 -13.25 4.29
CA ASP C 580 8.78 -12.14 3.42
C ASP C 580 7.60 -11.38 4.02
N THR C 581 7.66 -10.06 3.94
CA THR C 581 6.74 -9.22 4.70
C THR C 581 6.39 -7.96 3.93
N ILE C 582 5.13 -7.81 3.58
CA ILE C 582 4.67 -6.62 2.90
C ILE C 582 4.19 -5.61 3.93
N GLU C 583 4.87 -4.47 4.04
CA GLU C 583 4.46 -3.44 5.01
C GLU C 583 3.02 -3.01 4.72
N GLY C 584 2.21 -2.92 5.77
CA GLY C 584 0.81 -2.55 5.59
C GLY C 584 -0.16 -3.70 5.60
N ILE C 585 0.35 -4.92 5.38
CA ILE C 585 -0.47 -6.12 5.58
C ILE C 585 -0.51 -6.47 7.06
N HIS C 586 -1.72 -6.49 7.62
CA HIS C 586 -1.90 -6.72 9.04
C HIS C 586 -2.95 -7.79 9.31
N GLY C 587 -2.85 -8.42 10.47
CA GLY C 587 -3.85 -9.38 10.92
C GLY C 587 -3.81 -9.55 12.43
N THR C 588 -4.95 -9.89 13.03
CA THR C 588 -5.03 -10.16 14.46
C THR C 588 -4.31 -11.47 14.79
N HIS C 589 -4.39 -12.41 13.85
CA HIS C 589 -3.61 -13.62 13.92
C HIS C 589 -2.75 -13.67 12.65
N GLY C 590 -1.53 -13.15 12.76
CA GLY C 590 -0.71 -12.86 11.60
C GLY C 590 -0.36 -14.07 10.75
N GLU C 591 -0.72 -13.99 9.47
CA GLU C 591 -0.37 -15.03 8.53
C GLU C 591 0.83 -14.61 7.69
N MET C 592 1.41 -15.54 6.95
CA MET C 592 2.56 -15.26 6.10
C MET C 592 2.35 -14.04 5.19
N PHE C 593 3.37 -13.18 5.19
CA PHE C 593 3.47 -11.88 4.48
C PHE C 593 2.97 -10.71 5.32
N SER C 594 2.30 -11.00 6.43
CA SER C 594 1.85 -9.93 7.32
C SER C 594 2.98 -9.45 8.24
N GLU C 595 2.90 -8.20 8.68
CA GLU C 595 3.88 -7.63 9.59
C GLU C 595 3.88 -8.38 10.92
N GLU C 596 2.69 -8.79 11.37
CA GLU C 596 2.55 -9.52 12.63
C GLU C 596 3.25 -10.86 12.58
N PHE C 597 3.13 -11.57 11.48
CA PHE C 597 3.78 -12.87 11.35
C PHE C 597 5.31 -12.74 11.43
N GLN C 598 5.86 -11.71 10.80
CA GLN C 598 7.30 -11.47 10.81
C GLN C 598 7.78 -11.26 12.25
N ARG C 599 7.02 -10.47 13.00
CA ARG C 599 7.29 -10.23 14.41
C ARG C 599 7.22 -11.52 15.24
N ASP C 600 6.15 -12.29 15.03
CA ASP C 600 5.94 -13.55 15.73
C ASP C 600 7.07 -14.53 15.45
N TYR C 601 7.50 -14.54 14.19
CA TYR C 601 8.55 -15.45 13.73
C TYR C 601 9.84 -15.26 14.53
N TYR C 602 10.32 -14.03 14.60
CA TYR C 602 11.55 -13.74 15.34
C TYR C 602 11.35 -13.95 16.84
N ALA C 603 10.15 -13.66 17.33
CA ALA C 603 9.84 -13.83 18.75
C ALA C 603 9.91 -15.30 19.16
N ARG C 604 9.34 -16.18 18.34
CA ARG C 604 9.34 -17.60 18.66
C ARG C 604 10.73 -18.22 18.49
N ILE C 605 11.41 -17.89 17.39
CA ILE C 605 12.72 -18.46 17.09
C ILE C 605 13.77 -18.00 18.10
N ASN C 606 13.80 -16.71 18.41
CA ASN C 606 14.82 -16.19 19.32
C ASN C 606 14.67 -16.71 20.73
N ALA C 607 13.43 -17.04 21.12
CA ALA C 607 13.17 -17.62 22.43
C ALA C 607 13.84 -18.99 22.56
N GLU C 608 13.93 -19.71 21.44
CA GLU C 608 14.57 -21.03 21.46
C GLU C 608 16.10 -20.93 21.54
N ILE C 609 16.71 -20.02 20.78
CA ILE C 609 18.17 -19.93 20.77
C ILE C 609 18.70 -19.30 22.06
N ASP C 610 17.85 -18.54 22.76
CA ASP C 610 18.24 -17.99 24.06
C ASP C 610 18.52 -19.10 25.09
N LYS C 611 17.99 -20.29 24.82
CA LYS C 611 18.16 -21.43 25.71
C LYS C 611 19.46 -22.20 25.47
N ARG C 612 20.23 -21.78 24.46
CA ARG C 612 21.48 -22.46 24.09
C ARG C 612 22.70 -21.57 24.33
N PRO C 613 23.56 -21.95 25.30
CA PRO C 613 24.73 -21.13 25.65
C PRO C 613 25.79 -21.08 24.55
N TRP C 614 25.83 -22.10 23.72
CA TRP C 614 26.82 -22.21 22.64
C TRP C 614 26.35 -21.49 21.37
N PHE C 615 25.16 -20.91 21.41
CA PHE C 615 24.60 -20.21 20.27
C PHE C 615 24.93 -18.72 20.41
N ILE C 616 25.90 -18.26 19.62
CA ILE C 616 26.58 -17.00 19.91
C ILE C 616 26.21 -15.83 19.01
N GLY C 617 25.14 -15.96 18.23
CA GLY C 617 24.76 -14.84 17.38
C GLY C 617 23.50 -15.02 16.57
N GLU C 618 22.82 -13.90 16.33
CA GLU C 618 21.62 -13.89 15.52
C GLU C 618 21.74 -12.82 14.44
N GLN C 619 22.05 -13.27 13.24
CA GLN C 619 22.02 -12.38 12.08
C GLN C 619 20.89 -12.85 11.19
N LEU C 620 19.88 -12.00 11.06
CA LEU C 620 18.69 -12.36 10.31
C LEU C 620 18.83 -12.03 8.84
N TRP C 621 17.81 -12.41 8.08
CA TRP C 621 17.69 -12.05 6.67
C TRP C 621 16.37 -11.33 6.49
N ASN C 622 16.34 -10.07 6.04
CA ASN C 622 17.50 -9.25 5.68
C ASN C 622 17.40 -7.90 6.39
N PHE C 623 18.45 -7.09 6.33
CA PHE C 623 18.41 -5.70 6.80
C PHE C 623 17.27 -4.92 6.14
N ALA C 624 17.18 -5.01 4.80
CA ALA C 624 16.18 -4.26 4.05
C ALA C 624 15.78 -5.00 2.78
N ASP C 625 14.52 -4.81 2.35
CA ASP C 625 14.04 -5.39 1.10
C ASP C 625 14.95 -4.98 -0.06
N PHE C 626 15.15 -5.90 -1.01
CA PHE C 626 16.08 -5.64 -2.10
C PHE C 626 15.60 -6.27 -3.41
N ALA C 627 16.19 -5.82 -4.52
CA ALA C 627 15.77 -6.25 -5.85
C ALA C 627 16.28 -7.64 -6.20
N THR C 628 15.44 -8.41 -6.87
CA THR C 628 15.78 -9.74 -7.35
C THR C 628 15.31 -9.90 -8.78
N PHE C 629 15.71 -11.01 -9.41
CA PHE C 629 15.06 -11.44 -10.63
C PHE C 629 13.59 -11.71 -10.36
N GLN C 630 12.74 -11.40 -11.33
CA GLN C 630 11.31 -11.57 -11.13
C GLN C 630 10.90 -13.04 -11.11
N GLY C 631 9.86 -13.34 -10.34
CA GLY C 631 9.38 -14.70 -10.16
C GLY C 631 8.17 -14.71 -9.24
N ILE C 632 7.50 -15.86 -9.14
CA ILE C 632 6.25 -15.94 -8.40
C ILE C 632 6.36 -15.83 -6.87
N ILE C 633 7.56 -15.99 -6.32
CA ILE C 633 7.74 -15.80 -4.88
C ILE C 633 8.44 -14.49 -4.51
N ARG C 634 8.63 -13.61 -5.49
CA ARG C 634 9.33 -12.35 -5.26
C ARG C 634 8.42 -11.17 -5.55
N VAL C 635 7.87 -10.58 -4.49
CA VAL C 635 6.93 -9.47 -4.63
C VAL C 635 7.69 -8.15 -4.70
N GLU C 636 7.99 -7.76 -5.94
CA GLU C 636 8.90 -6.64 -6.22
C GLU C 636 10.22 -6.86 -5.51
N GLY C 637 10.77 -8.05 -5.69
CA GLY C 637 12.04 -8.41 -5.08
C GLY C 637 11.87 -9.26 -3.84
N ASN C 638 12.90 -9.29 -3.02
CA ASN C 638 12.90 -10.03 -1.77
C ASN C 638 12.37 -9.15 -0.66
N ARG C 639 11.30 -9.57 0.00
CA ARG C 639 10.65 -8.75 1.02
C ARG C 639 10.92 -9.23 2.46
N LYS C 640 12.04 -9.92 2.67
CA LYS C 640 12.39 -10.37 4.02
C LYS C 640 13.11 -9.31 4.87
N GLY C 641 13.30 -8.13 4.32
CA GLY C 641 13.85 -7.01 5.10
C GLY C 641 13.01 -6.71 6.33
N ILE C 642 13.66 -6.39 7.44
CA ILE C 642 12.93 -5.86 8.58
C ILE C 642 12.69 -4.37 8.35
N LEU C 643 13.43 -3.80 7.41
CA LEU C 643 13.14 -2.48 6.86
C LEU C 643 12.68 -2.59 5.40
N THR C 644 11.91 -1.60 4.94
CA THR C 644 11.60 -1.48 3.52
C THR C 644 12.86 -1.11 2.73
N ARG C 645 12.77 -1.15 1.40
CA ARG C 645 13.89 -0.75 0.55
C ARG C 645 14.24 0.73 0.78
N ASP C 646 13.26 1.50 1.22
CA ASP C 646 13.48 2.91 1.58
C ASP C 646 13.88 3.07 3.04
N ARG C 647 14.23 1.96 3.69
CA ARG C 647 14.79 1.96 5.05
C ARG C 647 13.76 2.37 6.12
N GLN C 648 12.48 2.13 5.87
CA GLN C 648 11.48 2.38 6.90
C GLN C 648 11.18 1.08 7.66
N PRO C 649 10.98 1.18 8.98
CA PRO C 649 10.88 0.02 9.86
C PRO C 649 9.52 -0.67 9.87
N LYS C 650 9.53 -1.97 9.60
CA LYS C 650 8.33 -2.79 9.75
C LYS C 650 8.14 -3.10 11.23
N MET C 651 7.01 -3.68 11.59
CA MET C 651 6.71 -4.01 12.99
C MET C 651 7.82 -4.82 13.66
N ALA C 652 8.36 -5.79 12.93
CA ALA C 652 9.41 -6.65 13.47
C ALA C 652 10.66 -5.84 13.83
N ALA C 653 10.96 -4.79 13.06
CA ALA C 653 12.11 -3.94 13.35
C ALA C 653 12.02 -3.28 14.73
N HIS C 654 10.84 -2.80 15.09
CA HIS C 654 10.61 -2.22 16.41
C HIS C 654 10.77 -3.26 17.51
N TRP C 655 10.26 -4.46 17.26
CA TRP C 655 10.36 -5.53 18.24
C TRP C 655 11.81 -5.97 18.44
N LEU C 656 12.54 -6.10 17.34
CA LEU C 656 13.96 -6.47 17.39
C LEU C 656 14.78 -5.39 18.08
N ARG C 657 14.41 -4.14 17.85
CA ARG C 657 15.08 -2.99 18.46
C ARG C 657 14.94 -3.04 19.97
N GLU C 658 13.75 -3.40 20.45
CA GLU C 658 13.51 -3.49 21.87
C GLU C 658 14.27 -4.68 22.48
N ARG C 659 14.35 -5.79 21.74
CA ARG C 659 15.09 -6.97 22.18
C ARG C 659 16.60 -6.71 22.23
N TRP C 660 17.15 -6.16 21.16
CA TRP C 660 18.59 -5.93 21.04
C TRP C 660 19.09 -4.88 22.03
N ALA C 661 18.22 -3.93 22.38
CA ALA C 661 18.56 -2.94 23.41
C ALA C 661 18.87 -3.60 24.75
N GLY C 662 18.27 -4.75 25.01
CA GLY C 662 18.46 -5.45 26.27
C GLY C 662 19.52 -6.53 26.24
N ILE C 663 20.24 -6.65 25.13
CA ILE C 663 21.30 -7.64 25.00
C ILE C 663 22.64 -6.96 24.81
N PRO C 664 23.57 -7.17 25.76
CA PRO C 664 24.89 -6.55 25.72
C PRO C 664 25.81 -7.18 24.68
N ASP C 665 26.73 -6.38 24.14
CA ASP C 665 27.71 -6.89 23.18
C ASP C 665 28.56 -8.00 23.80
N TYR C 666 28.91 -7.83 25.07
CA TYR C 666 29.70 -8.81 25.81
C TYR C 666 28.96 -9.46 26.98
N GLY C 667 29.15 -10.76 27.16
CA GLY C 667 28.67 -11.44 28.36
C GLY C 667 27.21 -11.85 28.38
N TYR C 668 26.53 -11.77 27.24
CA TYR C 668 25.14 -12.21 27.17
C TYR C 668 25.04 -13.70 27.48
N LYS C 669 26.04 -14.47 27.04
CA LYS C 669 26.07 -15.90 27.30
C LYS C 669 27.40 -16.35 27.91
N ASN D 1 32.16 38.33 -11.02
CA ASN D 1 30.82 38.01 -11.47
C ASN D 1 30.68 36.56 -11.92
N GLY D 2 31.68 36.10 -12.67
CA GLY D 2 31.69 34.75 -13.21
C GLY D 2 31.82 33.59 -12.25
N MET D 3 31.11 32.50 -12.56
CA MET D 3 31.20 31.30 -11.74
C MET D 3 31.26 30.04 -12.63
N LEU D 4 32.23 30.02 -13.54
CA LEU D 4 32.44 28.88 -14.43
C LEU D 4 32.68 27.61 -13.62
N TYR D 5 32.11 26.49 -14.05
CA TYR D 5 32.33 25.27 -13.30
C TYR D 5 33.78 24.83 -13.45
N PRO D 6 34.41 24.44 -12.33
CA PRO D 6 35.81 24.03 -12.31
C PRO D 6 36.12 22.94 -13.32
N GLN D 7 37.25 23.12 -14.02
CA GLN D 7 37.60 22.30 -15.15
C GLN D 7 39.04 21.84 -15.03
N SER D 8 39.34 20.63 -15.48
CA SER D 8 40.71 20.16 -15.52
C SER D 8 41.21 20.11 -16.96
N ASN D 9 42.38 20.70 -17.18
CA ASN D 9 43.04 20.70 -18.48
C ASN D 9 44.53 20.88 -18.24
N ASP D 10 45.28 21.29 -19.25
CA ASP D 10 46.73 21.32 -19.09
C ASP D 10 47.18 22.49 -18.20
N SER D 11 46.32 23.48 -18.00
CA SER D 11 46.67 24.62 -17.15
C SER D 11 45.93 24.59 -15.81
N ARG D 12 44.92 23.73 -15.68
CA ARG D 12 44.04 23.75 -14.52
C ARG D 12 43.77 22.36 -13.97
N ILE D 13 43.67 22.26 -12.64
CA ILE D 13 43.30 21.00 -12.00
C ILE D 13 42.22 21.20 -10.94
N VAL D 14 41.35 20.20 -10.79
CA VAL D 14 40.29 20.20 -9.79
C VAL D 14 40.55 19.10 -8.76
N PHE D 15 40.47 19.44 -7.48
CA PHE D 15 40.58 18.44 -6.42
C PHE D 15 39.29 18.36 -5.62
N PRO D 16 38.48 17.31 -5.89
CA PRO D 16 37.20 17.10 -5.21
C PRO D 16 37.37 16.86 -3.73
N LEU D 17 36.49 17.42 -2.91
CA LEU D 17 36.57 17.30 -1.46
C LEU D 17 35.36 16.56 -0.91
N ASP D 18 34.60 15.95 -1.82
CA ASP D 18 33.47 15.11 -1.45
C ASP D 18 33.93 13.85 -0.72
N GLY D 19 33.03 13.25 0.05
CA GLY D 19 33.32 12.03 0.78
C GLY D 19 32.59 12.00 2.10
N VAL D 20 33.13 11.26 3.06
CA VAL D 20 32.53 11.19 4.39
C VAL D 20 33.24 12.13 5.35
N TRP D 21 32.56 13.23 5.71
CA TRP D 21 33.13 14.26 6.59
C TRP D 21 32.78 13.98 8.04
N ASP D 22 33.39 14.75 8.94
CA ASP D 22 32.99 14.78 10.34
C ASP D 22 31.87 15.81 10.52
N PHE D 23 31.06 15.64 11.56
CA PHE D 23 29.82 16.40 11.68
C PHE D 23 29.35 16.46 13.14
N ARG D 24 28.90 17.64 13.55
CA ARG D 24 28.25 17.83 14.85
C ARG D 24 27.08 18.79 14.73
N THR D 25 26.02 18.54 15.49
CA THR D 25 24.96 19.53 15.66
C THR D 25 25.46 20.63 16.59
N ALA D 26 24.92 21.83 16.44
CA ALA D 26 25.26 22.93 17.34
C ALA D 26 24.00 23.61 17.87
N GLY D 27 24.09 24.90 18.14
CA GLY D 27 23.02 25.61 18.84
C GLY D 27 21.98 26.25 17.93
N GLU D 28 20.90 26.74 18.55
CA GLU D 28 19.83 27.40 17.83
C GLU D 28 20.29 28.70 17.17
N ASP D 29 21.27 29.37 17.76
CA ASP D 29 21.80 30.62 17.21
C ASP D 29 23.30 30.79 17.39
N SER D 30 24.02 29.71 17.70
CA SER D 30 25.47 29.78 17.76
C SER D 30 26.13 28.41 17.58
N TYR D 31 27.46 28.44 17.44
CA TYR D 31 28.27 27.23 17.41
C TYR D 31 29.64 27.58 18.00
N PRO D 32 30.35 26.58 18.55
CA PRO D 32 31.68 26.89 19.10
C PRO D 32 32.70 27.19 18.01
N ALA D 33 33.14 28.45 17.93
CA ALA D 33 34.09 28.86 16.91
C ALA D 33 35.43 28.13 17.03
N GLU D 34 35.73 27.65 18.24
CA GLU D 34 37.00 26.97 18.49
C GLU D 34 37.05 25.58 17.84
N TRP D 35 35.92 25.12 17.32
CA TRP D 35 35.88 23.87 16.57
C TRP D 35 36.65 23.95 15.25
N ALA D 36 36.90 25.16 14.78
CA ALA D 36 37.67 25.36 13.57
C ALA D 36 39.17 25.20 13.82
N ASP D 37 39.56 25.18 15.09
CA ASP D 37 40.96 25.21 15.46
C ASP D 37 41.52 23.80 15.64
N ALA D 38 40.63 22.83 15.80
CA ALA D 38 41.03 21.45 16.09
C ALA D 38 39.97 20.49 15.56
N PRO D 39 40.31 19.20 15.43
CA PRO D 39 39.31 18.20 15.03
C PRO D 39 38.06 18.25 15.90
N LEU D 40 36.88 18.07 15.29
CA LEU D 40 35.63 18.04 16.03
C LEU D 40 35.64 16.95 17.09
N PRO D 41 35.11 17.27 18.27
CA PRO D 41 35.00 16.25 19.32
C PRO D 41 33.83 15.30 19.06
N GLU D 42 34.09 14.01 19.24
CA GLU D 42 33.08 12.95 19.09
C GLU D 42 32.20 13.12 17.85
N PRO D 43 32.84 13.25 16.67
CA PRO D 43 32.04 13.64 15.50
C PRO D 43 31.18 12.51 14.96
N LEU D 44 30.12 12.86 14.25
CA LEU D 44 29.36 11.90 13.47
C LEU D 44 29.89 11.89 12.04
N PRO D 45 29.63 10.79 11.33
CA PRO D 45 29.92 10.82 9.88
C PRO D 45 28.76 11.48 9.14
N MET D 46 29.08 12.14 8.03
CA MET D 46 28.08 12.79 7.19
C MET D 46 28.61 12.82 5.77
N ALA D 47 27.88 12.20 4.84
CA ALA D 47 28.33 12.15 3.45
C ALA D 47 28.14 13.51 2.82
N VAL D 48 29.08 13.88 1.95
CA VAL D 48 29.05 15.13 1.20
C VAL D 48 29.34 14.78 -0.25
N PRO D 49 28.42 15.12 -1.17
CA PRO D 49 27.27 16.00 -0.91
C PRO D 49 26.01 15.26 -0.47
N GLY D 50 25.13 15.98 0.21
CA GLY D 50 23.85 15.42 0.63
C GLY D 50 23.26 16.30 1.70
N SER D 51 21.93 16.25 1.88
CA SER D 51 21.32 16.87 3.05
C SER D 51 21.70 16.05 4.27
N TYR D 52 21.86 16.68 5.42
CA TYR D 52 22.21 15.95 6.63
C TYR D 52 20.99 15.35 7.33
N ASN D 53 19.80 15.84 6.99
CA ASN D 53 18.59 15.56 7.77
C ASN D 53 18.18 14.10 7.81
N ASP D 54 18.37 13.38 6.70
CA ASP D 54 17.98 11.96 6.66
C ASP D 54 19.18 11.02 6.70
N GLN D 55 20.32 11.51 7.17
CA GLN D 55 21.50 10.66 7.30
C GLN D 55 21.80 10.17 8.71
N ASN D 56 20.90 10.41 9.66
CA ASN D 56 21.07 9.84 11.00
C ASN D 56 19.74 9.58 11.70
N ASP D 57 19.35 8.31 11.74
CA ASP D 57 18.09 7.91 12.33
C ASP D 57 18.10 7.81 13.87
N GLU D 58 19.29 7.90 14.48
CA GLU D 58 19.37 7.99 15.94
C GLU D 58 18.88 9.35 16.42
N LEU D 59 19.16 10.35 15.60
CA LEU D 59 18.77 11.73 15.89
C LEU D 59 17.53 12.09 15.08
N ASN D 60 16.88 13.19 15.45
CA ASN D 60 15.78 13.69 14.65
C ASN D 60 16.24 14.97 13.96
N LEU D 61 17.07 14.81 12.93
CA LEU D 61 17.70 15.95 12.30
C LEU D 61 16.72 16.73 11.42
N ARG D 62 15.57 16.13 11.13
CA ARG D 62 14.51 16.87 10.46
C ARG D 62 13.96 17.97 11.37
N ALA D 63 14.07 17.75 12.67
CA ALA D 63 13.56 18.72 13.64
C ALA D 63 14.63 19.71 14.08
N HIS D 64 15.85 19.56 13.54
CA HIS D 64 16.95 20.42 13.98
C HIS D 64 16.73 21.86 13.55
N TYR D 65 17.06 22.77 14.46
CA TYR D 65 16.93 24.21 14.22
C TYR D 65 18.23 24.91 14.58
N GLY D 66 18.80 25.62 13.62
CA GLY D 66 20.03 26.35 13.87
C GLY D 66 21.23 25.85 13.11
N TRP D 67 22.35 25.74 13.81
CA TRP D 67 23.65 25.47 13.20
C TRP D 67 24.07 24.02 13.25
N VAL D 68 24.85 23.61 12.25
CA VAL D 68 25.62 22.37 12.29
C VAL D 68 27.01 22.72 11.80
N VAL D 69 27.99 21.86 12.11
CA VAL D 69 29.36 22.10 11.68
C VAL D 69 29.94 20.89 10.96
N TYR D 70 30.38 21.10 9.73
CA TYR D 70 31.07 20.08 8.94
C TYR D 70 32.57 20.25 9.10
N GLN D 71 33.30 19.15 8.99
CA GLN D 71 34.75 19.25 9.01
C GLN D 71 35.41 18.05 8.33
N ARG D 72 36.50 18.31 7.61
CA ARG D 72 37.38 17.26 7.13
C ARG D 72 38.80 17.80 7.01
N SER D 73 39.74 16.88 6.81
CA SER D 73 41.11 17.25 6.49
C SER D 73 41.40 16.89 5.04
N PHE D 74 42.39 17.56 4.46
CA PHE D 74 42.87 17.21 3.13
C PHE D 74 44.31 17.67 2.94
N ALA D 75 45.00 17.04 1.99
CA ALA D 75 46.39 17.39 1.70
C ALA D 75 46.63 17.16 0.21
N VAL D 76 47.39 18.08 -0.40
CA VAL D 76 47.73 17.98 -1.81
C VAL D 76 49.23 18.21 -1.96
N PRO D 77 49.85 17.63 -3.01
CA PRO D 77 51.28 17.87 -3.22
C PRO D 77 51.60 19.35 -3.35
N SER D 78 52.68 19.79 -2.72
CA SER D 78 53.12 21.18 -2.78
C SER D 78 53.45 21.63 -4.20
N ARG D 79 53.91 20.70 -5.03
CA ARG D 79 54.39 21.04 -6.37
C ARG D 79 53.24 21.42 -7.30
N LEU D 80 52.03 20.98 -6.96
CA LEU D 80 50.84 21.32 -7.74
C LEU D 80 50.27 22.69 -7.35
N VAL D 81 50.45 23.06 -6.09
CA VAL D 81 49.91 24.32 -5.56
C VAL D 81 50.86 25.43 -5.97
N ALA D 82 52.09 25.02 -6.29
CA ALA D 82 53.19 25.95 -6.55
C ALA D 82 52.88 26.93 -7.66
N GLY D 83 52.81 28.20 -7.31
CA GLY D 83 52.64 29.27 -8.29
C GLY D 83 51.24 29.36 -8.86
N GLN D 84 50.31 28.60 -8.29
CA GLN D 84 48.93 28.63 -8.78
C GLN D 84 48.00 29.45 -7.90
N ARG D 85 46.94 29.95 -8.52
CA ARG D 85 45.83 30.54 -7.81
C ARG D 85 44.93 29.41 -7.33
N MET D 86 44.71 29.35 -6.02
CA MET D 86 43.97 28.25 -5.43
C MET D 86 42.57 28.70 -5.02
N ILE D 87 41.55 28.00 -5.50
CA ILE D 87 40.19 28.40 -5.22
C ILE D 87 39.40 27.25 -4.58
N LEU D 88 38.75 27.56 -3.46
CA LEU D 88 37.88 26.61 -2.79
C LEU D 88 36.44 26.89 -3.15
N ARG D 89 35.78 25.92 -3.77
CA ARG D 89 34.42 26.14 -4.24
C ARG D 89 33.36 25.28 -3.55
N PHE D 90 32.30 25.96 -3.12
CA PHE D 90 31.11 25.28 -2.60
C PHE D 90 29.98 25.44 -3.60
N ASP D 91 29.58 24.34 -4.23
CA ASP D 91 28.50 24.39 -5.22
C ASP D 91 27.18 24.81 -4.57
N ALA D 92 26.97 24.39 -3.33
CA ALA D 92 25.83 24.84 -2.53
C ALA D 92 25.95 24.44 -1.06
N ALA D 93 25.66 25.41 -0.19
CA ALA D 93 25.55 25.17 1.24
C ALA D 93 24.25 25.82 1.72
N THR D 94 23.35 25.00 2.24
CA THR D 94 21.96 25.41 2.47
C THR D 94 21.69 25.56 3.97
N HIS D 95 21.36 26.76 4.46
CA HIS D 95 21.15 27.97 3.65
C HIS D 95 22.28 28.99 3.73
N ALA D 96 22.98 29.02 4.86
CA ALA D 96 24.05 29.98 5.07
C ALA D 96 25.25 29.26 5.65
N ALA D 97 26.45 29.80 5.41
CA ALA D 97 27.65 29.13 5.87
C ALA D 97 28.76 30.08 6.32
N ASP D 98 29.52 29.65 7.32
CA ASP D 98 30.81 30.27 7.64
C ASP D 98 31.87 29.23 7.31
N VAL D 99 32.89 29.62 6.57
CA VAL D 99 33.90 28.66 6.13
C VAL D 99 35.24 28.99 6.75
N TYR D 100 35.85 27.99 7.38
CA TYR D 100 37.18 28.15 7.97
C TYR D 100 38.18 27.19 7.34
N LEU D 101 39.38 27.70 7.13
CA LEU D 101 40.50 26.88 6.70
C LEU D 101 41.66 27.10 7.66
N ASN D 102 42.07 26.02 8.31
CA ASN D 102 43.14 26.03 9.29
C ASN D 102 42.93 27.08 10.39
N GLY D 103 41.68 27.25 10.80
CA GLY D 103 41.34 28.18 11.86
C GLY D 103 41.06 29.59 11.40
N GLN D 104 41.32 29.87 10.13
CA GLN D 104 41.08 31.21 9.60
C GLN D 104 39.69 31.31 9.00
N LEU D 105 38.94 32.32 9.43
CA LEU D 105 37.65 32.59 8.79
C LEU D 105 37.89 33.10 7.38
N LEU D 106 37.36 32.37 6.40
CA LEU D 106 37.47 32.78 5.00
C LEU D 106 36.36 33.75 4.66
N GLY D 107 35.20 33.56 5.28
CA GLY D 107 34.06 34.39 4.98
C GLY D 107 32.77 33.63 5.10
N SER D 108 31.70 34.24 4.61
CA SER D 108 30.37 33.69 4.77
C SER D 108 29.56 33.90 3.51
N HIS D 109 28.44 33.20 3.44
CA HIS D 109 27.58 33.28 2.28
C HIS D 109 26.14 33.02 2.69
N PHE D 110 25.22 33.78 2.13
CA PHE D 110 23.82 33.44 2.26
C PHE D 110 23.30 33.10 0.87
N GLY D 111 22.53 32.03 0.82
CA GLY D 111 21.87 31.58 -0.39
C GLY D 111 22.19 30.11 -0.51
N GLY D 112 21.16 29.29 -0.38
CA GLY D 112 21.35 27.85 -0.28
C GLY D 112 21.45 27.06 -1.56
N PHE D 113 21.33 27.73 -2.71
CA PHE D 113 21.18 26.99 -3.96
C PHE D 113 22.06 27.52 -5.09
N LEU D 114 23.06 28.33 -4.72
CA LEU D 114 23.97 28.88 -5.69
C LEU D 114 25.40 28.78 -5.16
N PRO D 115 26.38 28.63 -6.06
CA PRO D 115 27.75 28.36 -5.61
C PRO D 115 28.48 29.62 -5.16
N PHE D 116 29.49 29.44 -4.31
CA PHE D 116 30.33 30.53 -3.86
C PHE D 116 31.75 30.01 -3.64
N GLU D 117 32.73 30.91 -3.66
CA GLU D 117 34.11 30.45 -3.58
C GLU D 117 35.03 31.44 -2.87
N PHE D 118 36.17 30.93 -2.40
CA PHE D 118 37.14 31.72 -1.67
C PHE D 118 38.53 31.52 -2.27
N ASP D 119 39.30 32.60 -2.34
CA ASP D 119 40.70 32.47 -2.68
C ASP D 119 41.42 32.02 -1.40
N VAL D 120 41.98 30.81 -1.42
CA VAL D 120 42.63 30.24 -0.26
C VAL D 120 44.12 30.04 -0.50
N THR D 121 44.64 30.73 -1.52
CA THR D 121 46.03 30.60 -1.93
C THR D 121 46.97 30.79 -0.74
N SER D 122 46.67 31.78 0.10
CA SER D 122 47.51 32.09 1.26
C SER D 122 47.15 31.31 2.53
N ALA D 123 45.94 30.73 2.57
CA ALA D 123 45.50 30.01 3.76
C ALA D 123 45.96 28.56 3.75
N LEU D 124 46.23 28.03 2.56
CA LEU D 124 46.74 26.66 2.43
C LEU D 124 48.15 26.54 2.96
N HIS D 125 48.48 25.37 3.48
CA HIS D 125 49.86 25.01 3.74
C HIS D 125 50.11 23.53 3.45
N ALA D 126 51.37 23.11 3.52
CA ALA D 126 51.76 21.73 3.25
C ALA D 126 51.23 20.79 4.34
N GLY D 127 51.06 19.52 3.98
CA GLY D 127 50.52 18.55 4.90
C GLY D 127 49.01 18.68 5.04
N GLU D 128 48.48 18.25 6.18
CA GLU D 128 47.03 18.27 6.38
C GLU D 128 46.49 19.66 6.59
N ASN D 129 45.45 19.99 5.84
CA ASN D 129 44.72 21.23 6.03
C ASN D 129 43.39 20.90 6.69
N LEU D 130 42.92 21.78 7.57
CA LEU D 130 41.69 21.51 8.29
C LEU D 130 40.57 22.42 7.80
N LEU D 131 39.53 21.83 7.25
CA LEU D 131 38.45 22.60 6.66
C LEU D 131 37.19 22.45 7.52
N THR D 132 36.73 23.57 8.06
CA THR D 132 35.58 23.58 8.95
C THR D 132 34.48 24.45 8.34
N VAL D 133 33.28 23.91 8.25
CA VAL D 133 32.17 24.62 7.62
C VAL D 133 30.93 24.61 8.52
N ALA D 134 30.54 25.79 8.98
CA ALA D 134 29.33 25.93 9.77
C ALA D 134 28.15 26.22 8.84
N VAL D 135 27.06 25.49 9.00
CA VAL D 135 25.91 25.66 8.14
C VAL D 135 24.64 25.99 8.93
N ASP D 136 23.92 27.02 8.48
CA ASP D 136 22.76 27.53 9.20
C ASP D 136 21.51 27.19 8.37
N ASN D 137 20.55 26.51 8.98
CA ASN D 137 19.37 26.07 8.26
C ASN D 137 18.17 26.99 8.46
N ARG D 138 18.38 28.06 9.23
CA ARG D 138 17.26 28.85 9.71
C ARG D 138 16.65 29.69 8.60
N ILE D 139 15.32 29.72 8.57
CA ILE D 139 14.58 30.55 7.63
C ILE D 139 13.66 31.49 8.40
N GLY D 140 13.25 32.59 7.76
CA GLY D 140 12.42 33.58 8.40
C GLY D 140 11.94 34.66 7.45
N SER D 141 11.54 35.81 7.98
CA SER D 141 10.94 36.87 7.19
C SER D 141 11.95 37.55 6.27
N SER D 142 13.24 37.27 6.50
CA SER D 142 14.29 37.87 5.69
C SER D 142 15.05 36.87 4.82
N THR D 143 14.66 35.60 4.86
CA THR D 143 15.32 34.61 4.02
C THR D 143 14.60 34.38 2.70
N LEU D 144 15.35 33.92 1.71
CA LEU D 144 14.81 33.31 0.51
C LEU D 144 15.39 31.90 0.43
N PRO D 145 14.54 30.87 0.53
CA PRO D 145 13.07 30.90 0.65
C PRO D 145 12.55 31.46 1.97
N VAL D 146 11.31 31.96 1.94
CA VAL D 146 10.72 32.67 3.08
C VAL D 146 10.20 31.74 4.17
N GLY D 147 10.57 32.02 5.41
CA GLY D 147 10.02 31.33 6.56
C GLY D 147 9.13 32.26 7.36
N ASN D 148 8.30 31.69 8.22
CA ASN D 148 7.45 32.49 9.09
C ASN D 148 8.10 32.74 10.44
N ASP D 149 8.06 33.99 10.91
CA ASP D 149 8.68 34.35 12.18
C ASP D 149 7.83 33.91 13.36
N ALA D 150 6.54 33.72 13.13
CA ALA D 150 5.67 33.04 14.09
C ALA D 150 4.44 32.44 13.40
N GLY D 151 3.75 31.56 14.10
CA GLY D 151 2.51 31.00 13.60
C GLY D 151 2.52 29.54 13.17
N THR D 152 2.27 29.34 11.88
CA THR D 152 2.13 28.00 11.32
C THR D 152 3.05 27.78 10.13
N ALA D 153 3.09 26.55 9.64
CA ALA D 153 3.75 26.22 8.39
C ALA D 153 2.77 26.40 7.22
N PHE D 154 3.27 26.24 6.00
CA PHE D 154 2.43 26.43 4.81
C PHE D 154 1.23 25.51 4.93
N MET D 155 0.03 26.09 4.87
CA MET D 155 -1.21 25.33 5.07
C MET D 155 -1.17 24.55 6.38
N GLY D 156 -0.85 25.26 7.47
CA GLY D 156 -0.74 24.65 8.78
C GLY D 156 -2.00 24.85 9.59
N SER D 157 -2.38 23.82 10.34
CA SER D 157 -3.63 23.82 11.10
C SER D 157 -3.48 24.31 12.54
N ASP D 158 -4.45 25.09 13.01
CA ASP D 158 -4.45 25.58 14.39
C ASP D 158 -5.86 25.79 14.95
N ASN D 159 -5.97 25.76 16.27
CA ASN D 159 -7.20 26.13 16.96
C ASN D 159 -6.87 27.26 17.94
N ALA D 160 -6.38 28.36 17.38
CA ALA D 160 -5.92 29.51 18.14
C ALA D 160 -6.90 30.03 19.20
N ASN D 161 -8.20 29.78 19.00
CA ASN D 161 -9.21 30.24 19.95
C ASN D 161 -9.23 29.45 21.26
N VAL D 162 -8.49 28.35 21.30
CA VAL D 162 -8.34 27.59 22.54
C VAL D 162 -7.21 28.21 23.35
N PRO D 163 -7.52 28.68 24.57
CA PRO D 163 -6.53 29.28 25.47
C PRO D 163 -5.35 28.34 25.72
N ALA D 164 -5.62 27.06 25.87
CA ALA D 164 -4.58 26.07 26.13
C ALA D 164 -3.62 25.95 24.95
N VAL D 165 -4.13 26.10 23.74
CA VAL D 165 -3.30 25.99 22.54
C VAL D 165 -2.38 27.21 22.44
N ALA D 166 -2.96 28.38 22.64
CA ALA D 166 -2.22 29.63 22.62
C ALA D 166 -1.05 29.63 23.59
N GLU D 167 -1.26 29.07 24.79
CA GLU D 167 -0.20 29.05 25.79
C GLU D 167 0.90 28.03 25.48
N ALA D 168 0.52 26.82 25.11
CA ALA D 168 1.48 25.77 24.79
C ALA D 168 2.39 26.18 23.63
N LYS D 169 1.82 26.94 22.69
CA LYS D 169 2.53 27.41 21.52
C LYS D 169 3.74 28.28 21.90
N LYS D 170 3.57 29.05 22.96
CA LYS D 170 4.58 29.99 23.41
C LYS D 170 5.77 29.29 24.04
N HIS D 171 5.57 28.04 24.43
CA HIS D 171 6.61 27.27 25.10
C HIS D 171 7.11 26.10 24.25
N ALA D 172 6.60 26.00 23.03
CA ALA D 172 6.96 24.91 22.14
C ALA D 172 8.42 25.00 21.69
N ARG D 173 9.03 23.85 21.42
CA ARG D 173 10.37 23.80 20.84
C ARG D 173 10.41 24.65 19.59
N ARG D 174 11.45 25.46 19.46
CA ARG D 174 11.56 26.32 18.30
C ARG D 174 11.84 25.51 17.02
N GLN D 175 11.11 25.83 15.96
CA GLN D 175 11.23 25.12 14.69
C GLN D 175 11.21 26.11 13.53
N ASN D 176 11.85 25.74 12.42
CA ASN D 176 11.70 26.51 11.19
C ASN D 176 10.26 26.43 10.71
N LEU D 177 9.70 27.58 10.36
CA LEU D 177 8.31 27.63 9.94
C LEU D 177 8.25 28.04 8.48
N PRO D 178 8.27 27.06 7.57
CA PRO D 178 8.40 27.43 6.16
C PRO D 178 7.10 28.05 5.65
N ASN D 179 7.23 29.03 4.76
CA ASN D 179 6.08 29.53 4.00
C ASN D 179 6.12 28.91 2.61
N PHE D 180 6.53 27.64 2.58
CA PHE D 180 6.63 26.90 1.33
C PHE D 180 6.39 25.41 1.58
N ASP D 181 6.00 24.71 0.52
CA ASP D 181 5.56 23.34 0.62
C ASP D 181 6.61 22.34 0.15
N PHE D 182 7.79 22.41 0.75
CA PHE D 182 8.82 21.39 0.56
C PHE D 182 9.72 21.41 1.78
N PHE D 183 10.21 20.25 2.19
CA PHE D 183 10.93 20.19 3.45
C PHE D 183 12.24 20.96 3.38
N ASN D 184 12.59 21.55 4.51
CA ASN D 184 13.77 22.39 4.64
C ASN D 184 15.06 21.59 4.76
N PHE D 185 15.38 20.80 3.73
CA PHE D 185 16.63 20.04 3.73
C PHE D 185 17.83 20.98 3.72
N ALA D 186 18.82 20.69 4.56
CA ALA D 186 19.94 21.61 4.75
C ALA D 186 21.28 20.88 4.74
N GLY D 187 22.36 21.65 4.67
CA GLY D 187 23.71 21.10 4.70
C GLY D 187 24.46 21.31 3.40
N LEU D 188 25.53 20.54 3.21
CA LEU D 188 26.33 20.64 2.01
C LEU D 188 25.68 19.82 0.91
N ASN D 189 24.61 20.39 0.35
CA ASN D 189 23.76 19.70 -0.61
C ASN D 189 24.43 19.42 -1.95
N ARG D 190 25.48 20.18 -2.27
CA ARG D 190 26.17 19.95 -3.53
C ARG D 190 27.67 19.91 -3.33
N HIS D 191 28.39 19.66 -4.42
CA HIS D 191 29.81 19.33 -4.34
C HIS D 191 30.68 20.43 -3.74
N VAL D 192 31.80 20.00 -3.18
CA VAL D 192 32.82 20.90 -2.68
C VAL D 192 34.13 20.50 -3.36
N GLU D 193 34.85 21.48 -3.89
CA GLU D 193 36.11 21.16 -4.54
C GLU D 193 37.09 22.31 -4.50
N LEU D 194 38.37 21.97 -4.50
CA LEU D 194 39.45 22.93 -4.61
C LEU D 194 39.93 22.89 -6.06
N TYR D 195 40.09 24.04 -6.70
CA TYR D 195 40.64 24.03 -8.05
C TYR D 195 41.71 25.09 -8.24
N THR D 196 42.47 24.96 -9.33
CA THR D 196 43.57 25.86 -9.64
C THR D 196 43.41 26.58 -10.97
N THR D 197 43.93 27.80 -11.04
CA THR D 197 44.13 28.51 -12.30
C THR D 197 45.52 29.13 -12.31
N PRO D 198 45.99 29.58 -13.48
CA PRO D 198 47.19 30.43 -13.48
C PRO D 198 46.96 31.69 -12.61
N ALA D 199 48.02 32.19 -11.99
CA ALA D 199 47.90 33.30 -11.05
C ALA D 199 48.04 34.66 -11.73
N ASP D 200 48.99 34.75 -12.65
CA ASP D 200 49.30 36.03 -13.30
C ASP D 200 48.13 36.52 -14.14
N ALA D 201 47.51 35.59 -14.87
CA ALA D 201 46.36 35.91 -15.71
C ALA D 201 45.55 34.64 -16.00
N TYR D 202 44.23 34.79 -16.01
CA TYR D 202 43.34 33.64 -16.13
C TYR D 202 41.97 34.07 -16.63
N ILE D 203 41.28 33.13 -17.29
CA ILE D 203 39.92 33.35 -17.74
C ILE D 203 38.97 33.29 -16.55
N ALA D 204 38.20 34.36 -16.35
CA ALA D 204 37.35 34.47 -15.16
C ALA D 204 35.90 34.20 -15.49
N ASP D 205 35.51 34.51 -16.73
CA ASP D 205 34.13 34.33 -17.17
C ASP D 205 34.03 34.20 -18.68
N ILE D 206 33.02 33.46 -19.14
CA ILE D 206 32.76 33.31 -20.57
C ILE D 206 31.26 33.39 -20.80
N ALA D 207 30.85 34.23 -21.76
CA ALA D 207 29.46 34.29 -22.16
C ALA D 207 29.31 34.15 -23.67
N ILE D 208 28.49 33.19 -24.08
CA ILE D 208 28.18 32.98 -25.49
C ILE D 208 26.71 33.27 -25.74
N THR D 209 26.43 34.00 -26.81
CA THR D 209 25.06 34.28 -27.21
C THR D 209 24.84 33.99 -28.67
N THR D 210 23.61 33.60 -29.00
CA THR D 210 23.17 33.46 -30.39
C THR D 210 22.49 34.78 -30.77
N GLU D 211 23.13 35.55 -31.65
CA GLU D 211 22.65 36.88 -31.98
C GLU D 211 21.62 36.91 -33.10
N ARG D 212 21.86 36.12 -34.14
CA ARG D 212 20.98 36.14 -35.30
C ARG D 212 21.10 34.84 -36.06
N LEU D 213 19.98 34.37 -36.62
CA LEU D 213 19.98 33.21 -37.47
C LEU D 213 19.54 33.61 -38.86
N ASP D 214 20.31 33.19 -39.86
CA ASP D 214 19.98 33.54 -41.24
C ASP D 214 19.49 32.34 -42.02
N HIS D 215 18.30 32.49 -42.59
CA HIS D 215 17.68 31.48 -43.45
C HIS D 215 17.63 30.12 -42.77
N ILE D 216 16.76 29.99 -41.79
CA ILE D 216 16.56 28.75 -41.06
C ILE D 216 15.85 27.72 -41.94
N ALA D 217 16.37 26.50 -41.96
CA ALA D 217 15.75 25.40 -42.70
C ALA D 217 14.35 25.14 -42.18
N GLY D 218 13.51 24.53 -43.02
CA GLY D 218 12.13 24.25 -42.66
C GLY D 218 11.97 23.40 -41.41
N ASP D 219 12.91 22.47 -41.20
CA ASP D 219 12.88 21.60 -40.03
C ASP D 219 13.70 22.16 -38.87
N ALA D 220 14.28 23.33 -39.09
CA ALA D 220 15.10 24.03 -38.10
C ALA D 220 16.29 23.21 -37.60
N CYS D 221 16.75 22.26 -38.40
CA CYS D 221 17.94 21.49 -38.05
C CYS D 221 19.17 22.34 -38.31
N THR D 222 19.07 23.25 -39.27
CA THR D 222 20.19 24.13 -39.63
C THR D 222 19.72 25.55 -39.94
N ALA D 223 20.69 26.47 -39.94
CA ALA D 223 20.50 27.81 -40.46
C ALA D 223 21.63 28.07 -41.45
N ALA D 224 21.35 28.80 -42.52
CA ALA D 224 22.35 29.06 -43.56
C ALA D 224 23.56 29.75 -42.96
N ASN D 225 23.32 30.66 -42.02
CA ASN D 225 24.39 31.29 -41.27
C ASN D 225 23.94 31.63 -39.86
N ALA D 226 24.83 31.42 -38.90
CA ALA D 226 24.56 31.79 -37.52
C ALA D 226 25.63 32.74 -37.05
N LEU D 227 25.18 33.87 -36.51
CA LEU D 227 26.06 34.86 -35.93
C LEU D 227 26.01 34.71 -34.42
N ILE D 228 27.12 34.27 -33.82
CA ILE D 228 27.19 34.17 -32.37
C ILE D 228 28.18 35.18 -31.82
N ALA D 229 28.00 35.52 -30.54
CA ALA D 229 28.88 36.47 -29.90
C ALA D 229 29.52 35.83 -28.69
N TYR D 230 30.75 36.25 -28.40
CA TYR D 230 31.48 35.78 -27.25
C TYR D 230 31.86 36.97 -26.40
N ASP D 231 32.00 36.75 -25.11
CA ASP D 231 32.43 37.79 -24.20
C ASP D 231 33.27 37.08 -23.15
N VAL D 232 34.57 37.34 -23.14
CA VAL D 232 35.45 36.67 -22.21
C VAL D 232 36.02 37.65 -21.19
N THR D 233 35.93 37.28 -19.92
CA THR D 233 36.45 38.10 -18.84
C THR D 233 37.70 37.45 -18.27
N PHE D 234 38.68 38.27 -17.91
CA PHE D 234 39.95 37.80 -17.38
C PHE D 234 40.22 38.42 -16.01
N GLY D 235 40.97 37.71 -15.16
CA GLY D 235 41.44 38.26 -13.91
C GLY D 235 42.95 38.18 -13.82
N GLY D 236 43.52 38.85 -12.82
CA GLY D 236 44.96 38.80 -12.62
C GLY D 236 45.65 40.10 -13.01
N ASP D 237 46.98 40.05 -13.09
CA ASP D 237 47.82 41.19 -13.44
C ASP D 237 47.70 42.32 -12.43
N GLY D 276 48.02 44.60 -25.09
CA GLY D 276 48.39 43.83 -26.26
C GLY D 276 48.41 42.33 -26.01
N ARG D 277 47.51 41.88 -25.16
CA ARG D 277 47.34 40.45 -24.90
C ARG D 277 46.19 39.92 -25.74
N GLN D 278 46.23 38.63 -26.05
CA GLN D 278 45.24 38.06 -26.96
C GLN D 278 44.66 36.76 -26.44
N VAL D 279 43.44 36.48 -26.87
CA VAL D 279 42.80 35.20 -26.59
C VAL D 279 42.36 34.58 -27.91
N ARG D 280 42.63 33.29 -28.08
CA ARG D 280 42.17 32.55 -29.25
C ARG D 280 40.87 31.84 -28.92
N ILE D 281 39.89 31.99 -29.81
CA ILE D 281 38.61 31.31 -29.65
C ILE D 281 38.36 30.35 -30.80
N SER D 282 38.29 29.06 -30.47
CA SER D 282 38.01 28.04 -31.46
C SER D 282 36.64 27.44 -31.20
N ILE D 283 35.83 27.35 -32.25
CA ILE D 283 34.53 26.74 -32.14
C ILE D 283 34.61 25.31 -32.66
N LEU D 284 34.29 24.36 -31.79
CA LEU D 284 34.36 22.95 -32.11
C LEU D 284 32.95 22.45 -32.35
N ASP D 285 32.75 21.69 -33.43
CA ASP D 285 31.43 21.10 -33.65
C ASP D 285 31.32 19.82 -32.84
N GLY D 286 30.20 19.12 -32.99
CA GLY D 286 29.95 17.91 -32.24
C GLY D 286 30.97 16.81 -32.46
N GLU D 287 31.77 16.91 -33.52
CA GLU D 287 32.81 15.92 -33.80
C GLU D 287 34.20 16.38 -33.35
N GLY D 288 34.30 17.62 -32.88
CA GLY D 288 35.57 18.14 -32.41
C GLY D 288 36.34 18.87 -33.48
N THR D 289 35.75 18.96 -34.67
CA THR D 289 36.36 19.69 -35.78
C THR D 289 36.22 21.19 -35.55
N VAL D 290 37.32 21.93 -35.67
CA VAL D 290 37.27 23.38 -35.56
C VAL D 290 36.61 23.93 -36.83
N VAL D 291 35.46 24.58 -36.69
CA VAL D 291 34.70 25.05 -37.85
C VAL D 291 34.76 26.57 -37.98
N ALA D 292 35.26 27.21 -36.93
CA ALA D 292 35.46 28.65 -36.92
C ALA D 292 36.41 29.02 -35.82
N GLY D 293 37.15 30.11 -36.03
CA GLY D 293 38.16 30.53 -35.09
C GLY D 293 38.54 31.97 -35.33
N VAL D 294 38.72 32.71 -34.25
CA VAL D 294 39.17 34.10 -34.34
C VAL D 294 40.10 34.38 -33.18
N THR D 295 40.96 35.37 -33.37
CA THR D 295 41.83 35.83 -32.31
C THR D 295 41.38 37.23 -31.96
N ALA D 296 41.10 37.46 -30.68
CA ALA D 296 40.57 38.73 -30.26
C ALA D 296 41.54 39.38 -29.30
N ASP D 297 41.57 40.70 -29.32
CA ASP D 297 42.47 41.43 -28.44
C ASP D 297 41.80 41.64 -27.09
N ILE D 298 42.60 41.51 -26.04
CA ILE D 298 42.14 41.73 -24.67
C ILE D 298 42.42 43.15 -24.25
N GLU D 299 41.38 43.89 -23.86
CA GLU D 299 41.58 45.27 -23.44
C GLU D 299 41.02 45.45 -22.02
N ARG D 300 41.79 46.12 -21.18
CA ARG D 300 41.39 46.43 -19.80
C ARG D 300 40.55 47.70 -19.74
N THR D 305 39.02 44.74 -15.05
CA THR D 305 38.06 44.53 -16.13
C THR D 305 38.76 44.24 -17.45
N ALA D 306 39.53 43.14 -17.49
CA ALA D 306 40.08 42.67 -18.75
C ALA D 306 38.99 41.93 -19.50
N LYS D 307 38.78 42.28 -20.76
CA LYS D 307 37.66 41.72 -21.52
C LYS D 307 38.01 41.57 -23.00
N ALA D 308 37.53 40.51 -23.61
CA ALA D 308 37.58 40.33 -25.05
C ALA D 308 36.18 39.98 -25.52
N SER D 309 35.72 40.65 -26.57
CA SER D 309 34.38 40.38 -27.09
C SER D 309 34.36 40.56 -28.61
N GLY D 310 33.43 39.86 -29.25
CA GLY D 310 33.30 39.94 -30.68
C GLY D 310 32.26 38.98 -31.21
N GLU D 311 32.23 38.82 -32.53
CA GLU D 311 31.26 37.97 -33.18
C GLU D 311 31.94 36.92 -34.06
N ILE D 312 31.22 35.83 -34.33
CA ILE D 312 31.72 34.77 -35.19
C ILE D 312 30.57 34.30 -36.07
N ALA D 313 30.83 34.22 -37.38
CA ALA D 313 29.83 33.72 -38.30
C ALA D 313 30.10 32.25 -38.57
N ILE D 314 29.05 31.43 -38.49
CA ILE D 314 29.15 29.99 -38.71
C ILE D 314 28.22 29.55 -39.83
N ARG D 315 28.79 29.03 -40.91
CA ARG D 315 28.00 28.61 -42.05
C ARG D 315 27.36 27.25 -41.80
N ASP D 316 26.11 27.10 -42.24
CA ASP D 316 25.37 25.87 -42.11
C ASP D 316 25.37 25.38 -40.67
N ALA D 317 25.15 26.31 -39.74
CA ALA D 317 25.22 25.99 -38.32
C ALA D 317 24.12 25.02 -37.95
N LYS D 318 24.47 24.08 -37.08
CA LYS D 318 23.51 23.09 -36.59
C LYS D 318 22.81 23.62 -35.35
N LEU D 319 21.48 23.71 -35.39
CA LEU D 319 20.76 24.34 -34.29
C LEU D 319 20.40 23.35 -33.18
N TRP D 320 20.26 23.90 -31.97
CA TRP D 320 19.80 23.15 -30.80
C TRP D 320 18.28 23.27 -30.74
N ASN D 321 17.60 22.13 -30.68
CA ASN D 321 16.15 22.11 -30.55
C ASN D 321 15.70 21.16 -29.46
N PRO D 322 14.51 21.40 -28.89
CA PRO D 322 13.90 20.39 -28.01
C PRO D 322 13.80 19.04 -28.72
N GLY D 323 14.23 17.97 -28.05
CA GLY D 323 14.17 16.64 -28.64
C GLY D 323 15.21 16.36 -29.72
N ALA D 324 16.08 17.34 -29.97
CA ALA D 324 17.11 17.20 -30.99
C ALA D 324 18.27 18.15 -30.68
N ALA D 325 19.01 17.83 -29.64
CA ALA D 325 20.08 18.70 -29.17
C ALA D 325 21.28 18.66 -30.13
N TYR D 326 21.97 19.78 -30.24
CA TYR D 326 23.30 19.82 -30.85
C TYR D 326 24.14 20.84 -30.11
N LEU D 327 25.34 20.41 -29.69
CA LEU D 327 26.22 21.27 -28.92
C LEU D 327 27.55 21.54 -29.60
N TYR D 328 27.98 22.80 -29.55
CA TYR D 328 29.31 23.19 -29.97
C TYR D 328 30.15 23.41 -28.71
N THR D 329 31.46 23.53 -28.90
CA THR D 329 32.32 23.93 -27.80
C THR D 329 33.05 25.21 -28.17
N ALA D 330 32.92 26.23 -27.32
CA ALA D 330 33.73 27.42 -27.48
C ALA D 330 34.98 27.24 -26.63
N VAL D 331 36.12 27.15 -27.28
CA VAL D 331 37.39 26.99 -26.58
C VAL D 331 38.13 28.32 -26.56
N ALA D 332 38.32 28.87 -25.37
CA ALA D 332 39.09 30.10 -25.20
C ALA D 332 40.47 29.78 -24.68
N GLU D 333 41.49 30.29 -25.36
CA GLU D 333 42.87 30.07 -24.93
C GLU D 333 43.61 31.38 -24.77
N LEU D 334 44.07 31.64 -23.55
CA LEU D 334 44.84 32.84 -23.26
C LEU D 334 46.23 32.70 -23.84
N LEU D 335 46.60 33.63 -24.71
CA LEU D 335 47.88 33.56 -25.39
C LEU D 335 48.95 34.36 -24.66
N PRO D 336 50.20 33.88 -24.73
CA PRO D 336 51.38 34.52 -24.14
C PRO D 336 51.81 35.75 -24.93
N SER D 344 53.61 29.66 -29.49
CA SER D 344 52.71 28.52 -29.71
C SER D 344 52.15 27.98 -28.39
N ARG D 345 52.69 28.44 -27.28
CA ARG D 345 52.27 27.96 -25.97
C ARG D 345 50.94 28.57 -25.52
N ILE D 346 50.26 27.89 -24.60
CA ILE D 346 48.98 28.34 -24.08
C ILE D 346 49.11 28.71 -22.59
N ILE D 347 48.61 29.90 -22.22
CA ILE D 347 48.69 30.35 -20.83
C ILE D 347 47.60 29.72 -19.98
N ASP D 348 46.37 29.83 -20.46
CA ASP D 348 45.21 29.34 -19.75
C ASP D 348 44.16 28.98 -20.78
N ALA D 349 43.25 28.10 -20.39
CA ALA D 349 42.24 27.62 -21.32
C ALA D 349 40.98 27.21 -20.59
N TYR D 350 39.85 27.37 -21.25
CA TYR D 350 38.59 26.88 -20.73
C TYR D 350 37.72 26.46 -21.90
N ARG D 351 37.07 25.31 -21.76
CA ARG D 351 36.19 24.81 -22.79
C ARG D 351 34.74 25.00 -22.38
N GLN D 352 34.03 25.82 -23.12
CA GLN D 352 32.65 26.14 -22.78
C GLN D 352 31.64 25.62 -23.79
N THR D 353 30.81 24.69 -23.32
CA THR D 353 29.77 24.10 -24.14
C THR D 353 28.68 25.14 -24.39
N PHE D 354 28.14 25.17 -25.60
CA PHE D 354 27.00 26.03 -25.90
C PHE D 354 26.17 25.45 -27.02
N GLY D 355 24.99 26.03 -27.22
CA GLY D 355 24.11 25.58 -28.28
C GLY D 355 23.56 26.80 -29.00
N ILE D 356 23.31 26.63 -30.29
CA ILE D 356 22.90 27.75 -31.12
C ILE D 356 21.39 27.71 -31.35
N ARG D 357 20.69 28.65 -30.74
CA ARG D 357 19.24 28.72 -30.86
C ARG D 357 18.76 30.10 -30.44
N THR D 358 17.64 30.53 -31.00
CA THR D 358 17.03 31.78 -30.59
C THR D 358 15.73 31.52 -29.85
N VAL D 359 15.37 32.45 -28.97
CA VAL D 359 14.11 32.40 -28.24
C VAL D 359 13.43 33.74 -28.36
N GLU D 360 12.19 33.75 -28.80
CA GLU D 360 11.47 35.01 -28.96
C GLU D 360 9.99 34.85 -28.69
N VAL D 361 9.47 35.67 -27.79
CA VAL D 361 8.04 35.78 -27.60
C VAL D 361 7.51 36.76 -28.65
N SER D 362 6.58 36.28 -29.47
CA SER D 362 5.95 37.12 -30.49
C SER D 362 4.45 36.93 -30.39
N GLY D 363 3.76 37.98 -29.94
CA GLY D 363 2.32 37.90 -29.75
C GLY D 363 1.96 36.87 -28.71
N THR D 364 1.17 35.88 -29.12
CA THR D 364 0.80 34.77 -28.24
C THR D 364 1.58 33.51 -28.59
N THR D 365 2.77 33.68 -29.15
CA THR D 365 3.61 32.53 -29.49
C THR D 365 4.97 32.57 -28.81
N PHE D 366 5.52 31.38 -28.57
CA PHE D 366 6.83 31.24 -27.96
C PHE D 366 7.73 30.59 -29.01
N LEU D 367 8.60 31.39 -29.62
CA LEU D 367 9.36 30.92 -30.77
C LEU D 367 10.77 30.48 -30.41
N ILE D 368 11.07 29.22 -30.69
CA ILE D 368 12.43 28.72 -30.61
C ILE D 368 12.89 28.47 -32.04
N ASN D 369 13.97 29.14 -32.44
CA ASN D 369 14.43 29.13 -33.82
C ASN D 369 13.30 29.42 -34.80
N GLY D 370 12.45 30.38 -34.43
CA GLY D 370 11.34 30.82 -35.25
C GLY D 370 10.13 29.90 -35.38
N LYS D 371 10.11 28.79 -34.64
CA LYS D 371 8.97 27.88 -34.71
C LYS D 371 8.20 27.87 -33.40
N PRO D 372 6.87 27.78 -33.49
CA PRO D 372 6.00 27.91 -32.31
C PRO D 372 6.08 26.68 -31.40
N PHE D 373 6.73 26.86 -30.26
CA PHE D 373 6.99 25.78 -29.31
C PHE D 373 5.81 25.57 -28.36
N TYR D 374 5.61 24.33 -27.94
CA TYR D 374 4.62 24.01 -26.93
C TYR D 374 5.26 23.24 -25.77
N PHE D 375 5.18 23.80 -24.57
CA PHE D 375 5.74 23.14 -23.39
C PHE D 375 4.95 21.90 -22.98
N LYS D 376 5.66 20.78 -22.86
CA LYS D 376 5.09 19.58 -22.26
C LYS D 376 5.99 19.18 -21.10
N GLY D 377 5.45 19.21 -19.89
CA GLY D 377 6.26 18.88 -18.73
C GLY D 377 5.64 19.10 -17.37
N PHE D 378 6.46 19.58 -16.45
CA PHE D 378 6.12 19.58 -15.04
C PHE D 378 7.10 20.43 -14.25
N GLY D 379 6.70 20.87 -13.06
CA GLY D 379 7.66 21.37 -12.10
C GLY D 379 8.34 20.17 -11.47
N LYS D 380 9.60 20.29 -11.09
CA LYS D 380 10.30 19.19 -10.44
C LYS D 380 10.68 19.56 -9.02
N HIS D 381 11.44 18.68 -8.38
CA HIS D 381 12.16 19.01 -7.17
C HIS D 381 13.46 18.23 -7.17
N GLU D 382 14.48 18.76 -6.54
CA GLU D 382 15.62 17.92 -6.19
C GLU D 382 15.27 17.28 -4.85
N ASP D 383 14.79 16.06 -4.94
CA ASP D 383 14.27 15.34 -3.79
C ASP D 383 14.37 13.85 -4.04
N SER D 384 14.87 13.14 -3.04
CA SER D 384 15.00 11.68 -3.10
C SER D 384 15.17 11.17 -1.67
N TYR D 385 14.90 9.88 -1.47
CA TYR D 385 14.84 9.30 -0.13
C TYR D 385 15.98 9.52 0.87
N PHE D 386 17.23 9.29 0.47
CA PHE D 386 18.31 9.40 1.45
C PHE D 386 19.09 10.71 1.33
N HIS D 387 19.22 11.19 0.10
CA HIS D 387 19.98 12.38 -0.21
C HIS D 387 19.27 13.67 0.16
N GLY D 388 17.94 13.62 0.23
CA GLY D 388 17.17 14.83 0.47
C GLY D 388 17.26 15.77 -0.72
N ARG D 389 17.81 16.96 -0.50
CA ARG D 389 18.02 17.91 -1.58
C ARG D 389 19.42 17.74 -2.18
N GLY D 390 20.16 16.76 -1.65
CA GLY D 390 21.48 16.44 -2.15
C GLY D 390 21.50 16.03 -3.61
N THR D 391 22.46 16.56 -4.36
CA THR D 391 22.58 16.23 -5.79
C THR D 391 22.99 14.75 -5.95
N ASP D 392 22.40 14.11 -6.95
CA ASP D 392 22.61 12.69 -7.20
C ASP D 392 22.56 12.51 -8.73
N ASP D 393 23.71 12.26 -9.34
CA ASP D 393 23.81 12.25 -10.79
C ASP D 393 23.16 11.01 -11.39
N VAL D 394 23.13 9.92 -10.63
CA VAL D 394 22.38 8.73 -11.00
C VAL D 394 20.90 9.06 -11.15
N LEU D 395 20.35 9.76 -10.17
CA LEU D 395 18.95 10.15 -10.20
C LEU D 395 18.65 11.14 -11.32
N ASN D 396 19.58 12.07 -11.55
CA ASN D 396 19.44 13.03 -12.64
C ASN D 396 19.43 12.35 -14.01
N VAL D 397 20.32 11.39 -14.21
CA VAL D 397 20.35 10.62 -15.45
C VAL D 397 19.06 9.83 -15.63
N LYS D 398 18.59 9.19 -14.56
CA LYS D 398 17.34 8.43 -14.61
C LYS D 398 16.15 9.34 -14.90
N ASP D 399 16.08 10.47 -14.21
CA ASP D 399 14.96 11.40 -14.38
C ASP D 399 14.89 11.91 -15.82
N VAL D 400 16.05 12.21 -16.40
CA VAL D 400 16.12 12.64 -17.80
C VAL D 400 15.56 11.56 -18.73
N SER D 401 15.83 10.30 -18.42
CA SER D 401 15.30 9.19 -19.22
C SER D 401 13.78 9.05 -19.04
N LEU D 402 13.29 9.34 -17.84
CA LEU D 402 11.85 9.32 -17.57
C LEU D 402 11.11 10.42 -18.32
N ILE D 403 11.75 11.58 -18.44
CA ILE D 403 11.19 12.68 -19.21
C ILE D 403 11.01 12.26 -20.68
N HIS D 404 12.02 11.60 -21.25
CA HIS D 404 11.90 11.05 -22.59
C HIS D 404 10.84 9.96 -22.67
N TRP D 405 10.81 9.08 -21.68
CA TRP D 405 9.82 8.02 -21.61
C TRP D 405 8.42 8.60 -21.63
N LEU D 406 8.23 9.70 -20.92
CA LEU D 406 6.94 10.38 -20.83
C LEU D 406 6.61 11.19 -22.08
N HIS D 407 7.62 11.41 -22.92
CA HIS D 407 7.52 12.30 -24.08
C HIS D 407 7.24 13.75 -23.67
N ALA D 408 7.68 14.11 -22.47
CA ALA D 408 7.72 15.52 -22.07
C ALA D 408 8.90 16.18 -22.76
N ASN D 409 8.94 17.51 -22.79
CA ASN D 409 10.05 18.20 -23.42
C ASN D 409 10.66 19.30 -22.55
N SER D 410 10.17 19.44 -21.32
CA SER D 410 10.56 20.59 -20.50
C SER D 410 10.24 20.40 -19.04
N PHE D 411 10.89 21.17 -18.18
CA PHE D 411 10.47 21.32 -16.79
C PHE D 411 10.93 22.65 -16.22
N ARG D 412 10.42 22.99 -15.04
CA ARG D 412 10.84 24.18 -14.31
C ARG D 412 11.62 23.79 -13.05
N THR D 413 12.68 24.55 -12.75
CA THR D 413 13.48 24.30 -11.55
C THR D 413 12.80 24.85 -10.30
N SER D 414 11.58 24.37 -10.04
CA SER D 414 10.86 24.71 -8.82
C SER D 414 11.55 24.08 -7.60
N HIS D 415 11.85 24.88 -6.57
CA HIS D 415 11.66 26.32 -6.54
C HIS D 415 12.98 26.99 -6.21
N TYR D 416 14.02 26.64 -6.95
CA TYR D 416 15.40 27.04 -6.68
C TYR D 416 16.26 26.56 -7.85
N PRO D 417 17.39 27.24 -8.11
CA PRO D 417 18.30 26.72 -9.12
C PRO D 417 18.80 25.34 -8.75
N TYR D 418 18.84 24.42 -9.72
CA TYR D 418 19.27 23.05 -9.47
C TYR D 418 20.77 22.91 -9.56
N ALA D 419 21.26 21.70 -9.33
CA ALA D 419 22.69 21.43 -9.48
C ALA D 419 23.10 21.65 -10.94
N GLU D 420 24.28 22.22 -11.13
CA GLU D 420 24.78 22.57 -12.45
C GLU D 420 24.81 21.40 -13.43
N SER D 421 25.06 20.20 -12.92
CA SER D 421 25.16 19.01 -13.77
C SER D 421 23.85 18.66 -14.47
N MET D 422 22.72 19.04 -13.89
CA MET D 422 21.43 18.73 -14.49
C MET D 422 21.20 19.52 -15.78
N TYR D 423 21.69 20.76 -15.80
CA TYR D 423 21.56 21.60 -16.99
C TYR D 423 22.42 21.09 -18.12
N ASP D 424 23.64 20.63 -17.79
CA ASP D 424 24.53 20.01 -18.76
C ASP D 424 23.86 18.80 -19.38
N LEU D 425 23.19 18.03 -18.53
CA LEU D 425 22.49 16.83 -18.93
C LEU D 425 21.35 17.18 -19.90
N CYS D 426 20.61 18.24 -19.58
CA CYS D 426 19.50 18.66 -20.41
C CYS D 426 19.97 19.33 -21.70
N ASP D 427 21.13 19.98 -21.65
CA ASP D 427 21.76 20.52 -22.86
C ASP D 427 21.94 19.45 -23.92
N ARG D 428 22.47 18.30 -23.52
CA ARG D 428 22.77 17.22 -24.46
C ARG D 428 21.56 16.34 -24.75
N GLU D 429 20.54 16.39 -23.91
CA GLU D 429 19.37 15.54 -24.12
C GLU D 429 18.17 16.27 -24.71
N GLY D 430 18.34 17.56 -24.96
CA GLY D 430 17.31 18.32 -25.66
C GLY D 430 16.06 18.58 -24.85
N ILE D 431 16.23 18.80 -23.55
CA ILE D 431 15.10 19.15 -22.68
C ILE D 431 15.16 20.62 -22.31
N VAL D 432 14.04 21.31 -22.51
CA VAL D 432 13.94 22.75 -22.29
C VAL D 432 13.72 23.07 -20.79
N ILE D 433 14.34 24.12 -20.29
CA ILE D 433 14.24 24.46 -18.87
C ILE D 433 13.76 25.88 -18.58
N ILE D 434 12.84 26.01 -17.63
CA ILE D 434 12.56 27.29 -17.00
C ILE D 434 13.31 27.39 -15.67
N ASP D 435 14.23 28.34 -15.59
CA ASP D 435 15.15 28.46 -14.46
C ASP D 435 14.63 29.44 -13.43
N GLU D 436 14.50 29.00 -12.18
CA GLU D 436 13.81 29.78 -11.15
C GLU D 436 14.65 29.99 -9.88
N VAL D 437 14.60 31.21 -9.34
CA VAL D 437 15.29 31.56 -8.09
C VAL D 437 14.44 31.19 -6.87
N PRO D 438 15.07 31.07 -5.68
CA PRO D 438 14.33 30.60 -4.49
C PRO D 438 13.39 31.63 -3.87
N ALA D 439 12.75 32.47 -4.70
CA ALA D 439 11.88 33.51 -4.17
C ALA D 439 10.46 32.96 -4.00
N VAL D 440 10.31 32.06 -3.02
CA VAL D 440 9.04 31.40 -2.78
C VAL D 440 8.58 31.68 -1.35
N GLY D 441 7.29 31.94 -1.18
CA GLY D 441 6.73 32.26 0.11
C GLY D 441 6.71 33.75 0.39
N MET D 442 6.90 34.56 -0.65
CA MET D 442 6.99 36.00 -0.46
C MET D 442 5.64 36.67 -0.33
N SER D 443 5.60 37.71 0.49
CA SER D 443 4.42 38.54 0.62
C SER D 443 4.82 39.98 0.92
N TRP D 444 3.83 40.82 1.25
CA TRP D 444 4.05 42.25 1.44
C TRP D 444 5.05 42.57 2.55
N LEU D 445 5.10 41.71 3.55
CA LEU D 445 6.08 41.85 4.61
C LEU D 445 7.51 41.82 4.06
N GLN D 446 7.74 41.03 3.01
CA GLN D 446 9.07 40.96 2.40
C GLN D 446 9.37 42.14 1.47
N TYR D 447 8.36 42.67 0.78
CA TYR D 447 8.58 43.72 -0.21
C TYR D 447 9.13 44.99 0.45
N ALA D 448 8.89 45.13 1.74
CA ALA D 448 9.32 46.32 2.48
C ALA D 448 10.68 46.10 3.13
N ASN D 449 11.25 44.90 2.95
CA ASN D 449 12.51 44.54 3.62
C ASN D 449 13.70 44.62 2.65
N PRO D 450 14.64 45.53 2.94
CA PRO D 450 15.83 45.80 2.11
C PRO D 450 16.78 44.61 2.00
N LEU D 451 16.92 43.87 3.09
CA LEU D 451 17.76 42.67 3.12
C LEU D 451 17.21 41.61 2.16
N VAL D 452 15.88 41.43 2.17
CA VAL D 452 15.20 40.53 1.26
C VAL D 452 15.40 40.96 -0.20
N ALA D 453 15.17 42.24 -0.45
CA ALA D 453 15.34 42.80 -1.79
C ALA D 453 16.73 42.54 -2.34
N GLU D 454 17.74 42.66 -1.48
CA GLU D 454 19.12 42.47 -1.90
C GLU D 454 19.42 40.99 -2.12
N ARG D 455 18.92 40.15 -1.23
CA ARG D 455 19.07 38.70 -1.39
C ARG D 455 18.39 38.23 -2.67
N HIS D 456 17.28 38.88 -3.00
CA HIS D 456 16.55 38.56 -4.22
C HIS D 456 17.34 38.98 -5.46
N ARG D 457 17.94 40.16 -5.40
CA ARG D 457 18.82 40.61 -6.47
C ARG D 457 20.05 39.72 -6.61
N GLU D 458 20.62 39.30 -5.48
CA GLU D 458 21.77 38.39 -5.50
C GLU D 458 21.45 37.08 -6.20
N ALA D 459 20.27 36.53 -5.93
CA ALA D 459 19.86 35.27 -6.53
C ALA D 459 19.64 35.38 -8.03
N ILE D 460 18.98 36.45 -8.46
CA ILE D 460 18.70 36.67 -9.88
C ILE D 460 20.01 36.85 -10.67
N ARG D 461 20.91 37.67 -10.17
CA ARG D 461 22.18 37.89 -10.85
C ARG D 461 23.02 36.62 -10.80
N GLY D 462 23.02 35.95 -9.64
CA GLY D 462 23.75 34.71 -9.45
C GLY D 462 23.29 33.55 -10.33
N MET D 463 21.97 33.35 -10.41
CA MET D 463 21.42 32.28 -11.24
C MET D 463 21.83 32.47 -12.70
N ILE D 464 21.64 33.70 -13.18
CA ILE D 464 21.92 34.03 -14.57
C ILE D 464 23.43 34.02 -14.86
N ALA D 465 24.23 34.47 -13.91
CA ALA D 465 25.69 34.42 -14.07
C ALA D 465 26.16 32.98 -14.22
N ARG D 466 25.54 32.08 -13.46
CA ARG D 466 25.86 30.66 -13.49
C ARG D 466 25.36 29.94 -14.75
N ASP D 467 24.16 30.28 -15.19
CA ASP D 467 23.41 29.42 -16.12
C ASP D 467 23.24 30.00 -17.54
N LYS D 468 23.78 31.19 -17.78
CA LYS D 468 23.54 31.94 -19.01
C LYS D 468 23.90 31.22 -20.31
N ASN D 469 24.88 30.33 -20.25
CA ASN D 469 25.38 29.65 -21.44
C ASN D 469 24.61 28.40 -21.86
N HIS D 470 23.70 27.94 -21.01
CA HIS D 470 22.92 26.74 -21.32
C HIS D 470 21.83 27.02 -22.38
N PRO D 471 21.92 26.35 -23.52
CA PRO D 471 20.87 26.46 -24.55
C PRO D 471 19.52 25.93 -24.10
N CYS D 472 19.51 24.98 -23.15
CA CYS D 472 18.27 24.38 -22.70
C CYS D 472 17.39 25.37 -21.93
N ILE D 473 18.01 26.36 -21.29
CA ILE D 473 17.27 27.41 -20.59
C ILE D 473 16.67 28.42 -21.58
N VAL D 474 15.35 28.54 -21.59
CA VAL D 474 14.67 29.45 -22.52
C VAL D 474 13.93 30.58 -21.81
N MET D 475 13.85 30.51 -20.49
CA MET D 475 13.09 31.49 -19.72
C MET D 475 13.53 31.53 -18.25
N TRP D 476 13.44 32.72 -17.65
CA TRP D 476 13.77 32.91 -16.23
C TRP D 476 12.50 33.13 -15.41
N SER D 477 12.46 32.55 -14.22
CA SER D 477 11.37 32.80 -13.29
C SER D 477 11.90 33.49 -12.04
N ILE D 478 11.34 34.66 -11.72
CA ILE D 478 11.87 35.47 -10.64
C ILE D 478 11.15 35.29 -9.30
N ALA D 479 10.06 34.51 -9.30
CA ALA D 479 9.37 34.15 -8.05
C ALA D 479 8.33 33.06 -8.29
N ASN D 480 8.02 32.30 -7.23
CA ASN D 480 6.89 31.38 -7.27
C ASN D 480 5.81 31.76 -6.26
N GLU D 481 4.62 32.04 -6.79
CA GLU D 481 3.44 32.34 -5.96
C GLU D 481 3.63 33.43 -4.88
N PRO D 482 4.16 34.60 -5.27
CA PRO D 482 4.19 35.72 -4.31
C PRO D 482 2.80 36.33 -4.15
N GLY D 483 2.60 37.11 -3.09
CA GLY D 483 1.36 37.85 -2.96
C GLY D 483 1.34 39.00 -3.95
N LEU D 484 0.33 39.03 -4.83
CA LEU D 484 0.26 40.03 -5.90
C LEU D 484 -1.08 40.77 -5.95
N ASP D 485 -2.10 40.24 -5.28
CA ASP D 485 -3.47 40.73 -5.46
C ASP D 485 -4.01 41.38 -4.18
N GLY D 486 -5.29 41.72 -4.19
CA GLY D 486 -5.91 42.37 -3.04
C GLY D 486 -6.42 43.77 -3.32
N ASP D 487 -6.68 44.52 -2.25
CA ASP D 487 -7.23 45.86 -2.36
C ASP D 487 -6.21 46.90 -1.93
N GLY D 488 -6.60 48.16 -2.01
CA GLY D 488 -5.74 49.27 -1.62
C GLY D 488 -4.48 49.37 -2.45
N GLU D 489 -3.36 49.54 -1.75
CA GLU D 489 -2.06 49.72 -2.37
C GLU D 489 -1.30 48.41 -2.59
N ARG D 490 -1.86 47.30 -2.13
CA ARG D 490 -1.17 46.01 -2.20
C ARG D 490 -0.79 45.56 -3.63
N PRO D 491 -1.73 45.65 -4.59
CA PRO D 491 -1.31 45.30 -5.96
C PRO D 491 -0.18 46.18 -6.50
N ARG D 492 -0.26 47.49 -6.25
CA ARG D 492 0.77 48.41 -6.70
C ARG D 492 2.12 48.18 -6.02
N GLN D 493 2.07 47.86 -4.73
CA GLN D 493 3.29 47.58 -3.96
C GLN D 493 4.03 46.36 -4.50
N ALA D 494 3.27 45.32 -4.85
CA ALA D 494 3.85 44.12 -5.43
C ALA D 494 4.51 44.43 -6.75
N TYR D 495 3.79 45.16 -7.60
CA TYR D 495 4.31 45.58 -8.90
C TYR D 495 5.62 46.35 -8.76
N ASP D 496 5.66 47.32 -7.85
CA ASP D 496 6.84 48.15 -7.65
C ASP D 496 8.01 47.34 -7.12
N TYR D 497 7.72 46.25 -6.42
CA TYR D 497 8.78 45.36 -5.96
C TYR D 497 9.34 44.51 -7.10
N PHE D 498 8.44 43.98 -7.93
CA PHE D 498 8.84 42.97 -8.93
C PHE D 498 9.31 43.55 -10.26
N ARG D 499 8.76 44.68 -10.66
CA ARG D 499 9.13 45.30 -11.94
C ARG D 499 10.65 45.54 -12.08
N PRO D 500 11.33 46.05 -11.05
CA PRO D 500 12.78 46.18 -11.23
C PRO D 500 13.53 44.84 -11.25
N LEU D 501 12.91 43.78 -10.75
CA LEU D 501 13.51 42.45 -10.81
C LEU D 501 13.33 41.85 -12.21
N TYR D 502 12.18 42.12 -12.81
CA TYR D 502 11.94 41.78 -14.21
C TYR D 502 12.98 42.46 -15.11
N GLU D 503 13.20 43.74 -14.86
CA GLU D 503 14.17 44.52 -15.62
C GLU D 503 15.59 44.01 -15.40
N LEU D 504 15.90 43.64 -14.16
CA LEU D 504 17.22 43.11 -13.81
C LEU D 504 17.52 41.78 -14.52
N ALA D 505 16.53 40.90 -14.59
CA ALA D 505 16.70 39.61 -15.25
C ALA D 505 17.02 39.81 -16.73
N HIS D 506 16.31 40.74 -17.36
CA HIS D 506 16.55 41.10 -18.76
C HIS D 506 17.94 41.71 -18.96
N ALA D 507 18.33 42.60 -18.04
CA ALA D 507 19.62 43.27 -18.12
C ALA D 507 20.79 42.31 -17.88
N SER D 508 20.56 41.29 -17.06
CA SER D 508 21.62 40.37 -16.66
C SER D 508 21.90 39.32 -17.73
N ASP D 509 20.87 39.01 -18.53
CA ASP D 509 20.95 37.92 -19.48
C ASP D 509 21.33 38.43 -20.88
N PRO D 510 22.54 38.08 -21.32
CA PRO D 510 23.03 38.52 -22.65
C PRO D 510 22.18 37.95 -23.80
N GLN D 511 21.51 36.83 -23.55
CA GLN D 511 20.65 36.22 -24.55
C GLN D 511 19.27 36.90 -24.57
N ASN D 512 19.00 37.67 -23.51
CA ASN D 512 17.74 38.40 -23.38
C ASN D 512 16.52 37.48 -23.51
N ARG D 513 16.54 36.36 -22.80
CA ARG D 513 15.40 35.45 -22.80
C ARG D 513 14.19 36.07 -22.10
N PRO D 514 12.98 35.59 -22.43
CA PRO D 514 11.77 36.06 -21.75
C PRO D 514 11.84 35.83 -20.24
N VAL D 515 11.11 36.66 -19.50
CA VAL D 515 11.12 36.60 -18.05
C VAL D 515 9.69 36.42 -17.56
N THR D 516 9.51 35.59 -16.54
CA THR D 516 8.17 35.35 -16.01
C THR D 516 8.19 35.33 -14.50
N LEU D 517 7.00 35.21 -13.94
CA LEU D 517 6.80 35.11 -12.51
C LEU D 517 5.66 34.11 -12.38
N VAL D 518 5.83 33.09 -11.55
CA VAL D 518 4.83 32.04 -11.47
C VAL D 518 3.75 32.44 -10.45
N CYS D 519 2.52 32.60 -10.95
CA CYS D 519 1.43 33.21 -10.19
C CYS D 519 0.59 32.18 -9.46
N CYS D 520 0.30 32.45 -8.18
CA CYS D 520 -0.59 31.57 -7.42
C CYS D 520 -2.04 31.79 -7.82
N GLN D 521 -2.88 30.83 -7.46
CA GLN D 521 -4.31 30.93 -7.69
C GLN D 521 -4.87 32.07 -6.86
N ASN D 522 -5.15 33.20 -7.50
CA ASN D 522 -5.55 34.40 -6.77
C ASN D 522 -6.70 35.12 -7.44
N ASP D 523 -6.96 36.35 -6.98
CA ASP D 523 -7.93 37.21 -7.64
C ASP D 523 -7.21 37.87 -8.82
N TYR D 524 -7.28 37.22 -9.98
CA TYR D 524 -6.58 37.67 -11.17
C TYR D 524 -7.01 39.06 -11.68
N THR D 525 -8.19 39.51 -11.26
CA THR D 525 -8.67 40.84 -11.67
C THR D 525 -8.04 42.00 -10.89
N THR D 526 -7.50 41.73 -9.70
CA THR D 526 -6.86 42.79 -8.92
C THR D 526 -5.34 42.68 -9.01
N ASP D 527 -4.86 41.51 -9.43
CA ASP D 527 -3.45 41.28 -9.73
C ASP D 527 -3.07 42.12 -10.96
N ILE D 528 -2.10 43.02 -10.80
CA ILE D 528 -1.64 43.85 -11.90
C ILE D 528 -0.21 43.57 -12.36
N THR D 529 0.44 42.59 -11.75
CA THR D 529 1.85 42.30 -12.02
C THR D 529 2.04 41.18 -13.05
N GLU D 530 1.34 40.08 -12.84
CA GLU D 530 1.52 38.87 -13.64
C GLU D 530 1.34 39.13 -15.14
N ARG D 531 0.34 39.93 -15.48
CA ARG D 531 0.00 40.22 -16.86
C ARG D 531 1.06 41.05 -17.60
N THR D 532 2.04 41.57 -16.87
CA THR D 532 3.11 42.35 -17.48
C THR D 532 4.34 41.51 -17.79
N MET D 533 4.29 40.23 -17.43
CA MET D 533 5.43 39.35 -17.70
C MET D 533 5.47 38.96 -19.18
N ASP D 534 6.59 38.42 -19.63
CA ASP D 534 6.75 38.08 -21.05
C ASP D 534 5.88 36.86 -21.38
N VAL D 535 5.83 35.92 -20.45
CA VAL D 535 4.88 34.82 -20.54
C VAL D 535 4.13 34.70 -19.24
N VAL D 536 2.81 34.51 -19.33
CA VAL D 536 1.98 34.34 -18.15
C VAL D 536 2.05 32.88 -17.71
N CYS D 537 2.58 32.67 -16.50
CA CYS D 537 2.72 31.33 -15.95
C CYS D 537 1.82 31.20 -14.73
N ILE D 538 0.81 30.34 -14.82
CA ILE D 538 -0.17 30.27 -13.75
C ILE D 538 -0.25 28.89 -13.09
N ASN D 539 -0.42 28.92 -11.78
CA ASN D 539 -0.62 27.73 -10.97
C ASN D 539 -2.10 27.67 -10.62
N ARG D 540 -2.80 26.65 -11.09
CA ARG D 540 -4.23 26.57 -10.89
C ARG D 540 -4.64 25.19 -10.42
N TYR D 541 -5.53 25.15 -9.43
CA TYR D 541 -5.93 23.91 -8.80
C TYR D 541 -7.46 23.83 -8.70
N TYR D 542 -8.12 24.30 -9.75
CA TYR D 542 -9.56 24.13 -9.90
C TYR D 542 -9.91 22.65 -9.81
N GLY D 543 -10.81 22.31 -8.91
CA GLY D 543 -11.17 20.91 -8.72
C GLY D 543 -10.36 20.19 -7.65
N TRP D 544 -9.31 20.80 -7.13
CA TRP D 544 -8.59 20.20 -6.01
C TRP D 544 -8.73 21.04 -4.73
N TYR D 545 -8.14 22.24 -4.71
CA TYR D 545 -8.23 23.10 -3.53
C TYR D 545 -9.54 23.88 -3.47
N ASN D 546 -10.25 23.93 -4.59
CA ASN D 546 -11.58 24.54 -4.63
C ASN D 546 -12.45 23.70 -5.55
N LEU D 547 -13.76 23.84 -5.42
CA LEU D 547 -14.70 23.02 -6.19
C LEU D 547 -14.28 21.56 -6.12
N SER D 548 -13.93 21.10 -4.91
CA SER D 548 -13.19 19.85 -4.73
C SER D 548 -13.94 18.65 -5.28
N GLY D 549 -13.33 17.96 -6.24
CA GLY D 549 -13.89 16.74 -6.80
C GLY D 549 -14.93 16.95 -7.89
N ASP D 550 -15.35 18.19 -8.13
CA ASP D 550 -16.38 18.48 -9.13
C ASP D 550 -15.72 18.96 -10.42
N LEU D 551 -15.47 18.02 -11.35
CA LEU D 551 -14.66 18.34 -12.52
C LEU D 551 -15.40 19.19 -13.55
N ASP D 552 -16.73 19.04 -13.61
CA ASP D 552 -17.54 19.92 -14.46
C ASP D 552 -17.40 21.37 -13.98
N ALA D 553 -17.53 21.58 -12.67
CA ALA D 553 -17.44 22.92 -12.11
C ALA D 553 -16.03 23.50 -12.22
N ALA D 554 -15.03 22.65 -12.05
CA ALA D 554 -13.63 23.06 -12.19
C ALA D 554 -13.34 23.56 -13.60
N CYS D 555 -13.85 22.85 -14.59
CA CYS D 555 -13.63 23.21 -15.98
C CYS D 555 -14.39 24.48 -16.33
N HIS D 556 -15.56 24.65 -15.73
CA HIS D 556 -16.37 25.85 -15.93
C HIS D 556 -15.65 27.07 -15.36
N ALA D 557 -15.12 26.92 -14.15
CA ALA D 557 -14.37 27.99 -13.51
C ALA D 557 -13.11 28.30 -14.31
N LEU D 558 -12.40 27.26 -14.71
CA LEU D 558 -11.20 27.41 -15.53
C LEU D 558 -11.46 28.23 -16.80
N ASN D 559 -12.52 27.87 -17.52
CA ASN D 559 -12.85 28.54 -18.77
C ASN D 559 -13.15 30.02 -18.54
N ILE D 560 -13.76 30.32 -17.40
CA ILE D 560 -14.00 31.70 -17.00
C ILE D 560 -12.69 32.48 -16.80
N GLU D 561 -11.71 31.90 -16.11
CA GLU D 561 -10.43 32.60 -15.99
C GLU D 561 -9.72 32.63 -17.34
N LEU D 562 -9.91 31.61 -18.15
CA LEU D 562 -9.30 31.57 -19.47
C LEU D 562 -9.88 32.67 -20.38
N ASP D 563 -11.16 32.97 -20.24
CA ASP D 563 -11.79 34.05 -21.00
C ASP D 563 -11.15 35.39 -20.64
N PHE D 564 -10.77 35.51 -19.37
CA PHE D 564 -10.06 36.69 -18.90
C PHE D 564 -8.69 36.82 -19.57
N TRP D 565 -7.92 35.73 -19.57
CA TRP D 565 -6.57 35.77 -20.12
C TRP D 565 -6.56 35.87 -21.63
N GLU D 566 -7.64 35.41 -22.26
CA GLU D 566 -7.77 35.50 -23.72
C GLU D 566 -7.67 36.96 -24.16
N ASN D 567 -8.19 37.86 -23.34
CA ASN D 567 -8.24 39.28 -23.65
C ASN D 567 -6.93 40.02 -23.36
N ILE D 568 -6.15 39.50 -22.42
CA ILE D 568 -4.86 40.10 -22.07
C ILE D 568 -3.91 40.00 -23.27
N GLY D 569 -4.08 38.95 -24.06
CA GLY D 569 -3.34 38.80 -25.31
C GLY D 569 -1.87 38.43 -25.14
N LYS D 570 -1.54 37.84 -24.00
CA LYS D 570 -0.20 37.31 -23.75
C LYS D 570 -0.21 35.79 -23.92
N PRO D 571 0.96 35.20 -24.23
CA PRO D 571 0.99 33.73 -24.19
C PRO D 571 0.85 33.24 -22.75
N VAL D 572 0.11 32.16 -22.57
CA VAL D 572 -0.19 31.66 -21.23
C VAL D 572 0.10 30.17 -21.15
N MET D 573 0.66 29.73 -20.02
CA MET D 573 0.88 28.31 -19.80
C MET D 573 0.64 27.94 -18.33
N PHE D 574 0.32 26.66 -18.10
CA PHE D 574 0.30 26.10 -16.76
C PHE D 574 1.74 25.88 -16.29
N THR D 575 2.03 26.27 -15.06
CA THR D 575 3.27 25.83 -14.43
C THR D 575 2.98 24.89 -13.25
N GLU D 576 1.73 24.91 -12.76
CA GLU D 576 1.25 23.91 -11.80
C GLU D 576 -0.23 23.59 -11.98
N TYR D 577 -0.55 22.31 -11.95
CA TYR D 577 -1.91 21.83 -11.70
C TYR D 577 -1.85 20.34 -11.42
N GLY D 578 -2.69 19.86 -10.52
CA GLY D 578 -2.66 18.46 -10.17
C GLY D 578 -3.48 18.10 -8.94
N ALA D 579 -3.25 16.90 -8.44
CA ALA D 579 -4.07 16.32 -7.40
C ALA D 579 -3.27 15.28 -6.63
N ASP D 580 -3.32 15.34 -5.30
CA ASP D 580 -2.60 14.36 -4.49
C ASP D 580 -3.14 12.97 -4.78
N THR D 581 -2.25 11.99 -4.88
CA THR D 581 -2.61 10.68 -5.40
C THR D 581 -1.78 9.59 -4.72
N ILE D 582 -2.46 8.72 -3.98
CA ILE D 582 -1.79 7.60 -3.32
C ILE D 582 -1.83 6.39 -4.25
N GLU D 583 -0.66 5.93 -4.71
CA GLU D 583 -0.62 4.78 -5.60
C GLU D 583 -1.25 3.56 -4.92
N GLY D 584 -2.10 2.86 -5.66
CA GLY D 584 -2.81 1.70 -5.12
C GLY D 584 -4.24 1.98 -4.69
N ILE D 585 -4.56 3.25 -4.50
CA ILE D 585 -5.95 3.65 -4.28
C ILE D 585 -6.69 3.73 -5.60
N HIS D 586 -7.76 2.94 -5.73
CA HIS D 586 -8.50 2.84 -6.97
C HIS D 586 -10.01 2.95 -6.74
N GLY D 587 -10.73 3.36 -7.79
CA GLY D 587 -12.18 3.39 -7.77
C GLY D 587 -12.72 3.34 -9.19
N THR D 588 -13.91 2.77 -9.35
CA THR D 588 -14.56 2.75 -10.65
C THR D 588 -15.00 4.15 -11.02
N HIS D 589 -15.36 4.93 -9.99
CA HIS D 589 -15.62 6.36 -10.15
C HIS D 589 -14.67 7.11 -9.24
N GLY D 590 -13.51 7.45 -9.80
CA GLY D 590 -12.38 7.91 -9.02
C GLY D 590 -12.62 9.17 -8.21
N GLU D 591 -12.42 9.06 -6.91
CA GLU D 591 -12.52 10.21 -6.02
C GLU D 591 -11.12 10.71 -5.67
N MET D 592 -11.04 11.89 -5.08
CA MET D 592 -9.76 12.49 -4.67
C MET D 592 -8.87 11.50 -3.91
N PHE D 593 -7.61 11.46 -4.33
CA PHE D 593 -6.52 10.58 -3.82
C PHE D 593 -6.42 9.26 -4.58
N SER D 594 -7.42 8.94 -5.39
CA SER D 594 -7.35 7.73 -6.21
C SER D 594 -6.52 7.97 -7.48
N GLU D 595 -5.94 6.90 -8.02
CA GLU D 595 -5.17 6.99 -9.25
C GLU D 595 -6.07 7.44 -10.40
N GLU D 596 -7.31 6.95 -10.38
CA GLU D 596 -8.29 7.29 -11.42
C GLU D 596 -8.65 8.76 -11.43
N PHE D 597 -8.82 9.36 -10.25
CA PHE D 597 -9.15 10.78 -10.19
C PHE D 597 -8.04 11.63 -10.79
N GLN D 598 -6.79 11.27 -10.50
CA GLN D 598 -5.67 12.02 -11.03
C GLN D 598 -5.66 11.98 -12.55
N ARG D 599 -5.93 10.80 -13.12
CA ARG D 599 -6.03 10.64 -14.56
C ARG D 599 -7.19 11.47 -15.15
N ASP D 600 -8.37 11.36 -14.53
CA ASP D 600 -9.57 12.10 -14.97
C ASP D 600 -9.31 13.59 -14.94
N TYR D 601 -8.60 14.02 -13.90
CA TYR D 601 -8.30 15.42 -13.68
C TYR D 601 -7.55 16.04 -14.85
N TYR D 602 -6.44 15.43 -15.25
CA TYR D 602 -5.67 15.95 -16.36
C TYR D 602 -6.44 15.84 -17.68
N ALA D 603 -7.22 14.78 -17.83
CA ALA D 603 -8.00 14.56 -19.05
C ALA D 603 -9.04 15.66 -19.26
N ARG D 604 -9.73 16.04 -18.18
CA ARG D 604 -10.75 17.08 -18.27
C ARG D 604 -10.12 18.47 -18.44
N ILE D 605 -9.08 18.75 -17.67
CA ILE D 605 -8.41 20.05 -17.76
C ILE D 605 -7.73 20.26 -19.11
N ASN D 606 -6.98 19.26 -19.57
CA ASN D 606 -6.23 19.41 -20.83
C ASN D 606 -7.14 19.54 -22.03
N ALA D 607 -8.33 18.97 -21.94
CA ALA D 607 -9.31 19.10 -23.01
C ALA D 607 -9.76 20.55 -23.15
N GLU D 608 -9.79 21.27 -22.04
CA GLU D 608 -10.21 22.67 -22.07
C GLU D 608 -9.12 23.59 -22.62
N ILE D 609 -7.86 23.38 -22.22
CA ILE D 609 -6.81 24.27 -22.70
C ILE D 609 -6.45 23.98 -24.16
N ASP D 610 -6.75 22.79 -24.64
CA ASP D 610 -6.55 22.47 -26.06
C ASP D 610 -7.41 23.35 -26.98
N LYS D 611 -8.47 23.94 -26.42
CA LYS D 611 -9.35 24.82 -27.19
C LYS D 611 -8.81 26.24 -27.28
N ARG D 612 -7.69 26.53 -26.62
CA ARG D 612 -7.13 27.88 -26.61
C ARG D 612 -5.81 27.95 -27.36
N PRO D 613 -5.79 28.65 -28.50
CA PRO D 613 -4.60 28.76 -29.37
C PRO D 613 -3.48 29.56 -28.74
N TRP D 614 -3.84 30.46 -27.82
CA TRP D 614 -2.87 31.32 -27.14
C TRP D 614 -2.29 30.61 -25.92
N PHE D 615 -2.75 29.39 -25.65
CA PHE D 615 -2.31 28.63 -24.50
C PHE D 615 -1.18 27.69 -24.90
N ILE D 616 0.04 28.03 -24.50
CA ILE D 616 1.25 27.50 -25.11
C ILE D 616 2.03 26.46 -24.31
N GLY D 617 1.45 25.95 -23.23
CA GLY D 617 2.17 24.96 -22.46
C GLY D 617 1.47 24.37 -21.26
N GLU D 618 1.80 23.12 -20.98
CA GLU D 618 1.26 22.44 -19.82
C GLU D 618 2.41 21.84 -19.01
N GLN D 619 2.74 22.52 -17.92
CA GLN D 619 3.68 21.96 -16.95
C GLN D 619 2.89 21.67 -15.68
N LEU D 620 2.78 20.40 -15.35
CA LEU D 620 1.98 20.00 -14.21
C LEU D 620 2.77 19.98 -12.91
N TRP D 621 2.06 19.73 -11.82
CA TRP D 621 2.63 19.54 -10.51
C TRP D 621 2.17 18.18 -10.02
N ASN D 622 3.08 17.25 -9.73
CA ASN D 622 4.53 17.38 -9.86
C ASN D 622 5.07 16.22 -10.69
N PHE D 623 6.34 16.28 -11.07
CA PHE D 623 7.03 15.15 -11.68
C PHE D 623 6.96 13.91 -10.78
N ALA D 624 7.29 14.07 -9.51
CA ALA D 624 7.33 12.95 -8.57
C ALA D 624 6.98 13.39 -7.15
N ASP D 625 6.38 12.50 -6.37
CA ASP D 625 6.08 12.79 -4.97
C ASP D 625 7.35 13.22 -4.24
N PHE D 626 7.22 14.16 -3.30
CA PHE D 626 8.38 14.71 -2.63
C PHE D 626 8.11 15.03 -1.16
N ALA D 627 9.18 15.18 -0.39
CA ALA D 627 9.09 15.38 1.06
C ALA D 627 8.68 16.80 1.44
N THR D 628 7.84 16.90 2.46
CA THR D 628 7.41 18.19 3.00
C THR D 628 7.46 18.20 4.51
N PHE D 629 7.23 19.38 5.07
CA PHE D 629 6.88 19.51 6.48
C PHE D 629 5.60 18.71 6.72
N GLN D 630 5.50 18.05 7.86
CA GLN D 630 4.34 17.20 8.15
C GLN D 630 3.09 18.05 8.43
N GLY D 631 1.92 17.49 8.12
CA GLY D 631 0.66 18.20 8.28
C GLY D 631 -0.52 17.34 7.83
N ILE D 632 -1.73 17.79 8.12
CA ILE D 632 -2.93 16.98 7.88
C ILE D 632 -3.29 16.81 6.40
N ILE D 633 -2.71 17.61 5.51
CA ILE D 633 -2.94 17.44 4.07
C ILE D 633 -1.72 16.83 3.33
N ARG D 634 -0.71 16.41 4.09
CA ARG D 634 0.50 15.86 3.48
C ARG D 634 0.74 14.41 3.92
N VAL D 635 0.36 13.47 3.06
CA VAL D 635 0.47 12.04 3.36
C VAL D 635 1.85 11.50 2.98
N GLU D 636 2.77 11.51 3.94
CA GLU D 636 4.18 11.21 3.70
C GLU D 636 4.71 12.13 2.63
N GLY D 637 4.46 13.42 2.79
CA GLY D 637 4.92 14.43 1.85
C GLY D 637 3.84 14.86 0.88
N ASN D 638 4.27 15.44 -0.23
CA ASN D 638 3.38 15.89 -1.28
C ASN D 638 3.18 14.76 -2.28
N ARG D 639 1.94 14.34 -2.49
CA ARG D 639 1.65 13.19 -3.35
C ARG D 639 1.06 13.57 -4.71
N LYS D 640 1.34 14.78 -5.18
CA LYS D 640 0.86 15.22 -6.49
C LYS D 640 1.74 14.76 -7.66
N GLY D 641 2.80 14.02 -7.35
CA GLY D 641 3.62 13.42 -8.39
C GLY D 641 2.83 12.54 -9.36
N ILE D 642 3.18 12.60 -10.65
CA ILE D 642 2.63 11.62 -11.58
C ILE D 642 3.45 10.34 -11.48
N LEU D 643 4.63 10.48 -10.88
CA LEU D 643 5.42 9.33 -10.43
C LEU D 643 5.49 9.30 -8.91
N THR D 644 5.68 8.11 -8.34
CA THR D 644 5.98 7.98 -6.92
C THR D 644 7.35 8.58 -6.62
N ARG D 645 7.71 8.69 -5.35
CA ARG D 645 9.02 9.21 -4.96
C ARG D 645 10.15 8.32 -5.46
N ASP D 646 9.85 7.04 -5.64
CA ASP D 646 10.79 6.06 -6.20
C ASP D 646 10.70 6.01 -7.72
N ARG D 647 10.06 7.00 -8.32
CA ARG D 647 10.02 7.16 -9.78
C ARG D 647 9.21 6.10 -10.53
N GLN D 648 8.19 5.56 -9.87
CA GLN D 648 7.29 4.62 -10.53
C GLN D 648 6.01 5.31 -11.02
N PRO D 649 5.53 4.91 -12.20
CA PRO D 649 4.43 5.62 -12.86
C PRO D 649 3.04 5.27 -12.35
N LYS D 650 2.30 6.29 -11.91
CA LYS D 650 0.90 6.13 -11.55
C LYS D 650 0.08 6.07 -12.83
N MET D 651 -1.21 5.75 -12.71
CA MET D 651 -2.09 5.64 -13.87
C MET D 651 -2.04 6.90 -14.74
N ALA D 652 -1.99 8.07 -14.10
CA ALA D 652 -1.94 9.34 -14.81
C ALA D 652 -0.68 9.50 -15.68
N ALA D 653 0.45 8.97 -15.20
CA ALA D 653 1.69 9.03 -15.97
C ALA D 653 1.56 8.33 -17.33
N HIS D 654 0.91 7.17 -17.33
CA HIS D 654 0.67 6.42 -18.58
C HIS D 654 -0.22 7.18 -19.54
N TRP D 655 -1.26 7.82 -19.00
CA TRP D 655 -2.19 8.60 -19.81
C TRP D 655 -1.50 9.81 -20.42
N LEU D 656 -0.71 10.49 -19.59
CA LEU D 656 0.04 11.65 -20.03
C LEU D 656 1.08 11.30 -21.08
N ARG D 657 1.69 10.13 -20.90
CA ARG D 657 2.67 9.62 -21.85
C ARG D 657 2.03 9.42 -23.22
N GLU D 658 0.82 8.88 -23.22
CA GLU D 658 0.08 8.64 -24.46
C GLU D 658 -0.34 9.95 -25.13
N ARG D 659 -0.76 10.93 -24.33
CA ARG D 659 -1.15 12.24 -24.84
C ARG D 659 0.03 13.00 -25.43
N TRP D 660 1.11 13.07 -24.67
CA TRP D 660 2.30 13.80 -25.07
C TRP D 660 2.99 13.18 -26.28
N ALA D 661 2.87 11.86 -26.41
CA ALA D 661 3.41 11.18 -27.58
C ALA D 661 2.79 11.73 -28.87
N GLY D 662 1.57 12.21 -28.78
CA GLY D 662 0.86 12.75 -29.94
C GLY D 662 0.94 14.25 -30.10
N ILE D 663 1.74 14.91 -29.27
CA ILE D 663 1.87 16.36 -29.34
C ILE D 663 3.30 16.74 -29.73
N PRO D 664 3.44 17.39 -30.89
CA PRO D 664 4.77 17.77 -31.41
C PRO D 664 5.34 18.96 -30.68
N ASP D 665 6.66 19.04 -30.60
CA ASP D 665 7.35 20.16 -29.98
C ASP D 665 7.02 21.47 -30.68
N TYR D 666 6.95 21.43 -32.01
CA TYR D 666 6.63 22.62 -32.80
C TYR D 666 5.31 22.48 -33.56
N GLY D 667 4.52 23.55 -33.59
CA GLY D 667 3.34 23.59 -34.44
C GLY D 667 2.06 22.95 -33.93
N TYR D 668 2.02 22.58 -32.66
CA TYR D 668 0.79 22.04 -32.07
C TYR D 668 -0.31 23.10 -32.16
N LYS D 669 0.08 24.36 -31.98
CA LYS D 669 -0.87 25.45 -32.06
C LYS D 669 -0.41 26.56 -33.02
#